data_2ZZB
#
_entry.id   2ZZB
#
_cell.length_a   120.947
_cell.length_b   135.165
_cell.length_c   346.037
_cell.angle_alpha   90.00
_cell.angle_beta   90.00
_cell.angle_gamma   90.00
#
_symmetry.space_group_name_H-M   'C 2 2 21'
#
loop_
_entity.id
_entity.type
_entity.pdbx_description
1 polymer 'Thioredoxin reductase 1, cytoplasmic'
2 non-polymer 'FLAVIN-ADENINE DINUCLEOTIDE'
3 non-polymer 'SULFATE ION'
4 non-polymer "2,2':6',2''-TERPYRIDINE PLATINUM(II) Chloride"
5 water water
#
_entity_poly.entity_id   1
_entity_poly.type   'polypeptide(L)'
_entity_poly.pdbx_seq_one_letter_code
;MAHHHHHHVDDDDKMNGPEDLPKSYDYDLIIIGGGSGGLAAAKEAAQYGKKVMVLDFVTPTPLGTRWGLGGTCVNVGCIP
KKLMHQAALLGQALQDSRNYGWKVEETVKHDWDRMIEAVQNHIGSLNWGYRVALREKKVVYENAYGQFIGPHRIKATNNK
GKEKIYSAERFLIATGERPRYLGIPGDKEYCISSDDLFSLPYCPGKTLVVGASYVALECAGFLAGIGLDVTVMVRSILLR
GFDQDMANKIGEHMEEHGIKFIRQFVPIKVEQIEAGTPGRLRVVAQSTNSEEIIEGEYNTVMLAIGRDACTRKIGLETVG
VKINEKTGKIPVTDEEQTNVPYIYAIGDILEDKVELTPVAIQAGRLLAQRLYAGSTVKCDYENVPTTVFTPLEYGACGLS
EEKAVEKFGEENIEVYHSYFWPLEWTIPSRDNNKCYAKIICNTKDNERVVGFHVLGPNAGEVTQGFAAALKCGLTKKQLD
STIGIHPVCAEVFTTLSVTKRSGASILQAGCCG
;
_entity_poly.pdbx_strand_id   A,B,C,D
#
loop_
_chem_comp.id
_chem_comp.type
_chem_comp.name
_chem_comp.formula
FAD non-polymer 'FLAVIN-ADENINE DINUCLEOTIDE' 'C27 H33 N9 O15 P2'
SO4 non-polymer 'SULFATE ION' 'O4 S -2'
TPT non-polymer '2,2':6',2''-TERPYRIDINE PLATINUM(II) Chloride' 'C15 H11 Cl N3 Pt 1'
U RNA linking URIDINE-5'-MONOPHOSPHATE 'C9 H13 N2 O9 P'
#
# COMPACT_ATOMS: atom_id res chain seq x y z
N SER A 24 41.10 -16.55 -14.68
CA SER A 24 42.40 -15.80 -14.55
C SER A 24 42.41 -14.99 -13.23
N TYR A 25 41.84 -13.76 -13.20
CA TYR A 25 41.83 -12.94 -11.96
C TYR A 25 40.70 -13.32 -10.99
N ASP A 26 40.86 -12.89 -9.74
CA ASP A 26 39.88 -13.18 -8.69
C ASP A 26 38.46 -12.75 -9.11
N TYR A 27 38.30 -11.45 -9.42
CA TYR A 27 37.03 -10.86 -9.88
C TYR A 27 37.14 -10.15 -11.24
N ASP A 28 36.01 -9.95 -11.90
CA ASP A 28 36.00 -9.31 -13.21
C ASP A 28 36.07 -7.80 -13.03
N LEU A 29 35.45 -7.34 -11.95
CA LEU A 29 35.43 -5.93 -11.62
C LEU A 29 35.38 -5.68 -10.11
N ILE A 30 36.24 -4.79 -9.63
CA ILE A 30 36.22 -4.50 -8.24
C ILE A 30 35.91 -3.04 -8.12
N ILE A 31 34.98 -2.72 -7.23
CA ILE A 31 34.51 -1.37 -7.00
C ILE A 31 34.95 -0.95 -5.59
N ILE A 32 35.75 0.10 -5.52
CA ILE A 32 36.16 0.59 -4.21
C ILE A 32 35.19 1.71 -3.92
N GLY A 33 34.43 1.53 -2.84
CA GLY A 33 33.46 2.50 -2.40
C GLY A 33 32.06 2.05 -2.78
N GLY A 34 31.26 1.79 -1.74
CA GLY A 34 29.90 1.37 -1.97
C GLY A 34 29.00 2.60 -2.00
N GLY A 35 29.36 3.60 -2.79
CA GLY A 35 28.54 4.77 -2.85
C GLY A 35 27.52 4.80 -3.96
N SER A 36 26.99 5.99 -4.22
CA SER A 36 25.99 6.21 -5.24
C SER A 36 26.41 5.63 -6.54
N GLY A 37 27.38 6.24 -7.20
CA GLY A 37 27.86 5.68 -8.46
C GLY A 37 28.51 4.33 -8.17
N GLY A 38 28.86 4.08 -6.93
CA GLY A 38 29.46 2.80 -6.67
C GLY A 38 28.44 1.73 -6.95
N LEU A 39 27.56 1.53 -5.98
CA LEU A 39 26.52 0.53 -6.05
C LEU A 39 25.78 0.50 -7.37
N ALA A 40 25.78 1.62 -8.10
CA ALA A 40 25.13 1.76 -9.40
C ALA A 40 25.81 0.89 -10.45
N ALA A 41 27.06 1.19 -10.72
CA ALA A 41 27.82 0.41 -11.66
C ALA A 41 27.76 -1.04 -11.20
N ALA A 42 27.98 -1.26 -9.91
CA ALA A 42 27.93 -2.61 -9.36
C ALA A 42 26.75 -3.39 -9.97
N LYS A 43 25.55 -3.01 -9.59
CA LYS A 43 24.35 -3.67 -10.08
C LYS A 43 24.29 -3.73 -11.58
N GLU A 44 24.64 -2.63 -12.23
CA GLU A 44 24.56 -2.60 -13.68
C GLU A 44 25.54 -3.57 -14.27
N ALA A 45 26.72 -3.67 -13.70
CA ALA A 45 27.69 -4.61 -14.22
C ALA A 45 27.23 -6.02 -13.91
N ALA A 46 26.81 -6.27 -12.68
CA ALA A 46 26.34 -7.60 -12.31
C ALA A 46 25.26 -8.13 -13.25
N GLN A 47 24.42 -7.22 -13.71
CA GLN A 47 23.30 -7.48 -14.61
C GLN A 47 23.70 -8.20 -15.91
N TYR A 48 24.93 -7.97 -16.35
CA TYR A 48 25.45 -8.57 -17.57
C TYR A 48 26.39 -9.69 -17.25
N GLY A 49 26.02 -10.48 -16.22
CA GLY A 49 26.77 -11.66 -15.79
C GLY A 49 28.26 -11.59 -15.54
N LYS A 50 28.70 -10.58 -14.81
CA LYS A 50 30.12 -10.45 -14.53
C LYS A 50 30.31 -10.74 -13.06
N LYS A 51 31.56 -11.01 -12.67
CA LYS A 51 31.94 -11.30 -11.27
C LYS A 51 32.31 -9.95 -10.69
N VAL A 52 31.55 -9.47 -9.70
CA VAL A 52 31.84 -8.16 -9.13
C VAL A 52 31.93 -8.11 -7.63
N MET A 53 32.85 -7.29 -7.14
CA MET A 53 33.04 -7.17 -5.73
C MET A 53 33.10 -5.68 -5.37
N VAL A 54 32.26 -5.28 -4.43
CA VAL A 54 32.21 -3.90 -3.99
C VAL A 54 32.72 -3.82 -2.58
N LEU A 55 33.76 -3.04 -2.41
CA LEU A 55 34.22 -2.90 -1.07
C LEU A 55 33.90 -1.51 -0.64
N ASP A 56 33.27 -1.41 0.53
CA ASP A 56 32.92 -0.14 1.09
C ASP A 56 33.24 -0.10 2.58
N PHE A 57 33.92 0.95 3.00
CA PHE A 57 34.28 1.07 4.38
C PHE A 57 34.16 2.54 4.75
N VAL A 58 33.55 2.82 5.90
CA VAL A 58 33.38 4.22 6.28
C VAL A 58 34.28 4.54 7.45
N THR A 59 35.31 5.35 7.19
CA THR A 59 36.23 5.76 8.25
C THR A 59 35.50 6.74 9.18
N PRO A 60 35.53 6.46 10.47
CA PRO A 60 34.83 7.38 11.35
C PRO A 60 35.16 8.87 11.35
N THR A 61 34.25 9.65 11.93
CA THR A 61 34.47 11.08 12.03
C THR A 61 35.16 11.35 13.33
N PRO A 62 35.97 12.41 13.38
CA PRO A 62 36.70 12.81 14.57
C PRO A 62 35.92 12.61 15.85
N LEU A 63 34.64 12.95 15.86
CA LEU A 63 33.85 12.76 17.07
C LEU A 63 33.46 11.31 17.16
N GLY A 64 33.82 10.57 16.12
CA GLY A 64 33.60 9.13 16.03
C GLY A 64 32.29 8.62 15.50
N THR A 65 31.76 9.27 14.49
CA THR A 65 30.49 8.87 13.92
C THR A 65 30.68 7.87 12.78
N ARG A 66 29.83 6.84 12.73
CA ARG A 66 29.89 5.82 11.67
C ARG A 66 28.48 5.67 11.06
N TRP A 67 28.39 4.93 9.95
CA TRP A 67 27.11 4.62 9.28
C TRP A 67 27.25 3.46 8.24
N GLY A 68 26.10 2.92 7.82
CA GLY A 68 26.08 1.79 6.90
C GLY A 68 26.33 1.93 5.40
N LEU A 69 26.06 0.83 4.73
CA LEU A 69 26.24 0.82 3.29
C LEU A 69 25.34 1.85 2.59
N GLY A 70 25.82 2.42 1.51
CA GLY A 70 24.93 3.34 0.86
C GLY A 70 25.64 4.46 0.22
N GLY A 71 26.41 5.21 1.02
CA GLY A 71 27.11 6.36 0.45
C GLY A 71 26.77 7.65 1.19
N THR A 72 27.34 8.77 0.73
CA THR A 72 27.10 10.06 1.38
C THR A 72 25.63 10.46 1.31
N CYS A 73 25.09 10.48 0.09
CA CYS A 73 23.70 10.80 -0.18
C CYS A 73 22.71 10.11 0.76
N VAL A 74 22.88 8.82 0.94
CA VAL A 74 21.99 8.03 1.78
C VAL A 74 22.13 8.26 3.28
N ASN A 75 23.35 8.54 3.73
CA ASN A 75 23.61 8.59 5.15
C ASN A 75 23.91 9.94 5.79
N VAL A 76 24.43 10.84 4.98
CA VAL A 76 24.80 12.13 5.48
C VAL A 76 24.62 13.17 4.37
N GLY A 77 23.79 12.86 3.39
CA GLY A 77 23.56 13.80 2.31
C GLY A 77 22.13 14.10 1.95
N CYS A 78 21.84 13.97 0.65
CA CYS A 78 20.52 14.19 0.04
C CYS A 78 19.37 13.74 0.88
N ILE A 79 19.32 12.43 1.11
CA ILE A 79 18.25 11.84 1.88
C ILE A 79 17.99 12.54 3.19
N PRO A 80 19.00 12.53 4.10
CA PRO A 80 18.90 13.16 5.43
C PRO A 80 18.62 14.67 5.30
N LYS A 81 19.39 15.35 4.45
CA LYS A 81 19.21 16.75 4.16
C LYS A 81 17.75 17.06 3.78
N LYS A 82 17.30 16.48 2.69
CA LYS A 82 15.95 16.74 2.25
C LYS A 82 14.91 16.42 3.26
N LEU A 83 15.04 15.35 4.01
CA LEU A 83 14.02 15.03 4.99
C LEU A 83 13.91 16.06 6.07
N MET A 84 15.04 16.54 6.55
CA MET A 84 15.02 17.52 7.61
C MET A 84 14.42 18.82 7.11
N HIS A 85 14.67 19.10 5.83
CA HIS A 85 14.12 20.25 5.13
C HIS A 85 12.61 20.09 5.18
N GLN A 86 12.16 18.85 5.16
CA GLN A 86 10.76 18.60 5.20
C GLN A 86 10.23 19.02 6.52
N ALA A 87 10.81 18.53 7.58
CA ALA A 87 10.33 18.91 8.89
C ALA A 87 10.26 20.40 9.05
N ALA A 88 11.16 21.11 8.38
CA ALA A 88 11.18 22.58 8.45
C ALA A 88 10.07 23.17 7.61
N LEU A 89 9.70 22.49 6.55
CA LEU A 89 8.65 22.98 5.69
C LEU A 89 7.35 22.70 6.34
N LEU A 90 7.22 21.54 6.98
CA LEU A 90 5.98 21.17 7.66
C LEU A 90 5.75 22.18 8.74
N GLY A 91 6.82 22.69 9.35
CA GLY A 91 6.69 23.70 10.38
C GLY A 91 5.79 24.78 9.85
N GLN A 92 6.20 25.41 8.77
CA GLN A 92 5.38 26.44 8.17
C GLN A 92 3.98 25.95 7.84
N ALA A 93 3.87 24.78 7.25
CA ALA A 93 2.57 24.26 6.87
C ALA A 93 1.66 24.27 8.09
N LEU A 94 2.24 24.13 9.28
CA LEU A 94 1.42 24.12 10.48
C LEU A 94 0.95 25.54 10.69
N GLN A 95 1.79 26.49 10.34
CA GLN A 95 1.45 27.88 10.50
C GLN A 95 0.58 28.44 9.38
N ASP A 96 0.48 27.72 8.28
CA ASP A 96 -0.34 28.20 7.20
C ASP A 96 -1.66 27.63 7.49
N SER A 97 -1.66 26.37 7.88
CA SER A 97 -2.87 25.64 8.17
C SER A 97 -3.92 26.37 8.95
N ARG A 98 -3.48 27.39 9.68
CA ARG A 98 -4.36 28.21 10.52
C ARG A 98 -5.37 29.00 9.72
N ASN A 99 -4.86 29.78 8.79
CA ASN A 99 -5.75 30.59 7.98
C ASN A 99 -6.61 29.76 7.07
N TYR A 100 -6.23 28.53 6.80
CA TYR A 100 -7.05 27.75 5.93
C TYR A 100 -8.19 27.15 6.72
N GLY A 101 -8.23 27.50 7.99
CA GLY A 101 -9.31 27.02 8.84
C GLY A 101 -9.11 25.96 9.88
N TRP A 102 -7.90 25.40 9.91
CA TRP A 102 -7.52 24.36 10.86
C TRP A 102 -7.24 25.04 12.13
N LYS A 103 -7.78 24.46 13.20
CA LYS A 103 -7.60 25.01 14.54
C LYS A 103 -6.36 24.41 15.15
N VAL A 104 -5.25 25.11 14.97
CA VAL A 104 -3.97 24.69 15.45
C VAL A 104 -3.42 25.74 16.42
N GLU A 105 -2.52 25.34 17.33
CA GLU A 105 -1.95 26.29 18.29
C GLU A 105 -1.08 27.34 17.62
N GLU A 106 -0.97 28.52 18.22
CA GLU A 106 -0.19 29.61 17.63
C GLU A 106 1.24 29.20 17.37
N THR A 107 1.78 28.43 18.32
CA THR A 107 3.15 27.90 18.28
C THR A 107 3.17 26.41 18.71
N VAL A 108 3.67 25.54 17.82
CA VAL A 108 3.77 24.12 18.08
C VAL A 108 5.21 23.84 18.48
N LYS A 109 5.46 22.80 19.24
CA LYS A 109 6.83 22.54 19.59
C LYS A 109 7.42 21.40 18.75
N HIS A 110 8.74 21.35 18.68
CA HIS A 110 9.40 20.33 17.89
C HIS A 110 10.35 19.52 18.72
N ASP A 111 10.22 18.19 18.59
CA ASP A 111 11.04 17.22 19.33
C ASP A 111 12.15 16.68 18.46
N TRP A 112 13.32 17.31 18.56
CA TRP A 112 14.47 16.88 17.78
C TRP A 112 14.76 15.38 17.88
N ASP A 113 14.83 14.87 19.09
CA ASP A 113 15.14 13.47 19.18
C ASP A 113 14.20 12.56 18.50
N ARG A 114 12.97 13.02 18.31
CA ARG A 114 12.01 12.17 17.62
C ARG A 114 12.23 12.21 16.17
N MET A 115 12.68 13.36 15.68
CA MET A 115 12.94 13.55 14.27
C MET A 115 14.11 12.72 13.83
N ILE A 116 15.26 13.03 14.43
CA ILE A 116 16.50 12.34 14.14
C ILE A 116 16.24 10.86 14.08
N GLU A 117 15.74 10.32 15.18
CA GLU A 117 15.41 8.93 15.21
C GLU A 117 14.69 8.48 13.93
N ALA A 118 13.56 9.11 13.58
CA ALA A 118 12.83 8.75 12.40
C ALA A 118 13.73 8.76 11.18
N VAL A 119 14.48 9.84 11.01
CA VAL A 119 15.36 9.93 9.87
C VAL A 119 16.27 8.74 9.77
N GLN A 120 16.95 8.48 10.89
CA GLN A 120 17.90 7.36 10.97
C GLN A 120 17.20 6.05 10.64
N ASN A 121 16.05 5.79 11.28
CA ASN A 121 15.27 4.59 10.97
C ASN A 121 15.11 4.37 9.45
N HIS A 122 14.93 5.45 8.70
CA HIS A 122 14.81 5.31 7.27
C HIS A 122 16.13 5.00 6.65
N ILE A 123 17.16 5.76 7.00
CA ILE A 123 18.47 5.48 6.44
C ILE A 123 18.81 4.04 6.68
N GLY A 124 18.48 3.56 7.87
CA GLY A 124 18.72 2.16 8.18
C GLY A 124 18.17 1.28 7.05
N SER A 125 16.85 1.34 6.86
CA SER A 125 16.20 0.58 5.79
C SER A 125 16.93 0.78 4.47
N LEU A 126 17.33 1.99 4.19
CA LEU A 126 18.05 2.18 2.95
C LEU A 126 19.32 1.31 2.98
N ASN A 127 20.00 1.30 4.12
CA ASN A 127 21.23 0.53 4.29
C ASN A 127 20.96 -0.93 3.95
N TRP A 128 20.21 -1.57 4.84
CA TRP A 128 19.83 -2.96 4.65
C TRP A 128 19.28 -3.23 3.24
N GLY A 129 18.63 -2.25 2.65
CA GLY A 129 18.08 -2.48 1.34
C GLY A 129 19.19 -2.70 0.35
N TYR A 130 20.10 -1.76 0.33
CA TYR A 130 21.20 -1.82 -0.61
C TYR A 130 21.97 -3.10 -0.50
N ARG A 131 22.14 -3.55 0.75
CA ARG A 131 22.85 -4.79 1.11
C ARG A 131 22.19 -5.91 0.30
N VAL A 132 20.92 -6.14 0.61
CA VAL A 132 20.12 -7.16 -0.10
C VAL A 132 20.28 -6.93 -1.60
N ALA A 133 20.06 -5.71 -2.02
CA ALA A 133 20.21 -5.38 -3.43
C ALA A 133 21.49 -5.98 -4.03
N LEU A 134 22.60 -5.96 -3.30
CA LEU A 134 23.81 -6.51 -3.87
C LEU A 134 23.73 -8.01 -3.79
N ARG A 135 23.29 -8.52 -2.65
CA ARG A 135 23.17 -9.97 -2.47
C ARG A 135 22.45 -10.59 -3.67
N GLU A 136 21.19 -10.18 -3.83
CA GLU A 136 20.31 -10.65 -4.90
C GLU A 136 20.86 -10.63 -6.29
N LYS A 137 21.63 -9.59 -6.63
CA LYS A 137 22.21 -9.46 -7.97
C LYS A 137 23.51 -10.19 -8.11
N LYS A 138 23.78 -11.02 -7.10
CA LYS A 138 24.99 -11.85 -7.08
C LYS A 138 26.23 -10.98 -7.23
N VAL A 139 26.42 -10.12 -6.24
CA VAL A 139 27.56 -9.25 -6.20
C VAL A 139 28.10 -9.46 -4.80
N VAL A 140 29.42 -9.46 -4.65
CA VAL A 140 30.03 -9.67 -3.35
C VAL A 140 30.35 -8.36 -2.69
N TYR A 141 29.87 -8.20 -1.47
CA TYR A 141 30.13 -6.97 -0.74
C TYR A 141 31.04 -7.30 0.40
N GLU A 142 32.08 -6.48 0.54
CA GLU A 142 33.07 -6.64 1.58
C GLU A 142 33.15 -5.34 2.32
N ASN A 143 32.85 -5.39 3.61
CA ASN A 143 32.90 -4.18 4.43
C ASN A 143 34.36 -3.84 4.81
N ALA A 144 35.11 -3.37 3.83
CA ALA A 144 36.47 -3.08 4.13
C ALA A 144 37.09 -1.98 3.30
N TYR A 145 38.11 -1.37 3.89
CA TYR A 145 38.83 -0.30 3.26
C TYR A 145 39.71 -0.86 2.19
N GLY A 146 39.76 -0.27 1.01
CA GLY A 146 40.57 -0.83 -0.02
C GLY A 146 41.66 0.09 -0.47
N GLN A 147 42.82 -0.47 -0.77
CA GLN A 147 43.98 0.27 -1.26
C GLN A 147 44.71 -0.61 -2.23
N PHE A 148 45.25 0.02 -3.28
CA PHE A 148 46.01 -0.69 -4.30
C PHE A 148 47.41 -0.96 -3.80
N ILE A 149 47.90 -2.15 -4.07
CA ILE A 149 49.24 -2.48 -3.62
C ILE A 149 50.16 -2.61 -4.83
N GLY A 150 49.60 -3.00 -5.96
CA GLY A 150 50.38 -3.14 -7.16
C GLY A 150 49.42 -3.45 -8.27
N PRO A 151 49.85 -3.39 -9.55
CA PRO A 151 48.96 -3.70 -10.68
C PRO A 151 47.94 -4.83 -10.41
N HIS A 152 46.70 -4.58 -10.82
CA HIS A 152 45.57 -5.51 -10.67
C HIS A 152 45.38 -6.16 -9.30
N ARG A 153 46.03 -5.62 -8.28
CA ARG A 153 45.91 -6.19 -6.92
C ARG A 153 45.55 -5.12 -5.90
N ILE A 154 44.65 -5.47 -4.98
CA ILE A 154 44.18 -4.53 -3.97
C ILE A 154 44.18 -5.10 -2.58
N LYS A 155 44.45 -4.24 -1.60
CA LYS A 155 44.51 -4.66 -0.20
C LYS A 155 43.26 -4.25 0.56
N ALA A 156 42.48 -5.24 0.97
CA ALA A 156 41.26 -4.97 1.71
C ALA A 156 41.45 -5.21 3.20
N THR A 157 41.26 -4.16 3.99
CA THR A 157 41.44 -4.22 5.43
C THR A 157 40.10 -4.09 6.10
N ASN A 158 39.76 -5.04 6.95
CA ASN A 158 38.46 -4.97 7.64
C ASN A 158 38.53 -4.12 8.91
N ASN A 159 37.44 -4.13 9.67
CA ASN A 159 37.40 -3.31 10.87
C ASN A 159 38.24 -3.85 11.99
N LYS A 160 38.21 -5.16 12.18
CA LYS A 160 39.00 -5.76 13.26
C LYS A 160 40.53 -5.75 12.93
N GLY A 161 40.89 -5.42 11.69
CA GLY A 161 42.28 -5.34 11.32
C GLY A 161 42.78 -6.37 10.32
N LYS A 162 42.13 -7.53 10.32
CA LYS A 162 42.50 -8.61 9.40
C LYS A 162 42.47 -8.18 7.94
N GLU A 163 43.58 -8.33 7.22
CA GLU A 163 43.63 -7.92 5.80
C GLU A 163 43.25 -9.05 4.85
N LYS A 164 43.37 -8.78 3.54
CA LYS A 164 43.07 -9.77 2.49
C LYS A 164 43.35 -9.14 1.12
N ILE A 165 43.82 -9.94 0.16
CA ILE A 165 44.13 -9.43 -1.16
C ILE A 165 43.24 -10.01 -2.23
N TYR A 166 42.91 -9.18 -3.21
CA TYR A 166 42.05 -9.60 -4.30
C TYR A 166 42.66 -9.03 -5.57
N SER A 167 42.23 -9.56 -6.72
CA SER A 167 42.70 -9.07 -8.01
C SER A 167 41.53 -9.05 -9.00
N ALA A 168 41.56 -8.13 -9.96
CA ALA A 168 40.49 -8.08 -10.94
C ALA A 168 40.98 -7.51 -12.26
N GLU A 169 40.26 -7.83 -13.32
CA GLU A 169 40.61 -7.42 -14.67
C GLU A 169 40.53 -5.92 -14.84
N ARG A 170 39.57 -5.31 -14.13
CA ARG A 170 39.33 -3.86 -14.14
C ARG A 170 38.88 -3.33 -12.76
N PHE A 171 39.17 -2.05 -12.51
CA PHE A 171 38.79 -1.42 -11.25
C PHE A 171 38.03 -0.11 -11.37
N LEU A 172 37.08 0.06 -10.44
CA LEU A 172 36.29 1.28 -10.37
C LEU A 172 36.52 1.99 -9.04
N ILE A 173 36.97 3.24 -9.15
CA ILE A 173 37.21 4.11 -8.01
C ILE A 173 35.96 5.02 -7.79
N ALA A 174 35.22 4.76 -6.71
CA ALA A 174 34.02 5.49 -6.37
C ALA A 174 34.05 5.87 -4.92
N THR A 175 35.23 6.21 -4.45
CA THR A 175 35.46 6.55 -3.05
C THR A 175 34.78 7.84 -2.57
N GLY A 176 34.61 8.78 -3.48
CA GLY A 176 33.97 10.00 -3.04
C GLY A 176 34.85 10.81 -2.07
N GLU A 177 34.30 11.92 -1.59
CA GLU A 177 34.97 12.87 -0.72
C GLU A 177 34.43 12.87 0.69
N ARG A 178 34.94 13.81 1.49
CA ARG A 178 34.56 14.00 2.90
C ARG A 178 34.63 15.47 3.31
N PRO A 179 33.92 15.88 4.38
CA PRO A 179 33.90 17.26 4.87
C PRO A 179 35.31 17.77 5.17
N ARG A 180 35.59 18.98 4.72
CA ARG A 180 36.89 19.60 4.90
C ARG A 180 36.85 20.48 6.15
N TYR A 181 37.95 20.44 6.94
CA TYR A 181 38.05 21.22 8.15
C TYR A 181 38.94 22.45 7.97
N LEU A 182 38.85 23.36 8.94
CA LEU A 182 39.61 24.59 8.87
C LEU A 182 41.11 24.53 9.15
N GLY A 183 41.51 23.80 10.20
CA GLY A 183 42.92 23.72 10.47
C GLY A 183 43.19 24.78 11.51
N ILE A 184 42.18 24.94 12.36
CA ILE A 184 42.29 25.91 13.40
C ILE A 184 42.03 25.28 14.75
N PRO A 185 42.55 25.90 15.81
CA PRO A 185 42.36 25.38 17.17
C PRO A 185 40.91 25.06 17.49
N GLY A 186 40.62 23.83 17.88
CA GLY A 186 39.27 23.48 18.29
C GLY A 186 38.30 22.84 17.30
N ASP A 187 38.60 22.94 16.02
CA ASP A 187 37.66 22.37 15.12
C ASP A 187 37.47 20.90 15.41
N LYS A 188 38.15 20.03 14.66
CA LYS A 188 38.04 18.57 14.82
C LYS A 188 37.67 18.14 16.24
N GLU A 189 38.10 18.93 17.21
CA GLU A 189 37.84 18.59 18.60
C GLU A 189 36.48 19.02 19.13
N TYR A 190 35.96 20.20 18.72
CA TYR A 190 34.64 20.67 19.22
C TYR A 190 33.55 20.85 18.12
N CYS A 191 33.97 21.12 16.88
CA CYS A 191 33.04 21.31 15.79
C CYS A 191 32.55 20.06 15.10
N ILE A 192 31.32 20.15 14.60
CA ILE A 192 30.73 19.03 13.89
C ILE A 192 30.57 19.38 12.46
N SER A 193 30.53 18.34 11.64
CA SER A 193 30.34 18.49 10.21
C SER A 193 29.04 17.82 9.72
N SER A 194 28.70 18.07 8.46
CA SER A 194 27.54 17.47 7.89
C SER A 194 27.41 16.01 8.28
N ASP A 195 28.54 15.29 8.51
CA ASP A 195 28.49 13.84 8.85
C ASP A 195 27.96 13.64 10.24
N ASP A 196 28.33 14.51 11.13
CA ASP A 196 27.89 14.33 12.49
C ASP A 196 26.44 14.69 12.73
N LEU A 197 25.98 15.72 12.02
CA LEU A 197 24.63 16.27 12.16
C LEU A 197 23.41 15.37 12.00
N PHE A 198 23.29 14.73 10.86
CA PHE A 198 22.14 13.88 10.66
C PHE A 198 21.93 12.76 11.67
N SER A 199 22.81 12.65 12.64
CA SER A 199 22.67 11.60 13.65
C SER A 199 22.92 12.15 15.04
N LEU A 200 23.37 13.41 15.09
CA LEU A 200 23.66 14.10 16.33
C LEU A 200 22.51 13.74 17.31
N PRO A 201 22.83 13.45 18.58
CA PRO A 201 21.69 13.12 19.42
C PRO A 201 21.30 14.15 20.48
N TYR A 202 21.16 15.41 20.07
CA TYR A 202 20.74 16.46 20.99
C TYR A 202 20.45 17.87 20.33
N CYS A 203 19.28 18.49 20.62
CA CYS A 203 18.87 19.84 20.10
C CYS A 203 20.22 20.52 20.05
N PRO A 204 20.71 20.78 18.86
CA PRO A 204 22.02 21.43 18.80
C PRO A 204 21.96 22.80 19.43
N GLY A 205 20.75 23.23 19.77
CA GLY A 205 20.58 24.54 20.37
C GLY A 205 21.22 25.65 19.53
N LYS A 206 21.42 26.84 20.12
CA LYS A 206 22.00 27.92 19.34
C LYS A 206 23.12 27.34 18.51
N THR A 207 23.03 27.47 17.20
CA THR A 207 24.08 26.93 16.39
C THR A 207 24.77 27.96 15.56
N LEU A 208 25.89 27.60 14.98
CA LEU A 208 26.61 28.53 14.11
C LEU A 208 27.02 27.74 12.90
N VAL A 209 26.84 28.26 11.70
CA VAL A 209 27.22 27.51 10.51
C VAL A 209 28.37 28.25 9.81
N VAL A 210 29.56 27.66 9.79
CA VAL A 210 30.64 28.37 9.12
C VAL A 210 30.74 27.94 7.66
N GLY A 211 30.46 28.87 6.74
CA GLY A 211 30.52 28.58 5.31
C GLY A 211 29.33 29.11 4.51
N ALA A 212 29.44 29.18 3.19
CA ALA A 212 28.33 29.67 2.42
C ALA A 212 28.02 28.71 1.32
N SER A 213 28.16 27.43 1.60
CA SER A 213 27.90 26.41 0.59
C SER A 213 26.42 26.02 0.58
N TYR A 214 26.04 25.26 -0.42
CA TYR A 214 24.69 24.83 -0.45
C TYR A 214 24.50 24.06 0.83
N VAL A 215 25.40 23.15 1.14
CA VAL A 215 25.21 22.40 2.38
C VAL A 215 25.04 23.30 3.59
N ALA A 216 25.83 24.37 3.67
CA ALA A 216 25.78 25.35 4.79
C ALA A 216 24.43 25.93 4.89
N LEU A 217 24.06 26.58 3.79
CA LEU A 217 22.78 27.21 3.67
C LEU A 217 21.58 26.26 3.87
N GLU A 218 21.52 25.11 3.21
CA GLU A 218 20.38 24.20 3.43
C GLU A 218 20.22 23.76 4.93
N CYS A 219 21.38 23.56 5.58
CA CYS A 219 21.45 23.14 6.98
C CYS A 219 21.12 24.31 7.86
N ALA A 220 21.75 25.45 7.60
CA ALA A 220 21.44 26.62 8.40
C ALA A 220 19.92 26.69 8.33
N GLY A 221 19.51 26.47 7.07
CA GLY A 221 18.13 26.44 6.59
C GLY A 221 17.18 25.61 7.42
N PHE A 222 17.32 24.30 7.41
CA PHE A 222 16.35 23.59 8.19
C PHE A 222 16.42 23.72 9.69
N LEU A 223 17.61 23.96 10.22
CA LEU A 223 17.81 24.14 11.66
C LEU A 223 16.97 25.30 12.09
N ALA A 224 17.20 26.46 11.47
CA ALA A 224 16.41 27.66 11.73
C ALA A 224 14.91 27.29 11.68
N GLY A 225 14.53 26.56 10.63
CA GLY A 225 13.16 26.14 10.42
C GLY A 225 12.59 25.25 11.51
N ILE A 226 13.43 24.76 12.41
CA ILE A 226 12.95 23.90 13.48
C ILE A 226 12.85 24.79 14.69
N GLY A 227 13.36 26.01 14.57
CA GLY A 227 13.30 26.93 15.68
C GLY A 227 14.61 27.28 16.35
N LEU A 228 15.67 26.53 16.08
CA LEU A 228 16.97 26.77 16.69
C LEU A 228 17.53 28.14 16.35
N ASP A 229 18.22 28.80 17.29
CA ASP A 229 18.81 30.12 17.00
C ASP A 229 19.95 29.90 16.02
N VAL A 230 19.90 30.45 14.81
CA VAL A 230 20.99 30.18 13.89
C VAL A 230 21.79 31.31 13.26
N THR A 231 23.11 31.14 13.27
CA THR A 231 23.96 32.16 12.71
C THR A 231 24.85 31.58 11.65
N VAL A 232 25.15 32.38 10.64
CA VAL A 232 26.00 31.97 9.53
C VAL A 232 27.28 32.82 9.29
N MET A 233 28.45 32.20 9.34
CA MET A 233 29.63 32.98 9.10
C MET A 233 30.16 32.79 7.71
N VAL A 234 30.22 33.86 6.95
CA VAL A 234 30.66 33.81 5.55
C VAL A 234 32.01 34.40 5.23
N ARG A 235 32.88 33.63 4.60
CA ARG A 235 34.15 34.23 4.22
C ARG A 235 33.87 35.33 3.22
N SER A 236 33.52 34.93 1.98
CA SER A 236 33.23 35.89 0.91
C SER A 236 31.78 35.92 0.51
N ILE A 237 31.53 35.38 -0.70
CA ILE A 237 30.22 35.31 -1.35
C ILE A 237 29.39 34.06 -0.99
N LEU A 238 28.11 34.10 -1.37
CA LEU A 238 27.18 33.01 -1.12
C LEU A 238 27.14 32.12 -2.34
N LEU A 239 27.07 30.81 -2.12
CA LEU A 239 27.04 29.87 -3.23
C LEU A 239 27.98 30.18 -4.39
N ARG A 240 29.30 30.14 -4.15
CA ARG A 240 30.25 30.49 -5.22
C ARG A 240 30.08 29.46 -6.31
N GLY A 241 30.00 29.94 -7.55
CA GLY A 241 29.78 29.05 -8.67
C GLY A 241 28.34 29.08 -9.20
N PHE A 242 27.41 29.56 -8.38
CA PHE A 242 26.00 29.68 -8.75
C PHE A 242 25.71 31.09 -9.21
N ASP A 243 24.61 31.26 -9.93
CA ASP A 243 24.24 32.59 -10.39
C ASP A 243 24.34 33.43 -9.13
N GLN A 244 25.15 34.45 -9.15
CA GLN A 244 25.25 35.20 -7.92
C GLN A 244 23.98 35.92 -7.64
N ASP A 245 23.29 36.42 -8.67
CA ASP A 245 22.06 37.14 -8.36
C ASP A 245 21.08 36.24 -7.61
N MET A 246 20.86 35.05 -8.13
CA MET A 246 19.99 34.14 -7.45
C MET A 246 20.45 33.94 -6.01
N ALA A 247 21.74 33.78 -5.82
CA ALA A 247 22.31 33.53 -4.49
C ALA A 247 21.94 34.61 -3.47
N ASN A 248 22.28 35.84 -3.83
CA ASN A 248 21.99 36.97 -2.96
C ASN A 248 20.54 36.87 -2.50
N LYS A 249 19.60 36.66 -3.44
CA LYS A 249 18.15 36.54 -3.16
C LYS A 249 17.84 35.47 -2.12
N ILE A 250 18.62 34.38 -2.19
CA ILE A 250 18.43 33.29 -1.25
C ILE A 250 18.86 33.82 0.06
N GLY A 251 19.97 34.51 0.05
CA GLY A 251 20.41 35.04 1.31
C GLY A 251 19.42 36.03 1.87
N GLU A 252 19.08 36.99 1.04
CA GLU A 252 18.15 37.98 1.50
C GLU A 252 16.93 37.29 2.11
N HIS A 253 16.47 36.20 1.51
CA HIS A 253 15.28 35.57 2.07
C HIS A 253 15.57 34.96 3.39
N MET A 254 16.76 34.36 3.46
CA MET A 254 17.27 33.69 4.64
C MET A 254 17.31 34.68 5.74
N GLU A 255 17.90 35.84 5.50
CA GLU A 255 17.99 36.83 6.56
C GLU A 255 16.64 37.25 7.08
N GLU A 256 15.75 37.62 6.16
CA GLU A 256 14.41 38.06 6.48
C GLU A 256 13.57 37.06 7.27
N HIS A 257 13.89 35.76 7.21
CA HIS A 257 13.15 34.76 7.98
C HIS A 257 13.88 34.11 9.15
N GLY A 258 14.66 34.92 9.86
CA GLY A 258 15.33 34.44 11.06
C GLY A 258 16.82 34.15 11.14
N ILE A 259 17.39 33.67 10.06
CA ILE A 259 18.79 33.32 10.04
C ILE A 259 19.64 34.57 10.13
N LYS A 260 20.71 34.50 10.94
CA LYS A 260 21.62 35.62 11.16
C LYS A 260 22.92 35.46 10.39
N PHE A 261 23.38 36.53 9.76
CA PHE A 261 24.59 36.45 8.95
C PHE A 261 25.70 37.39 9.39
N ILE A 262 26.93 36.90 9.37
CA ILE A 262 28.11 37.68 9.72
C ILE A 262 28.98 37.55 8.49
N ARG A 263 29.23 38.65 7.81
CA ARG A 263 29.99 38.56 6.58
C ARG A 263 31.45 38.91 6.65
N GLN A 264 32.26 38.17 5.92
CA GLN A 264 33.72 38.40 5.88
C GLN A 264 34.39 38.17 7.24
N PHE A 265 34.25 36.95 7.72
CA PHE A 265 34.77 36.52 9.00
C PHE A 265 34.97 35.02 8.96
N VAL A 266 36.19 34.57 9.22
CA VAL A 266 36.48 33.13 9.28
C VAL A 266 36.85 32.88 10.72
N PRO A 267 36.42 31.78 11.32
CA PRO A 267 36.86 31.66 12.71
C PRO A 267 38.40 31.37 12.84
N ILE A 268 38.98 31.63 14.02
CA ILE A 268 40.39 31.29 14.19
C ILE A 268 40.59 30.34 15.36
N LYS A 269 39.58 30.22 16.23
CA LYS A 269 39.68 29.29 17.34
C LYS A 269 38.30 29.02 17.91
N VAL A 270 38.10 27.77 18.30
CA VAL A 270 36.85 27.31 18.94
C VAL A 270 37.22 26.69 20.27
N GLU A 271 36.72 27.31 21.33
CA GLU A 271 37.02 26.90 22.69
C GLU A 271 35.87 26.43 23.54
N GLN A 272 35.97 25.20 24.03
CA GLN A 272 34.92 24.64 24.84
C GLN A 272 34.70 25.34 26.18
N ILE A 273 33.66 26.11 26.29
CA ILE A 273 33.43 26.80 27.53
C ILE A 273 32.72 25.87 28.50
N GLU A 274 32.42 24.66 28.03
CA GLU A 274 31.74 23.67 28.86
C GLU A 274 31.28 22.53 27.99
N ALA A 275 31.33 21.30 28.48
CA ALA A 275 30.92 20.19 27.66
C ALA A 275 29.50 19.89 28.06
N GLY A 276 28.83 19.12 27.20
CA GLY A 276 27.44 18.74 27.43
C GLY A 276 26.69 18.38 26.15
N THR A 277 25.43 17.99 26.28
CA THR A 277 24.67 17.65 25.09
C THR A 277 23.51 18.62 24.88
N PRO A 278 23.82 19.83 24.36
CA PRO A 278 25.16 20.28 23.98
C PRO A 278 25.90 21.05 25.04
N GLY A 279 27.08 21.51 24.68
CA GLY A 279 27.84 22.31 25.60
C GLY A 279 27.67 23.79 25.28
N ARG A 280 28.68 24.58 25.55
CA ARG A 280 28.67 26.01 25.26
C ARG A 280 30.02 26.13 24.60
N LEU A 281 30.19 26.98 23.60
CA LEU A 281 31.50 27.10 22.96
C LEU A 281 31.76 28.51 22.58
N ARG A 282 33.01 28.94 22.60
CA ARG A 282 33.39 30.30 22.24
C ARG A 282 34.07 30.29 20.90
N VAL A 283 33.55 31.04 19.94
CA VAL A 283 34.19 31.07 18.64
C VAL A 283 34.78 32.42 18.35
N VAL A 284 36.05 32.38 18.09
CA VAL A 284 36.70 33.65 17.80
C VAL A 284 36.91 33.79 16.31
N ALA A 285 36.65 34.99 15.82
CA ALA A 285 36.86 35.18 14.41
C ALA A 285 37.56 36.47 13.98
N GLN A 286 38.27 36.33 12.88
CA GLN A 286 39.03 37.42 12.27
C GLN A 286 38.45 37.79 10.96
N SER A 287 38.03 39.04 10.86
CA SER A 287 37.50 39.59 9.64
C SER A 287 38.50 39.38 8.49
N THR A 288 37.99 39.42 7.27
CA THR A 288 38.80 39.20 6.10
C THR A 288 39.31 40.48 5.46
N ASN A 289 38.88 41.62 5.97
CA ASN A 289 39.35 42.85 5.36
C ASN A 289 39.96 43.82 6.36
N SER A 290 39.93 43.46 7.63
CA SER A 290 40.52 44.30 8.66
C SER A 290 41.16 43.46 9.77
N GLU A 291 41.63 44.13 10.80
CA GLU A 291 42.30 43.46 11.91
C GLU A 291 41.30 43.11 13.00
N GLU A 292 40.02 43.44 12.77
CA GLU A 292 38.97 43.19 13.76
C GLU A 292 38.85 41.72 14.15
N ILE A 293 38.40 41.47 15.37
CA ILE A 293 38.31 40.11 15.86
C ILE A 293 37.05 40.12 16.69
N ILE A 294 36.24 39.07 16.60
CA ILE A 294 34.99 39.01 17.39
C ILE A 294 34.79 37.70 18.12
N GLU A 295 33.96 37.72 19.14
CA GLU A 295 33.74 36.49 19.87
C GLU A 295 32.31 36.19 20.27
N GLY A 296 31.91 34.95 20.11
CA GLY A 296 30.57 34.60 20.48
C GLY A 296 30.50 33.20 21.03
N GLU A 297 29.47 32.93 21.81
CA GLU A 297 29.35 31.60 22.34
C GLU A 297 28.06 31.01 21.73
N TYR A 298 28.16 29.76 21.28
CA TYR A 298 27.03 29.07 20.66
C TYR A 298 27.04 27.67 21.21
N ASN A 299 25.95 26.94 21.06
CA ASN A 299 25.89 25.59 21.54
C ASN A 299 26.49 24.60 20.59
N THR A 300 26.46 24.90 19.30
CA THR A 300 27.06 24.00 18.34
C THR A 300 27.74 24.75 17.24
N VAL A 301 28.68 24.13 16.56
CA VAL A 301 29.31 24.82 15.45
C VAL A 301 29.59 23.83 14.36
N MET A 302 28.90 23.96 13.24
CA MET A 302 29.16 23.02 12.20
C MET A 302 29.92 23.74 11.09
N LEU A 303 30.88 23.00 10.54
CA LEU A 303 31.70 23.53 9.50
C LEU A 303 31.19 22.96 8.20
N ALA A 304 31.07 23.82 7.21
CA ALA A 304 30.60 23.44 5.90
C ALA A 304 31.39 24.35 4.97
N ILE A 305 32.68 24.09 4.85
CA ILE A 305 33.48 24.97 3.99
C ILE A 305 34.12 24.28 2.82
N GLY A 306 33.69 23.05 2.54
CA GLY A 306 34.23 22.33 1.40
C GLY A 306 34.33 20.87 1.72
N ARG A 307 34.64 20.06 0.73
CA ARG A 307 34.82 18.64 0.99
C ARG A 307 36.01 18.16 0.14
N ASP A 308 36.80 17.25 0.70
CA ASP A 308 38.02 16.74 0.05
C ASP A 308 37.84 15.35 -0.47
N ALA A 309 38.27 15.14 -1.71
CA ALA A 309 38.22 13.84 -2.38
C ALA A 309 38.96 12.81 -1.57
N CYS A 310 38.48 11.57 -1.54
CA CYS A 310 39.19 10.56 -0.78
C CYS A 310 40.06 9.75 -1.69
N THR A 311 40.96 10.43 -2.39
CA THR A 311 41.87 9.79 -3.33
C THR A 311 43.33 9.70 -2.93
N ARG A 312 43.71 10.33 -1.83
CA ARG A 312 45.11 10.37 -1.39
C ARG A 312 45.70 9.15 -0.62
N LYS A 313 44.82 8.28 -0.12
CA LYS A 313 45.22 7.11 0.65
C LYS A 313 44.69 5.76 0.06
N ILE A 314 44.79 5.55 -1.24
CA ILE A 314 44.28 4.30 -1.77
C ILE A 314 45.30 3.50 -2.55
N GLY A 315 46.46 4.08 -2.78
CA GLY A 315 47.50 3.36 -3.48
C GLY A 315 47.67 3.82 -4.89
N LEU A 316 47.13 4.98 -5.20
CA LEU A 316 47.20 5.47 -6.56
C LEU A 316 48.62 5.52 -7.18
N GLU A 317 49.66 5.36 -6.37
CA GLU A 317 51.02 5.39 -6.92
C GLU A 317 51.41 3.96 -7.35
N THR A 318 51.09 3.01 -6.49
CA THR A 318 51.40 1.61 -6.70
C THR A 318 50.67 1.03 -7.92
N VAL A 319 49.96 1.86 -8.67
CA VAL A 319 49.24 1.34 -9.82
C VAL A 319 49.37 2.25 -11.06
N GLY A 320 49.85 3.49 -10.82
CA GLY A 320 50.08 4.40 -11.92
C GLY A 320 49.08 5.49 -12.24
N VAL A 321 48.15 5.73 -11.33
CA VAL A 321 47.12 6.75 -11.55
C VAL A 321 47.63 8.15 -11.28
N LYS A 322 47.54 8.99 -12.28
CA LYS A 322 47.94 10.37 -12.13
C LYS A 322 46.66 11.11 -11.70
N ILE A 323 46.70 11.78 -10.56
CA ILE A 323 45.53 12.52 -10.17
C ILE A 323 46.04 13.93 -10.18
N ASN A 324 45.28 14.86 -9.61
CA ASN A 324 45.72 16.23 -9.54
C ASN A 324 46.06 16.43 -8.09
N GLU A 325 47.30 16.13 -7.72
CA GLU A 325 47.76 16.25 -6.33
C GLU A 325 47.43 17.60 -5.69
N LYS A 326 47.27 18.63 -6.52
CA LYS A 326 46.95 19.96 -6.03
C LYS A 326 45.55 20.00 -5.38
N THR A 327 44.52 19.70 -6.17
CA THR A 327 43.12 19.70 -5.71
C THR A 327 42.68 18.35 -5.15
N GLY A 328 43.03 17.29 -5.86
CA GLY A 328 42.69 15.96 -5.42
C GLY A 328 41.87 15.16 -6.43
N LYS A 329 41.07 15.87 -7.22
CA LYS A 329 40.23 15.23 -8.19
C LYS A 329 41.09 14.42 -9.16
N ILE A 330 40.45 13.53 -9.90
CA ILE A 330 41.13 12.64 -10.83
C ILE A 330 40.79 13.04 -12.23
N PRO A 331 41.80 13.28 -13.08
CA PRO A 331 41.38 13.64 -14.45
C PRO A 331 40.95 12.36 -15.14
N VAL A 332 39.93 12.43 -16.00
CA VAL A 332 39.49 11.22 -16.71
C VAL A 332 39.00 11.56 -18.10
N THR A 333 38.68 10.54 -18.89
CA THR A 333 38.22 10.76 -20.27
C THR A 333 36.72 10.63 -20.42
N ASP A 334 36.19 11.06 -21.57
CA ASP A 334 34.74 10.98 -21.75
C ASP A 334 34.14 9.55 -21.65
N GLU A 335 34.96 8.59 -21.21
CA GLU A 335 34.50 7.21 -20.97
C GLU A 335 34.70 6.90 -19.49
N GLU A 336 35.05 7.94 -18.72
CA GLU A 336 35.24 7.77 -17.27
C GLU A 336 36.50 6.93 -16.98
N GLN A 337 37.41 6.95 -17.95
CA GLN A 337 38.67 6.22 -17.89
C GLN A 337 39.82 7.08 -17.40
N THR A 338 40.63 6.55 -16.47
CA THR A 338 41.79 7.29 -15.93
C THR A 338 42.92 7.30 -16.98
N ASN A 339 44.17 7.32 -16.52
CA ASN A 339 45.28 7.28 -17.47
C ASN A 339 45.72 5.83 -17.56
N VAL A 340 45.26 5.03 -16.61
CA VAL A 340 45.55 3.61 -16.54
C VAL A 340 44.35 2.81 -17.05
N PRO A 341 44.39 2.40 -18.33
CA PRO A 341 43.33 1.64 -18.98
C PRO A 341 42.44 0.65 -18.24
N TYR A 342 42.87 0.05 -17.14
CA TYR A 342 41.94 -0.88 -16.46
C TYR A 342 41.34 -0.34 -15.18
N ILE A 343 41.64 0.93 -14.89
CA ILE A 343 41.16 1.62 -13.69
C ILE A 343 40.30 2.83 -14.05
N TYR A 344 39.03 2.78 -13.65
CA TYR A 344 38.11 3.88 -13.93
C TYR A 344 37.63 4.51 -12.62
N ALA A 345 37.14 5.75 -12.72
CA ALA A 345 36.63 6.50 -11.59
C ALA A 345 35.39 7.28 -11.97
N ILE A 346 34.37 7.21 -11.14
CA ILE A 346 33.15 7.93 -11.40
C ILE A 346 32.69 8.53 -10.10
N GLY A 347 32.12 9.74 -10.15
CA GLY A 347 31.64 10.33 -8.92
C GLY A 347 32.21 11.67 -8.58
N ASP A 348 32.03 12.04 -7.32
CA ASP A 348 32.52 13.34 -6.85
C ASP A 348 34.02 13.51 -7.02
N ILE A 349 34.74 12.39 -7.09
CA ILE A 349 36.19 12.44 -7.20
C ILE A 349 36.70 12.90 -8.54
N LEU A 350 35.87 12.93 -9.56
CA LEU A 350 36.37 13.34 -10.85
C LEU A 350 36.73 14.80 -10.94
N GLU A 351 37.72 15.12 -11.77
CA GLU A 351 38.21 16.47 -11.97
C GLU A 351 37.34 17.19 -12.96
N ASP A 352 36.88 18.40 -12.64
CA ASP A 352 36.04 19.17 -13.54
C ASP A 352 34.77 18.51 -14.12
N LYS A 353 33.86 18.12 -13.24
CA LYS A 353 32.61 17.47 -13.65
C LYS A 353 31.46 18.03 -12.82
N VAL A 354 30.62 17.14 -12.30
CA VAL A 354 29.47 17.53 -11.50
C VAL A 354 29.39 16.61 -10.29
N GLU A 355 29.31 17.21 -9.11
CA GLU A 355 29.32 16.44 -7.89
C GLU A 355 27.92 16.23 -7.36
N LEU A 356 27.16 15.38 -8.06
CA LEU A 356 25.75 15.08 -7.69
C LEU A 356 25.41 13.60 -7.85
N THR A 357 24.63 13.04 -6.93
CA THR A 357 24.28 11.63 -7.02
C THR A 357 23.69 11.16 -8.35
N PRO A 358 22.55 11.70 -8.79
CA PRO A 358 22.06 11.21 -10.07
C PRO A 358 23.11 11.17 -11.18
N VAL A 359 24.09 12.10 -11.16
CA VAL A 359 25.18 12.12 -12.16
C VAL A 359 26.07 10.91 -11.95
N ALA A 360 26.64 10.81 -10.78
CA ALA A 360 27.49 9.66 -10.55
C ALA A 360 26.75 8.38 -10.93
N ILE A 361 25.45 8.25 -10.63
CA ILE A 361 24.78 7.00 -10.96
C ILE A 361 24.67 6.73 -12.43
N GLN A 362 24.52 7.80 -13.22
CA GLN A 362 24.40 7.66 -14.65
C GLN A 362 25.75 7.26 -15.15
N ALA A 363 26.79 7.86 -14.59
CA ALA A 363 28.12 7.49 -15.03
C ALA A 363 28.39 5.99 -14.82
N GLY A 364 28.20 5.53 -13.59
CA GLY A 364 28.42 4.14 -13.24
C GLY A 364 27.62 3.16 -14.04
N ARG A 365 26.33 3.48 -14.24
CA ARG A 365 25.39 2.68 -15.03
C ARG A 365 25.90 2.63 -16.46
N LEU A 366 26.02 3.81 -17.06
CA LEU A 366 26.51 3.94 -18.44
C LEU A 366 27.83 3.28 -18.68
N LEU A 367 28.72 3.35 -17.72
CA LEU A 367 30.02 2.71 -17.87
C LEU A 367 29.80 1.22 -18.01
N ALA A 368 29.24 0.61 -16.96
CA ALA A 368 28.99 -0.82 -17.00
C ALA A 368 28.44 -1.23 -18.35
N GLN A 369 27.60 -0.38 -18.95
CA GLN A 369 27.03 -0.70 -20.27
C GLN A 369 28.10 -0.56 -21.36
N ARG A 370 28.75 0.60 -21.39
CA ARG A 370 29.79 0.89 -22.37
C ARG A 370 30.71 -0.27 -22.40
N LEU A 371 31.03 -0.77 -21.21
CA LEU A 371 31.97 -1.87 -21.07
C LEU A 371 31.47 -3.23 -21.48
N TYR A 372 30.50 -3.75 -20.74
CA TYR A 372 29.99 -5.08 -21.02
C TYR A 372 28.66 -5.24 -21.78
N ALA A 373 28.22 -4.25 -22.52
CA ALA A 373 26.96 -4.41 -23.23
C ALA A 373 27.07 -3.88 -24.64
N GLY A 374 28.22 -3.31 -24.95
CA GLY A 374 28.42 -2.81 -26.29
C GLY A 374 27.88 -1.43 -26.47
N SER A 375 27.45 -0.82 -25.38
CA SER A 375 26.94 0.53 -25.43
C SER A 375 28.04 1.46 -25.93
N THR A 376 27.65 2.59 -26.49
CA THR A 376 28.59 3.54 -26.98
C THR A 376 28.15 4.86 -26.41
N VAL A 377 27.25 4.80 -25.44
CA VAL A 377 26.74 6.05 -24.89
C VAL A 377 27.58 6.49 -23.72
N LYS A 378 27.97 7.76 -23.82
CA LYS A 378 28.79 8.46 -22.84
C LYS A 378 27.90 9.36 -21.95
N CYS A 379 28.09 9.30 -20.64
CA CYS A 379 27.31 10.11 -19.71
C CYS A 379 27.58 11.56 -20.01
N ASP A 380 26.55 12.28 -20.43
CA ASP A 380 26.67 13.70 -20.76
C ASP A 380 26.70 14.54 -19.49
N TYR A 381 27.67 15.43 -19.33
CA TYR A 381 27.75 16.27 -18.11
C TYR A 381 27.36 17.72 -18.35
N GLU A 382 26.88 18.00 -19.56
CA GLU A 382 26.48 19.34 -19.96
C GLU A 382 25.04 19.63 -19.54
N ASN A 383 24.80 20.85 -19.07
CA ASN A 383 23.47 21.32 -18.63
C ASN A 383 22.73 20.38 -17.64
N VAL A 384 23.35 20.20 -16.48
CA VAL A 384 22.80 19.33 -15.47
C VAL A 384 22.00 20.18 -14.53
N PRO A 385 20.76 19.75 -14.26
CA PRO A 385 19.90 20.49 -13.34
C PRO A 385 20.37 20.26 -11.88
N THR A 386 20.02 21.21 -11.00
CA THR A 386 20.30 21.15 -9.55
C THR A 386 19.21 21.89 -8.78
N THR A 387 19.23 21.66 -7.48
CA THR A 387 18.26 22.32 -6.62
C THR A 387 18.88 22.49 -5.25
N VAL A 388 19.06 23.73 -4.78
CA VAL A 388 19.59 23.83 -3.46
C VAL A 388 18.38 23.96 -2.52
N PHE A 389 18.17 23.01 -1.61
CA PHE A 389 17.03 23.05 -0.69
C PHE A 389 17.01 24.05 0.50
N THR A 390 17.24 25.31 0.16
CA THR A 390 17.24 26.40 1.11
C THR A 390 15.80 26.59 1.58
N PRO A 391 15.52 27.43 2.58
CA PRO A 391 14.14 27.59 3.03
C PRO A 391 13.29 27.89 1.82
N LEU A 392 13.81 28.71 0.92
CA LEU A 392 13.08 29.00 -0.32
C LEU A 392 13.85 28.28 -1.42
N GLU A 393 13.48 27.03 -1.73
CA GLU A 393 14.20 26.21 -2.70
C GLU A 393 14.73 27.02 -3.86
N TYR A 394 15.71 26.54 -4.60
CA TYR A 394 16.15 27.27 -5.81
C TYR A 394 16.78 26.22 -6.69
N GLY A 395 16.15 26.00 -7.86
CA GLY A 395 16.63 25.02 -8.80
C GLY A 395 17.09 25.80 -9.98
N ALA A 396 18.01 25.23 -10.74
CA ALA A 396 18.49 25.88 -11.93
C ALA A 396 19.10 24.85 -12.80
N CYS A 397 19.22 25.21 -14.07
CA CYS A 397 19.76 24.33 -15.08
C CYS A 397 20.40 25.20 -16.12
N GLY A 398 21.53 24.80 -16.65
CA GLY A 398 22.15 25.62 -17.68
C GLY A 398 23.02 26.74 -17.17
N LEU A 399 23.39 27.67 -18.03
CA LEU A 399 24.25 28.75 -17.60
C LEU A 399 23.76 29.74 -16.53
N SER A 400 24.68 30.24 -15.75
CA SER A 400 24.34 31.25 -14.77
C SER A 400 24.15 32.48 -15.64
N GLU A 401 23.77 33.62 -15.08
CA GLU A 401 23.63 34.80 -15.92
C GLU A 401 25.03 35.25 -16.36
N GLU A 402 25.92 35.35 -15.35
CA GLU A 402 27.32 35.77 -15.51
C GLU A 402 28.08 34.88 -16.49
N LYS A 403 28.16 33.58 -16.17
CA LYS A 403 28.85 32.64 -17.06
C LYS A 403 28.35 32.73 -18.49
N ALA A 404 27.04 32.91 -18.63
CA ALA A 404 26.41 32.98 -19.93
C ALA A 404 26.81 34.21 -20.66
N VAL A 405 26.71 35.35 -20.00
CA VAL A 405 27.09 36.60 -20.64
C VAL A 405 28.51 36.48 -21.16
N GLU A 406 29.37 35.98 -20.28
CA GLU A 406 30.78 35.78 -20.56
C GLU A 406 30.97 34.92 -21.80
N LYS A 407 30.24 33.81 -21.91
CA LYS A 407 30.40 32.92 -23.08
C LYS A 407 29.93 33.50 -24.40
N PHE A 408 28.88 34.32 -24.37
CA PHE A 408 28.30 34.87 -25.58
C PHE A 408 28.38 36.38 -25.77
N GLY A 409 28.60 37.11 -24.69
CA GLY A 409 28.70 38.56 -24.81
C GLY A 409 27.39 39.30 -24.55
N GLU A 410 27.42 40.19 -23.56
CA GLU A 410 26.20 40.92 -23.16
C GLU A 410 25.21 41.35 -24.24
N GLU A 411 25.69 41.52 -25.47
CA GLU A 411 24.82 41.94 -26.55
C GLU A 411 24.11 40.79 -27.19
N ASN A 412 24.54 39.58 -26.97
CA ASN A 412 23.86 38.50 -27.63
C ASN A 412 23.08 37.67 -26.67
N ILE A 413 22.94 38.20 -25.46
CA ILE A 413 22.22 37.48 -24.40
C ILE A 413 21.06 38.30 -23.87
N GLU A 414 19.88 37.70 -23.72
CA GLU A 414 18.76 38.47 -23.16
C GLU A 414 18.20 37.74 -21.97
N VAL A 415 17.73 38.49 -20.99
CA VAL A 415 17.25 37.82 -19.80
C VAL A 415 15.85 38.16 -19.47
N TYR A 416 14.98 37.17 -19.48
CA TYR A 416 13.60 37.42 -19.17
C TYR A 416 13.43 37.00 -17.73
N HIS A 417 12.82 37.87 -16.94
CA HIS A 417 12.60 37.57 -15.56
C HIS A 417 11.30 38.08 -15.05
N SER A 418 10.93 37.58 -13.89
CA SER A 418 9.69 37.97 -13.27
C SER A 418 9.62 37.46 -11.88
N TYR A 419 8.71 38.01 -11.08
CA TYR A 419 8.55 37.55 -9.70
C TYR A 419 7.30 36.75 -9.75
N PHE A 420 6.89 36.22 -8.62
CA PHE A 420 5.66 35.50 -8.60
C PHE A 420 5.27 35.11 -7.21
N TRP A 421 3.98 34.95 -6.99
CA TRP A 421 3.49 34.63 -5.66
C TRP A 421 2.68 33.37 -5.69
N PRO A 422 3.10 32.37 -4.99
CA PRO A 422 2.36 31.10 -4.99
C PRO A 422 0.95 31.17 -4.44
N LEU A 423 0.00 30.76 -5.25
CA LEU A 423 -1.38 30.82 -4.82
C LEU A 423 -1.61 30.33 -3.40
N GLU A 424 -0.84 29.34 -2.97
CA GLU A 424 -1.00 28.81 -1.63
C GLU A 424 -0.50 29.80 -0.61
N TRP A 425 0.14 30.88 -1.06
CA TRP A 425 0.68 31.84 -0.09
C TRP A 425 -0.17 33.06 0.14
N THR A 426 -1.21 33.20 -0.65
CA THR A 426 -2.11 34.33 -0.53
C THR A 426 -2.96 34.30 0.72
N ILE A 427 -3.63 33.17 0.97
CA ILE A 427 -4.47 33.04 2.16
C ILE A 427 -3.71 33.29 3.45
N PRO A 428 -2.58 32.57 3.64
CA PRO A 428 -1.79 32.78 4.87
C PRO A 428 -1.21 34.15 4.79
N SER A 429 -1.23 34.69 3.58
CA SER A 429 -0.74 36.02 3.28
C SER A 429 0.68 36.35 3.70
N ARG A 430 1.61 35.63 3.09
CA ARG A 430 3.01 35.83 3.34
C ARG A 430 3.83 35.98 2.08
N ASP A 431 5.08 36.24 2.30
CA ASP A 431 6.06 36.42 1.26
C ASP A 431 5.53 36.69 -0.15
N ASN A 432 5.08 37.88 -0.45
CA ASN A 432 4.67 38.07 -1.82
C ASN A 432 5.81 38.81 -2.44
N ASN A 433 6.03 38.55 -3.71
CA ASN A 433 7.06 39.16 -4.51
C ASN A 433 8.42 38.69 -4.06
N LYS A 434 8.43 37.49 -3.49
CA LYS A 434 9.64 36.92 -3.02
C LYS A 434 10.10 35.83 -3.93
N CYS A 435 9.19 35.01 -4.52
CA CYS A 435 9.65 33.95 -5.43
C CYS A 435 10.07 34.57 -6.70
N TYR A 436 10.86 33.92 -7.51
CA TYR A 436 11.33 34.66 -8.69
C TYR A 436 11.86 33.70 -9.74
N ALA A 437 11.75 34.08 -11.01
CA ALA A 437 12.19 33.22 -12.10
C ALA A 437 12.91 34.01 -13.17
N LYS A 438 13.77 33.35 -13.93
CA LYS A 438 14.43 34.02 -15.05
C LYS A 438 15.10 32.99 -15.91
N ILE A 439 15.11 33.31 -17.20
CA ILE A 439 15.72 32.45 -18.17
C ILE A 439 16.68 33.31 -18.96
N ILE A 440 17.78 32.70 -19.42
CA ILE A 440 18.81 33.41 -20.18
C ILE A 440 18.79 32.94 -21.63
N CYS A 441 18.66 33.87 -22.57
CA CYS A 441 18.65 33.47 -23.98
C CYS A 441 19.77 34.05 -24.82
N ASN A 442 20.19 33.23 -25.78
CA ASN A 442 21.28 33.54 -26.71
C ASN A 442 20.73 34.01 -28.03
N THR A 443 20.65 35.33 -28.17
CA THR A 443 20.10 35.92 -29.36
C THR A 443 20.76 35.55 -30.65
N LYS A 444 21.90 34.88 -30.59
CA LYS A 444 22.51 34.55 -31.83
C LYS A 444 21.99 33.20 -32.23
N ASP A 445 21.46 32.47 -31.28
CA ASP A 445 20.98 31.16 -31.60
C ASP A 445 19.48 31.05 -31.40
N ASN A 446 18.69 31.79 -32.21
CA ASN A 446 17.23 31.73 -32.09
C ASN A 446 16.77 31.87 -30.64
N GLU A 447 17.32 32.84 -29.93
CA GLU A 447 16.95 33.06 -28.53
C GLU A 447 16.83 31.75 -27.78
N ARG A 448 17.86 30.91 -27.93
CA ARG A 448 17.93 29.61 -27.31
C ARG A 448 17.99 29.76 -25.81
N VAL A 449 17.30 28.89 -25.11
CA VAL A 449 17.29 28.94 -23.67
C VAL A 449 18.54 28.23 -23.25
N VAL A 450 19.52 29.03 -22.82
CA VAL A 450 20.85 28.58 -22.35
C VAL A 450 20.92 28.42 -20.87
N GLY A 451 20.05 29.16 -20.18
CA GLY A 451 19.99 29.12 -18.74
C GLY A 451 18.59 29.31 -18.21
N PHE A 452 18.26 28.49 -17.22
CA PHE A 452 16.97 28.49 -16.57
C PHE A 452 17.21 28.70 -15.09
N HIS A 453 16.46 29.59 -14.44
CA HIS A 453 16.63 29.80 -13.00
C HIS A 453 15.39 30.09 -12.21
N VAL A 454 15.03 29.24 -11.28
CA VAL A 454 13.82 29.52 -10.51
C VAL A 454 14.00 29.43 -9.05
N LEU A 455 13.46 30.42 -8.37
CA LEU A 455 13.51 30.47 -6.94
C LEU A 455 12.09 30.44 -6.42
N GLY A 456 11.70 29.36 -5.79
CA GLY A 456 10.35 29.33 -5.29
C GLY A 456 10.13 27.96 -4.77
N PRO A 457 8.95 27.65 -4.21
CA PRO A 457 8.64 26.32 -3.66
C PRO A 457 8.71 25.21 -4.65
N ASN A 458 8.84 24.00 -4.13
CA ASN A 458 8.90 22.82 -4.98
C ASN A 458 9.74 23.06 -6.20
N ALA A 459 10.76 23.90 -6.10
CA ALA A 459 11.60 24.20 -7.25
C ALA A 459 12.21 22.99 -7.93
N GLY A 460 12.42 21.91 -7.21
CA GLY A 460 13.04 20.79 -7.87
C GLY A 460 12.12 20.23 -8.92
N GLU A 461 10.87 20.00 -8.51
CA GLU A 461 9.82 19.43 -9.33
C GLU A 461 9.67 20.28 -10.50
N VAL A 462 9.73 21.59 -10.30
CA VAL A 462 9.61 22.57 -11.38
C VAL A 462 10.74 22.56 -12.38
N THR A 463 11.91 22.10 -11.98
CA THR A 463 13.06 22.16 -12.85
C THR A 463 13.30 20.98 -13.72
N GLN A 464 13.15 19.80 -13.14
CA GLN A 464 13.41 18.57 -13.88
C GLN A 464 13.18 18.72 -15.37
N GLY A 465 11.88 18.72 -15.71
CA GLY A 465 11.43 18.86 -17.10
C GLY A 465 12.04 19.96 -17.98
N PHE A 466 12.34 21.11 -17.43
CA PHE A 466 12.91 22.12 -18.25
C PHE A 466 14.32 21.69 -18.64
N ALA A 467 14.93 20.85 -17.80
CA ALA A 467 16.26 20.37 -18.10
C ALA A 467 16.11 19.47 -19.29
N ALA A 468 15.07 18.68 -19.24
CA ALA A 468 14.81 17.78 -20.34
C ALA A 468 14.63 18.64 -21.56
N ALA A 469 13.99 19.79 -21.40
CA ALA A 469 13.78 20.64 -22.55
C ALA A 469 15.11 21.08 -23.17
N LEU A 470 16.08 21.38 -22.33
CA LEU A 470 17.36 21.84 -22.84
C LEU A 470 18.03 20.75 -23.62
N LYS A 471 17.77 19.51 -23.26
CA LYS A 471 18.38 18.46 -24.02
C LYS A 471 17.73 18.44 -25.39
N CYS A 472 16.61 19.16 -25.62
CA CYS A 472 16.11 19.18 -27.00
C CYS A 472 16.14 20.53 -27.65
N GLY A 473 16.98 21.39 -27.10
CA GLY A 473 17.20 22.70 -27.67
C GLY A 473 16.08 23.68 -27.64
N LEU A 474 15.34 23.68 -26.54
CA LEU A 474 14.22 24.60 -26.40
C LEU A 474 14.60 26.01 -26.83
N THR A 475 13.65 26.77 -27.31
CA THR A 475 13.89 28.15 -27.70
C THR A 475 12.80 29.02 -27.09
N LYS A 476 13.00 30.33 -27.03
CA LYS A 476 11.98 31.20 -26.46
C LYS A 476 10.63 31.13 -27.23
N LYS A 477 10.70 31.08 -28.56
CA LYS A 477 9.50 31.01 -29.40
C LYS A 477 8.79 29.78 -28.95
N GLN A 478 9.50 28.68 -28.86
CA GLN A 478 8.92 27.40 -28.45
C GLN A 478 8.36 27.42 -27.04
N LEU A 479 8.98 28.21 -26.17
CA LEU A 479 8.53 28.30 -24.79
C LEU A 479 7.22 29.07 -24.73
N ASP A 480 7.16 30.16 -25.48
CA ASP A 480 5.94 30.96 -25.56
C ASP A 480 4.79 30.09 -26.11
N SER A 481 5.11 29.32 -27.13
CA SER A 481 4.15 28.46 -27.74
C SER A 481 3.52 27.51 -26.72
N THR A 482 4.19 27.27 -25.61
CA THR A 482 3.67 26.36 -24.63
C THR A 482 2.57 27.07 -23.88
N ILE A 483 1.58 26.33 -23.40
CA ILE A 483 0.50 26.97 -22.63
C ILE A 483 0.83 26.59 -21.21
N GLY A 484 0.56 27.44 -20.24
CA GLY A 484 0.91 27.05 -18.88
C GLY A 484 -0.17 26.31 -18.11
N ILE A 485 0.16 25.58 -17.03
CA ILE A 485 -0.85 24.87 -16.23
C ILE A 485 -1.46 25.88 -15.28
N HIS A 486 -2.72 25.83 -14.90
CA HIS A 486 -3.09 26.85 -13.95
C HIS A 486 -3.91 26.30 -12.81
N PRO A 487 -3.65 26.75 -11.58
CA PRO A 487 -2.66 27.72 -11.15
C PRO A 487 -1.42 26.98 -10.60
N VAL A 488 -0.32 26.98 -11.34
CA VAL A 488 0.88 26.33 -10.81
C VAL A 488 2.04 27.30 -10.83
N CYS A 489 2.92 27.18 -9.85
CA CYS A 489 4.03 28.08 -9.84
C CYS A 489 4.72 27.98 -11.16
N ALA A 490 5.11 26.76 -11.52
CA ALA A 490 5.84 26.51 -12.75
C ALA A 490 5.35 27.24 -14.01
N GLU A 491 4.09 27.59 -14.07
CA GLU A 491 3.57 28.23 -15.28
C GLU A 491 4.16 29.57 -15.56
N VAL A 492 4.81 30.19 -14.59
CA VAL A 492 5.30 31.52 -14.90
C VAL A 492 6.25 31.59 -16.07
N PHE A 493 6.80 30.46 -16.50
CA PHE A 493 7.76 30.53 -17.56
C PHE A 493 7.14 30.63 -18.91
N THR A 494 5.89 30.17 -19.02
CA THR A 494 5.17 30.22 -20.30
C THR A 494 4.82 31.63 -20.78
N THR A 495 4.78 32.58 -19.86
CA THR A 495 4.42 34.00 -20.10
C THR A 495 5.45 35.01 -19.57
N LEU A 496 6.67 35.02 -20.12
CA LEU A 496 7.69 35.94 -19.64
C LEU A 496 7.90 37.02 -20.67
N SER A 497 7.38 38.21 -20.42
CA SER A 497 7.51 39.28 -21.39
C SER A 497 8.56 40.34 -21.12
N VAL A 498 8.95 40.50 -19.85
CA VAL A 498 9.93 41.51 -19.49
C VAL A 498 11.41 41.14 -19.55
N THR A 499 12.17 41.94 -20.25
CA THR A 499 13.57 41.66 -20.37
C THR A 499 14.32 42.49 -19.34
N LYS A 500 15.54 42.07 -19.02
CA LYS A 500 16.32 42.78 -18.05
C LYS A 500 16.81 44.06 -18.73
N ARG A 501 17.32 43.89 -19.93
CA ARG A 501 17.86 45.00 -20.65
C ARG A 501 16.89 46.10 -20.99
N SER A 502 15.60 45.77 -21.13
CA SER A 502 14.59 46.77 -21.48
C SER A 502 14.44 47.71 -20.32
N GLY A 503 14.77 47.16 -19.17
CA GLY A 503 14.74 47.94 -17.95
C GLY A 503 13.41 48.24 -17.30
N ALA A 504 12.35 47.52 -17.66
CA ALA A 504 11.06 47.77 -17.04
C ALA A 504 11.02 47.21 -15.62
N SER A 505 9.95 47.48 -14.89
CA SER A 505 9.84 47.03 -13.52
C SER A 505 9.02 45.75 -13.41
N ILE A 506 9.15 45.04 -12.30
CA ILE A 506 8.39 43.82 -12.10
C ILE A 506 7.68 43.73 -10.73
N LEU A 507 6.52 44.35 -10.53
CA LEU A 507 5.88 44.27 -9.19
C LEU A 507 4.35 44.36 -9.26
N GLN A 508 3.65 43.98 -8.17
CA GLN A 508 2.18 44.07 -8.20
C GLN A 508 1.65 45.49 -7.91
N ALA A 509 0.57 45.85 -8.61
CA ALA A 509 -0.10 47.15 -8.45
C ALA A 509 -1.07 47.07 -7.24
N GLY A 510 -0.59 46.38 -6.19
CA GLY A 510 -1.31 46.17 -4.94
C GLY A 510 -0.33 46.10 -3.76
N CYS A 511 0.85 45.50 -4.02
CA CYS A 511 1.95 45.32 -3.03
C CYS A 511 1.61 44.89 -1.60
N CYS A 512 1.09 43.65 -1.45
CA CYS A 512 0.72 43.06 -0.14
C CYS A 512 1.37 41.70 0.15
N GLY A 513 2.17 41.62 1.22
CA GLY A 513 2.84 40.37 1.55
C GLY A 513 4.29 40.55 1.96
N LYS B 23 -18.02 52.84 -41.80
CA LYS B 23 -16.91 53.55 -41.07
C LYS B 23 -17.43 54.40 -39.86
N SER B 24 -16.63 54.47 -38.79
CA SER B 24 -16.94 55.20 -37.55
C SER B 24 -17.88 54.47 -36.57
N TYR B 25 -17.36 54.11 -35.39
CA TYR B 25 -18.17 53.43 -34.40
C TYR B 25 -17.84 53.97 -33.01
N ASP B 26 -18.59 53.50 -32.02
CA ASP B 26 -18.42 53.90 -30.63
C ASP B 26 -17.08 53.51 -30.08
N TYR B 27 -16.80 52.21 -30.18
CA TYR B 27 -15.56 51.60 -29.69
C TYR B 27 -14.80 50.91 -30.82
N ASP B 28 -13.57 50.54 -30.54
CA ASP B 28 -12.77 49.88 -31.53
C ASP B 28 -12.97 48.42 -31.35
N LEU B 29 -13.26 48.04 -30.10
CA LEU B 29 -13.43 46.64 -29.78
C LEU B 29 -14.30 46.45 -28.58
N ILE B 30 -15.27 45.56 -28.71
CA ILE B 30 -16.18 45.30 -27.58
C ILE B 30 -15.95 43.85 -27.10
N ILE B 31 -15.87 43.62 -25.81
CA ILE B 31 -15.68 42.25 -25.39
C ILE B 31 -16.91 41.89 -24.58
N ILE B 32 -17.62 40.84 -25.02
CA ILE B 32 -18.75 40.39 -24.21
C ILE B 32 -18.15 39.27 -23.37
N GLY B 33 -18.16 39.48 -22.06
CA GLY B 33 -17.59 38.54 -21.13
C GLY B 33 -16.29 39.12 -20.53
N GLY B 34 -16.34 39.45 -19.22
CA GLY B 34 -15.17 39.93 -18.49
C GLY B 34 -14.53 38.72 -17.79
N GLY B 35 -14.04 37.80 -18.60
CA GLY B 35 -13.46 36.60 -18.05
C GLY B 35 -12.05 36.41 -18.49
N SER B 36 -11.41 35.33 -18.02
CA SER B 36 -10.03 35.01 -18.29
C SER B 36 -9.56 35.51 -19.62
N GLY B 37 -10.11 34.95 -20.70
CA GLY B 37 -9.73 35.41 -22.02
C GLY B 37 -10.27 36.81 -22.29
N GLY B 38 -11.44 37.10 -21.73
CA GLY B 38 -12.02 38.41 -21.94
C GLY B 38 -10.99 39.49 -21.62
N LEU B 39 -10.83 39.70 -20.31
CA LEU B 39 -9.87 40.60 -19.68
C LEU B 39 -8.44 40.49 -20.27
N ALA B 40 -8.03 39.29 -20.67
CA ALA B 40 -6.74 39.13 -21.27
C ALA B 40 -6.62 39.95 -22.55
N ALA B 41 -7.60 39.76 -23.44
CA ALA B 41 -7.66 40.44 -24.73
C ALA B 41 -7.88 41.94 -24.55
N ALA B 42 -8.75 42.28 -23.61
CA ALA B 42 -9.04 43.68 -23.27
C ALA B 42 -7.74 44.45 -23.15
N LYS B 43 -6.92 44.04 -22.16
CA LYS B 43 -5.60 44.61 -21.83
C LYS B 43 -4.58 44.56 -22.96
N GLU B 44 -4.41 43.41 -23.58
CA GLU B 44 -3.44 43.37 -24.64
C GLU B 44 -3.82 44.35 -25.75
N ALA B 45 -5.12 44.47 -26.07
CA ALA B 45 -5.55 45.39 -27.11
C ALA B 45 -5.38 46.84 -26.66
N ALA B 46 -5.83 47.15 -25.46
CA ALA B 46 -5.68 48.51 -24.96
C ALA B 46 -4.23 48.96 -25.07
N GLN B 47 -3.30 48.03 -24.85
CA GLN B 47 -1.87 48.31 -24.90
C GLN B 47 -1.45 48.81 -26.31
N TYR B 48 -2.25 48.58 -27.33
CA TYR B 48 -1.80 49.05 -28.62
C TYR B 48 -2.61 50.24 -29.05
N GLY B 49 -3.09 51.02 -28.08
CA GLY B 49 -3.86 52.21 -28.37
C GLY B 49 -5.21 52.07 -29.09
N LYS B 50 -6.07 51.15 -28.60
CA LYS B 50 -7.38 50.98 -29.21
C LYS B 50 -8.44 51.30 -28.17
N LYS B 51 -9.62 51.70 -28.62
CA LYS B 51 -10.71 52.02 -27.70
C LYS B 51 -11.43 50.73 -27.45
N VAL B 52 -11.41 50.28 -26.19
CA VAL B 52 -12.01 49.01 -25.85
C VAL B 52 -13.00 49.10 -24.74
N MET B 53 -14.00 48.26 -24.80
CA MET B 53 -14.98 48.25 -23.75
C MET B 53 -15.26 46.82 -23.47
N VAL B 54 -15.31 46.53 -22.19
CA VAL B 54 -15.56 45.20 -21.68
C VAL B 54 -16.88 45.06 -20.99
N LEU B 55 -17.68 44.15 -21.48
CA LEU B 55 -18.95 43.95 -20.81
C LEU B 55 -18.88 42.69 -20.01
N ASP B 56 -19.27 42.71 -18.75
CA ASP B 56 -19.29 41.44 -18.07
C ASP B 56 -20.43 41.57 -17.09
N PHE B 57 -21.20 40.50 -16.96
CA PHE B 57 -22.39 40.52 -16.09
C PHE B 57 -22.53 39.14 -15.54
N VAL B 58 -22.90 38.99 -14.30
CA VAL B 58 -23.03 37.62 -13.80
C VAL B 58 -24.48 37.23 -13.49
N THR B 59 -25.08 36.36 -14.27
CA THR B 59 -26.47 36.03 -14.01
C THR B 59 -26.52 35.14 -12.81
N PRO B 60 -27.38 35.43 -11.83
CA PRO B 60 -27.44 34.61 -10.64
C PRO B 60 -27.66 33.15 -10.83
N THR B 61 -27.27 32.40 -9.81
CA THR B 61 -27.51 30.99 -9.85
C THR B 61 -28.91 30.89 -9.32
N PRO B 62 -29.58 29.78 -9.61
CA PRO B 62 -30.93 29.54 -9.15
C PRO B 62 -31.06 29.77 -7.63
N LEU B 63 -30.01 29.44 -6.87
CA LEU B 63 -30.07 29.64 -5.44
C LEU B 63 -29.79 31.09 -5.08
N GLY B 64 -29.50 31.82 -6.15
CA GLY B 64 -29.26 33.26 -6.09
C GLY B 64 -27.90 33.84 -5.76
N THR B 65 -26.81 33.14 -6.12
CA THR B 65 -25.49 33.62 -5.80
C THR B 65 -24.89 34.42 -6.95
N ARG B 66 -24.07 35.39 -6.59
CA ARG B 66 -23.44 36.25 -7.59
C ARG B 66 -21.97 36.54 -7.17
N TRP B 67 -21.19 37.07 -8.11
CA TRP B 67 -19.80 37.38 -7.88
C TRP B 67 -19.23 38.45 -8.78
N GLY B 68 -18.04 38.92 -8.40
CA GLY B 68 -17.38 40.02 -9.08
C GLY B 68 -16.67 39.86 -10.39
N LEU B 69 -16.13 40.96 -10.89
CA LEU B 69 -15.45 40.92 -12.15
C LEU B 69 -14.39 39.84 -12.14
N GLY B 70 -14.02 39.31 -13.29
CA GLY B 70 -12.98 38.31 -13.22
C GLY B 70 -13.21 37.07 -14.07
N GLY B 71 -14.31 36.35 -13.81
CA GLY B 71 -14.55 35.16 -14.59
C GLY B 71 -14.72 33.98 -13.69
N THR B 72 -14.97 32.84 -14.29
CA THR B 72 -15.14 31.59 -13.57
C THR B 72 -13.94 31.24 -12.71
N CYS B 73 -12.77 31.32 -13.33
CA CYS B 73 -11.50 30.98 -12.71
C CYS B 73 -11.28 31.54 -11.36
N VAL B 74 -11.32 32.86 -11.34
CA VAL B 74 -11.18 33.68 -10.16
C VAL B 74 -12.25 33.50 -9.10
N ASN B 75 -13.49 33.37 -9.54
CA ASN B 75 -14.63 33.30 -8.64
C ASN B 75 -15.28 31.98 -8.22
N VAL B 76 -15.30 31.01 -9.13
CA VAL B 76 -15.93 29.74 -8.86
C VAL B 76 -15.11 28.66 -9.53
N GLY B 77 -13.85 28.94 -9.80
CA GLY B 77 -13.05 27.94 -10.47
C GLY B 77 -11.68 27.60 -9.92
N CYS B 78 -10.68 27.79 -10.76
CA CYS B 78 -9.29 27.51 -10.43
C CYS B 78 -8.88 27.92 -9.02
N ILE B 79 -8.88 29.23 -8.82
CA ILE B 79 -8.51 29.83 -7.60
C ILE B 79 -9.25 29.19 -6.44
N PRO B 80 -10.53 29.47 -6.26
CA PRO B 80 -11.21 28.84 -5.12
C PRO B 80 -10.90 27.37 -4.99
N LYS B 81 -10.92 26.65 -6.13
CA LYS B 81 -10.66 25.20 -6.15
C LYS B 81 -9.29 24.90 -5.60
N LYS B 82 -8.23 25.33 -6.27
CA LYS B 82 -6.91 25.06 -5.77
C LYS B 82 -6.82 25.40 -4.31
N LEU B 83 -7.13 26.64 -3.96
CA LEU B 83 -7.05 27.09 -2.58
C LEU B 83 -7.67 26.14 -1.59
N MET B 84 -8.83 25.61 -1.88
CA MET B 84 -9.43 24.73 -0.93
C MET B 84 -8.70 23.42 -0.93
N HIS B 85 -8.10 23.10 -2.07
CA HIS B 85 -7.34 21.88 -2.21
C HIS B 85 -6.23 22.02 -1.19
N GLN B 86 -5.65 23.20 -1.16
CA GLN B 86 -4.57 23.49 -0.24
C GLN B 86 -4.98 23.20 1.19
N ALA B 87 -6.16 23.63 1.60
CA ALA B 87 -6.60 23.39 2.97
C ALA B 87 -6.66 21.92 3.18
N ALA B 88 -7.08 21.19 2.14
CA ALA B 88 -7.23 19.78 2.26
C ALA B 88 -5.87 19.16 2.45
N LEU B 89 -4.90 19.66 1.69
CA LEU B 89 -3.53 19.16 1.73
C LEU B 89 -2.86 19.52 3.05
N LEU B 90 -3.22 20.66 3.60
CA LEU B 90 -2.60 21.06 4.83
C LEU B 90 -3.08 20.17 5.95
N GLY B 91 -4.21 19.52 5.75
CA GLY B 91 -4.67 18.66 6.81
C GLY B 91 -3.68 17.52 6.91
N GLN B 92 -3.34 16.97 5.75
CA GLN B 92 -2.40 15.87 5.66
C GLN B 92 -1.11 16.37 6.31
N ALA B 93 -0.61 17.50 5.83
CA ALA B 93 0.60 18.05 6.41
C ALA B 93 0.52 18.06 7.94
N LEU B 94 -0.65 18.38 8.49
CA LEU B 94 -0.81 18.38 9.94
C LEU B 94 -0.61 17.01 10.54
N GLN B 95 -0.92 15.96 9.79
CA GLN B 95 -0.73 14.59 10.29
C GLN B 95 0.69 14.11 10.05
N ASP B 96 1.28 14.54 8.94
CA ASP B 96 2.64 14.16 8.65
C ASP B 96 3.57 14.79 9.68
N SER B 97 3.41 16.09 9.90
CA SER B 97 4.23 16.84 10.83
C SER B 97 4.55 16.10 12.12
N ARG B 98 3.68 15.19 12.49
CA ARG B 98 3.84 14.43 13.71
C ARG B 98 5.15 13.65 13.70
N ASN B 99 5.23 12.70 12.80
CA ASN B 99 6.40 11.85 12.72
C ASN B 99 7.67 12.61 12.46
N TYR B 100 7.58 13.85 11.99
CA TYR B 100 8.81 14.60 11.78
C TYR B 100 9.31 15.30 13.04
N GLY B 101 8.53 15.25 14.12
CA GLY B 101 9.00 15.89 15.31
C GLY B 101 8.11 16.98 15.86
N TRP B 102 7.06 17.36 15.13
CA TRP B 102 6.18 18.40 15.64
C TRP B 102 5.13 17.81 16.55
N LYS B 103 5.03 18.34 17.76
CA LYS B 103 4.08 17.82 18.72
C LYS B 103 2.70 18.41 18.49
N VAL B 104 1.89 17.74 17.67
CA VAL B 104 0.53 18.18 17.38
C VAL B 104 -0.48 17.16 17.87
N GLU B 105 -1.74 17.56 17.97
CA GLU B 105 -2.82 16.69 18.43
C GLU B 105 -3.07 15.55 17.41
N GLU B 106 -3.73 14.46 17.82
CA GLU B 106 -4.03 13.30 16.93
C GLU B 106 -5.05 13.67 15.81
N THR B 107 -5.94 14.61 16.13
CA THR B 107 -6.93 15.10 15.18
C THR B 107 -7.23 16.59 15.46
N VAL B 108 -7.11 17.39 14.41
CA VAL B 108 -7.34 18.83 14.51
C VAL B 108 -8.67 19.14 13.85
N LYS B 109 -9.33 20.18 14.33
CA LYS B 109 -10.61 20.52 13.79
C LYS B 109 -10.48 21.61 12.75
N HIS B 110 -11.41 21.59 11.79
CA HIS B 110 -11.47 22.58 10.70
C HIS B 110 -12.79 23.37 10.67
N ASP B 111 -12.64 24.69 10.65
CA ASP B 111 -13.76 25.60 10.66
C ASP B 111 -13.97 26.10 9.28
N TRP B 112 -14.98 25.56 8.65
CA TRP B 112 -15.36 25.93 7.30
C TRP B 112 -15.57 27.43 7.15
N ASP B 113 -16.54 27.95 7.86
CA ASP B 113 -16.82 29.37 7.79
C ASP B 113 -15.54 30.17 7.62
N ARG B 114 -14.55 29.90 8.47
CA ARG B 114 -13.28 30.64 8.45
C ARG B 114 -12.52 30.43 7.18
N MET B 115 -12.63 29.25 6.61
CA MET B 115 -11.92 29.01 5.38
C MET B 115 -12.59 29.79 4.32
N ILE B 116 -13.87 29.52 4.12
CA ILE B 116 -14.67 30.16 3.08
C ILE B 116 -14.38 31.64 3.06
N GLU B 117 -14.35 32.20 4.27
CA GLU B 117 -14.12 33.61 4.39
C GLU B 117 -12.79 34.00 3.76
N ALA B 118 -11.73 33.28 4.13
CA ALA B 118 -10.41 33.60 3.62
C ALA B 118 -10.43 33.57 2.14
N VAL B 119 -10.98 32.49 1.62
CA VAL B 119 -11.10 32.28 0.18
C VAL B 119 -11.77 33.45 -0.50
N GLN B 120 -12.92 33.83 0.05
CA GLN B 120 -13.68 34.94 -0.49
C GLN B 120 -12.94 36.28 -0.41
N ASN B 121 -12.17 36.45 0.66
CA ASN B 121 -11.44 37.70 0.82
C ASN B 121 -10.37 37.89 -0.22
N HIS B 122 -9.85 36.78 -0.73
CA HIS B 122 -8.82 36.85 -1.78
C HIS B 122 -9.45 37.11 -3.15
N ILE B 123 -10.53 36.38 -3.46
CA ILE B 123 -11.22 36.59 -4.70
C ILE B 123 -11.58 38.04 -4.81
N GLY B 124 -12.07 38.61 -3.74
CA GLY B 124 -12.38 40.03 -3.82
C GLY B 124 -11.21 40.82 -4.40
N SER B 125 -10.10 40.81 -3.70
CA SER B 125 -8.91 41.50 -4.15
C SER B 125 -8.72 41.19 -5.62
N LEU B 126 -8.92 39.95 -6.01
CA LEU B 126 -8.81 39.64 -7.44
C LEU B 126 -9.84 40.45 -8.24
N ASN B 127 -11.09 40.44 -7.78
CA ASN B 127 -12.19 41.18 -8.43
C ASN B 127 -11.72 42.59 -8.68
N TRP B 128 -11.44 43.27 -7.57
CA TRP B 128 -11.04 44.66 -7.60
C TRP B 128 -9.72 44.91 -8.25
N GLY B 129 -8.88 43.91 -8.25
CA GLY B 129 -7.64 44.12 -8.94
C GLY B 129 -7.90 44.33 -10.42
N TYR B 130 -8.66 43.40 -11.01
CA TYR B 130 -9.00 43.44 -12.45
C TYR B 130 -9.63 44.72 -12.81
N ARG B 131 -10.49 45.19 -11.92
CA ARG B 131 -11.21 46.43 -12.12
C ARG B 131 -10.26 47.56 -12.38
N VAL B 132 -9.37 47.71 -11.43
CA VAL B 132 -8.34 48.70 -11.47
C VAL B 132 -7.51 48.43 -12.70
N ALA B 133 -7.11 47.18 -12.87
CA ALA B 133 -6.30 46.81 -14.03
C ALA B 133 -6.85 47.41 -15.32
N LEU B 134 -8.17 47.34 -15.47
CA LEU B 134 -8.75 47.84 -16.69
C LEU B 134 -8.66 49.32 -16.59
N ARG B 135 -9.08 49.87 -15.47
CA ARG B 135 -9.10 51.31 -15.32
C ARG B 135 -7.83 52.01 -15.79
N GLU B 136 -6.71 51.53 -15.28
CA GLU B 136 -5.41 52.12 -15.60
C GLU B 136 -5.00 51.93 -17.05
N LYS B 137 -5.44 50.82 -17.65
CA LYS B 137 -5.09 50.50 -19.03
C LYS B 137 -6.01 51.23 -20.00
N LYS B 138 -6.83 52.09 -19.44
CA LYS B 138 -7.75 52.91 -20.22
C LYS B 138 -8.68 52.06 -21.08
N VAL B 139 -9.34 51.11 -20.43
CA VAL B 139 -10.30 50.25 -21.06
C VAL B 139 -11.58 50.59 -20.30
N VAL B 140 -12.70 50.60 -21.01
CA VAL B 140 -14.01 50.91 -20.43
C VAL B 140 -14.74 49.67 -19.98
N TYR B 141 -15.19 49.62 -18.72
CA TYR B 141 -15.95 48.44 -18.31
C TYR B 141 -17.31 48.75 -17.78
N GLU B 142 -18.30 48.02 -18.31
CA GLU B 142 -19.70 48.16 -17.90
C GLU B 142 -20.20 46.80 -17.40
N ASN B 143 -20.74 46.86 -16.20
CA ASN B 143 -21.28 45.71 -15.50
C ASN B 143 -22.66 45.44 -16.08
N ALA B 144 -22.68 45.01 -17.34
CA ALA B 144 -23.94 44.77 -18.02
C ALA B 144 -23.99 43.54 -18.89
N TYR B 145 -25.21 43.09 -19.14
CA TYR B 145 -25.46 41.92 -19.93
C TYR B 145 -25.39 42.35 -21.33
N GLY B 146 -24.68 41.64 -22.20
CA GLY B 146 -24.56 42.13 -23.57
C GLY B 146 -25.33 41.21 -24.44
N GLN B 147 -25.96 41.74 -25.48
CA GLN B 147 -26.78 40.98 -26.47
C GLN B 147 -26.67 41.70 -27.79
N PHE B 148 -26.36 40.97 -28.84
CA PHE B 148 -26.27 41.57 -30.15
C PHE B 148 -27.72 41.94 -30.64
N ILE B 149 -27.87 43.10 -31.27
CA ILE B 149 -29.19 43.43 -31.77
C ILE B 149 -29.17 43.49 -33.29
N GLY B 150 -28.01 43.83 -33.86
CA GLY B 150 -27.90 43.90 -35.29
C GLY B 150 -26.45 44.12 -35.62
N PRO B 151 -26.08 44.11 -36.90
CA PRO B 151 -24.69 44.31 -37.32
C PRO B 151 -23.98 45.41 -36.52
N HIS B 152 -22.77 45.12 -36.01
CA HIS B 152 -21.92 46.06 -35.24
C HIS B 152 -22.65 46.79 -34.13
N ARG B 153 -23.72 46.21 -33.61
CA ARG B 153 -24.47 46.85 -32.54
C ARG B 153 -24.80 45.87 -31.44
N ILE B 154 -24.63 46.32 -30.19
CA ILE B 154 -24.93 45.46 -29.06
C ILE B 154 -25.79 46.15 -27.99
N LYS B 155 -26.65 45.41 -27.32
CA LYS B 155 -27.53 46.00 -26.31
C LYS B 155 -27.14 45.57 -24.93
N ALA B 156 -26.63 46.54 -24.18
CA ALA B 156 -26.16 46.34 -22.82
C ALA B 156 -27.20 46.67 -21.80
N THR B 157 -27.79 45.64 -21.21
CA THR B 157 -28.76 45.87 -20.13
C THR B 157 -28.02 45.80 -18.80
N ASN B 158 -28.29 46.75 -17.92
CA ASN B 158 -27.63 46.74 -16.67
C ASN B 158 -28.42 45.98 -15.65
N ASN B 159 -28.04 46.14 -14.40
CA ASN B 159 -28.70 45.45 -13.32
C ASN B 159 -30.09 45.89 -12.95
N LYS B 160 -30.36 47.19 -12.98
CA LYS B 160 -31.70 47.60 -12.60
C LYS B 160 -32.68 47.56 -13.82
N GLY B 161 -32.13 47.17 -14.95
CA GLY B 161 -32.93 47.04 -16.13
C GLY B 161 -32.71 48.05 -17.23
N LYS B 162 -32.07 49.18 -16.93
CA LYS B 162 -31.86 50.21 -17.96
C LYS B 162 -30.98 49.64 -19.07
N GLU B 163 -31.25 50.03 -20.30
CA GLU B 163 -30.45 49.50 -21.41
C GLU B 163 -29.62 50.60 -22.01
N LYS B 164 -28.90 50.27 -23.09
CA LYS B 164 -28.06 51.23 -23.78
C LYS B 164 -27.48 50.53 -25.03
N ILE B 165 -27.18 51.26 -26.07
CA ILE B 165 -26.70 50.62 -27.28
C ILE B 165 -25.29 51.07 -27.66
N TYR B 166 -24.42 50.13 -28.02
CA TYR B 166 -23.05 50.45 -28.43
C TYR B 166 -22.77 49.86 -29.79
N SER B 167 -21.72 50.38 -30.44
CA SER B 167 -21.30 49.88 -31.74
C SER B 167 -19.78 49.75 -31.76
N ALA B 168 -19.25 48.76 -32.49
CA ALA B 168 -17.80 48.63 -32.57
C ALA B 168 -17.41 47.98 -33.86
N GLU B 169 -16.25 48.37 -34.38
CA GLU B 169 -15.73 47.84 -35.63
C GLU B 169 -15.45 46.35 -35.53
N ARG B 170 -15.36 45.82 -34.31
CA ARG B 170 -15.15 44.39 -34.13
C ARG B 170 -15.60 43.95 -32.76
N PHE B 171 -15.98 42.69 -32.69
CA PHE B 171 -16.39 42.16 -31.41
C PHE B 171 -15.66 40.86 -30.98
N LEU B 172 -15.65 40.64 -29.67
CA LEU B 172 -15.06 39.45 -29.15
C LEU B 172 -16.00 38.75 -28.18
N ILE B 173 -16.31 37.51 -28.50
CA ILE B 173 -17.18 36.76 -27.63
C ILE B 173 -16.35 35.98 -26.63
N ALA B 174 -16.54 36.24 -25.33
CA ALA B 174 -15.81 35.50 -24.30
C ALA B 174 -16.74 35.32 -23.14
N THR B 175 -17.84 34.62 -23.36
CA THR B 175 -18.86 34.46 -22.33
C THR B 175 -18.72 33.20 -21.51
N GLY B 176 -18.01 32.25 -22.11
CA GLY B 176 -17.81 30.98 -21.44
C GLY B 176 -19.08 30.30 -20.96
N GLU B 177 -18.95 29.14 -20.36
CA GLU B 177 -20.07 28.36 -19.90
C GLU B 177 -20.69 28.61 -18.57
N ARG B 178 -21.35 27.59 -17.99
CA ARG B 178 -22.00 27.60 -16.65
C ARG B 178 -22.46 26.17 -16.28
N PRO B 179 -22.54 25.83 -14.96
CA PRO B 179 -22.92 24.49 -14.51
C PRO B 179 -24.23 24.05 -15.08
N ARG B 180 -24.27 22.82 -15.60
CA ARG B 180 -25.49 22.24 -16.14
C ARG B 180 -26.26 21.46 -15.07
N TYR B 181 -27.59 21.40 -15.22
CA TYR B 181 -28.45 20.67 -14.27
C TYR B 181 -29.07 19.40 -14.85
N LEU B 182 -29.59 18.55 -14.00
CA LEU B 182 -30.13 17.30 -14.52
C LEU B 182 -31.43 17.40 -15.30
N GLY B 183 -32.46 18.00 -14.71
CA GLY B 183 -33.72 18.12 -15.42
C GLY B 183 -34.61 17.17 -14.67
N ILE B 184 -34.40 17.13 -13.36
CA ILE B 184 -35.20 16.27 -12.55
C ILE B 184 -35.70 17.11 -11.43
N PRO B 185 -36.80 16.69 -10.81
CA PRO B 185 -37.47 17.35 -9.69
C PRO B 185 -36.59 17.49 -8.48
N GLY B 186 -36.49 18.71 -8.00
CA GLY B 186 -35.65 18.95 -6.84
C GLY B 186 -34.27 19.54 -7.08
N ASP B 187 -33.73 19.45 -8.30
CA ASP B 187 -32.40 19.98 -8.50
C ASP B 187 -32.31 21.48 -8.32
N LYS B 188 -32.59 22.26 -9.36
CA LYS B 188 -32.49 23.72 -9.24
C LYS B 188 -33.01 24.29 -7.91
N GLU B 189 -33.87 23.52 -7.27
CA GLU B 189 -34.45 23.96 -6.02
C GLU B 189 -33.76 23.50 -4.76
N TYR B 190 -33.11 22.34 -4.77
CA TYR B 190 -32.43 21.84 -3.55
C TYR B 190 -30.93 21.53 -3.66
N CYS B 191 -30.46 21.42 -4.90
CA CYS B 191 -29.07 21.13 -5.21
C CYS B 191 -28.17 22.36 -5.48
N ILE B 192 -26.88 22.21 -5.17
CA ILE B 192 -25.90 23.26 -5.47
C ILE B 192 -24.89 22.81 -6.54
N SER B 193 -24.24 23.80 -7.14
CA SER B 193 -23.23 23.56 -8.16
C SER B 193 -21.92 24.25 -7.76
N SER B 194 -20.91 24.05 -8.60
CA SER B 194 -19.63 24.64 -8.32
C SER B 194 -19.83 26.13 -8.04
N ASP B 195 -20.75 26.78 -8.74
CA ASP B 195 -20.96 28.19 -8.54
C ASP B 195 -21.37 28.47 -7.13
N ASP B 196 -22.22 27.64 -6.56
CA ASP B 196 -22.66 27.93 -5.21
C ASP B 196 -21.70 27.56 -4.12
N LEU B 197 -20.91 26.54 -4.35
CA LEU B 197 -20.01 26.02 -3.34
C LEU B 197 -19.01 26.90 -2.69
N PHE B 198 -18.12 27.48 -3.48
CA PHE B 198 -17.05 28.30 -2.94
C PHE B 198 -17.44 29.51 -2.13
N SER B 199 -18.67 29.56 -1.66
CA SER B 199 -19.14 30.69 -0.88
C SER B 199 -20.23 30.18 0.03
N LEU B 200 -20.58 28.91 -0.14
CA LEU B 200 -21.62 28.31 0.68
C LEU B 200 -21.43 28.83 2.07
N PRO B 201 -22.46 29.36 2.73
CA PRO B 201 -22.10 29.82 4.06
C PRO B 201 -22.41 28.85 5.18
N TYR B 202 -22.11 27.56 4.99
CA TYR B 202 -22.33 26.58 6.04
C TYR B 202 -21.70 25.14 5.78
N CYS B 203 -20.92 24.61 6.73
CA CYS B 203 -20.30 23.26 6.58
C CYS B 203 -21.33 22.42 5.84
N PRO B 204 -21.06 22.10 4.58
CA PRO B 204 -21.98 21.31 3.78
C PRO B 204 -22.43 19.99 4.41
N GLY B 205 -21.75 19.54 5.46
CA GLY B 205 -22.13 18.28 6.09
C GLY B 205 -22.10 17.10 5.12
N LYS B 206 -22.77 16.00 5.48
CA LYS B 206 -22.77 14.82 4.60
C LYS B 206 -23.10 15.31 3.24
N THR B 207 -22.18 15.18 2.30
CA THR B 207 -22.40 15.65 0.96
C THR B 207 -22.48 14.54 -0.04
N LEU B 208 -23.04 14.83 -1.21
CA LEU B 208 -23.14 13.87 -2.27
C LEU B 208 -22.72 14.66 -3.49
N VAL B 209 -21.76 14.17 -4.28
CA VAL B 209 -21.39 14.86 -5.50
C VAL B 209 -21.73 14.05 -6.71
N VAL B 210 -22.76 14.48 -7.44
CA VAL B 210 -23.18 13.79 -8.66
C VAL B 210 -22.29 14.15 -9.84
N GLY B 211 -21.56 13.15 -10.32
CA GLY B 211 -20.66 13.36 -11.47
C GLY B 211 -19.27 12.75 -11.36
N ALA B 212 -18.58 12.67 -12.50
CA ALA B 212 -17.26 12.12 -12.49
C ALA B 212 -16.41 12.96 -13.39
N SER B 213 -16.46 14.28 -13.21
CA SER B 213 -15.64 15.20 -14.02
C SER B 213 -14.53 15.64 -13.11
N TYR B 214 -13.53 16.28 -13.69
CA TYR B 214 -12.45 16.72 -12.85
C TYR B 214 -13.11 17.52 -11.73
N VAL B 215 -13.84 18.57 -12.05
CA VAL B 215 -14.57 19.36 -11.04
C VAL B 215 -15.18 18.50 -9.95
N ALA B 216 -15.82 17.41 -10.36
CA ALA B 216 -16.53 16.53 -9.43
C ALA B 216 -15.60 15.96 -8.41
N LEU B 217 -14.68 15.17 -8.90
CA LEU B 217 -13.67 14.52 -8.11
C LEU B 217 -12.85 15.54 -7.30
N GLU B 218 -12.39 16.63 -7.91
CA GLU B 218 -11.62 17.66 -7.22
C GLU B 218 -12.31 18.14 -6.00
N CYS B 219 -13.56 18.53 -6.15
CA CYS B 219 -14.33 19.01 -5.02
C CYS B 219 -14.57 17.91 -4.02
N ALA B 220 -15.05 16.77 -4.51
CA ALA B 220 -15.34 15.62 -3.66
C ALA B 220 -14.08 15.38 -2.88
N GLY B 221 -12.98 15.56 -3.58
CA GLY B 221 -11.68 15.40 -2.98
C GLY B 221 -11.45 16.33 -1.82
N PHE B 222 -11.46 17.64 -2.00
CA PHE B 222 -11.19 18.47 -0.83
C PHE B 222 -12.27 18.43 0.22
N LEU B 223 -13.50 18.31 -0.22
CA LEU B 223 -14.53 18.25 0.77
C LEU B 223 -14.21 17.08 1.69
N ALA B 224 -13.85 15.94 1.11
CA ALA B 224 -13.50 14.79 1.93
C ALA B 224 -12.26 15.08 2.82
N GLY B 225 -11.33 15.86 2.24
CA GLY B 225 -10.09 16.24 2.88
C GLY B 225 -10.18 17.16 4.08
N ILE B 226 -11.30 17.81 4.29
CA ILE B 226 -11.41 18.61 5.47
C ILE B 226 -12.31 17.90 6.48
N GLY B 227 -12.66 16.65 6.18
CA GLY B 227 -13.44 15.86 7.13
C GLY B 227 -14.84 15.45 6.78
N LEU B 228 -15.46 16.17 5.86
CA LEU B 228 -16.85 15.89 5.50
C LEU B 228 -17.22 14.52 4.94
N ASP B 229 -18.34 13.96 5.36
CA ASP B 229 -18.76 12.66 4.82
C ASP B 229 -19.10 12.85 3.34
N VAL B 230 -18.26 12.36 2.46
CA VAL B 230 -18.51 12.55 1.05
C VAL B 230 -18.87 11.31 0.25
N THR B 231 -19.84 11.43 -0.65
CA THR B 231 -20.16 10.30 -1.52
C THR B 231 -20.26 10.77 -2.95
N VAL B 232 -19.82 9.94 -3.90
CA VAL B 232 -19.83 10.27 -5.31
C VAL B 232 -20.62 9.28 -6.14
N MET B 233 -21.50 9.82 -6.98
CA MET B 233 -22.31 8.96 -7.80
C MET B 233 -21.81 9.15 -9.21
N VAL B 234 -21.57 8.03 -9.90
CA VAL B 234 -21.10 8.11 -11.26
C VAL B 234 -22.00 7.43 -12.27
N ARG B 235 -22.28 8.10 -13.38
CA ARG B 235 -23.13 7.51 -14.41
C ARG B 235 -22.36 6.31 -14.93
N SER B 236 -21.24 6.57 -15.60
CA SER B 236 -20.44 5.45 -16.12
C SER B 236 -19.00 5.44 -15.58
N ILE B 237 -18.07 5.93 -16.39
CA ILE B 237 -16.67 6.02 -16.08
C ILE B 237 -16.29 7.39 -15.43
N LEU B 238 -15.05 7.43 -14.91
CA LEU B 238 -14.45 8.60 -14.29
C LEU B 238 -13.52 9.32 -15.27
N LEU B 239 -13.63 10.63 -15.32
CA LEU B 239 -12.80 11.42 -16.22
C LEU B 239 -12.82 10.98 -17.69
N ARG B 240 -14.03 10.84 -18.24
CA ARG B 240 -14.17 10.44 -19.63
C ARG B 240 -13.37 11.47 -20.38
N GLY B 241 -12.54 11.01 -21.31
CA GLY B 241 -11.72 11.95 -22.04
C GLY B 241 -10.29 11.80 -21.55
N PHE B 242 -10.12 11.49 -20.26
CA PHE B 242 -8.78 11.33 -19.74
C PHE B 242 -8.28 9.91 -19.90
N ASP B 243 -6.97 9.72 -19.71
CA ASP B 243 -6.34 8.43 -19.76
C ASP B 243 -7.13 7.58 -18.79
N GLN B 244 -7.85 6.59 -19.29
CA GLN B 244 -8.65 5.82 -18.38
C GLN B 244 -7.83 5.09 -17.36
N ASP B 245 -6.60 4.76 -17.71
CA ASP B 245 -5.80 4.04 -16.72
C ASP B 245 -5.49 4.97 -15.56
N MET B 246 -5.04 6.15 -15.91
CA MET B 246 -4.73 7.15 -14.93
C MET B 246 -5.95 7.45 -14.09
N ALA B 247 -7.09 7.58 -14.74
CA ALA B 247 -8.32 7.86 -14.04
C ALA B 247 -8.60 6.84 -12.93
N ASN B 248 -8.69 5.54 -13.30
CA ASN B 248 -8.96 4.44 -12.37
C ASN B 248 -8.12 4.57 -11.09
N LYS B 249 -6.83 4.84 -11.27
CA LYS B 249 -5.86 4.99 -10.19
C LYS B 249 -6.24 6.11 -9.26
N ILE B 250 -6.79 7.18 -9.85
CA ILE B 250 -7.28 8.36 -9.11
C ILE B 250 -8.48 7.94 -8.28
N GLY B 251 -9.39 7.20 -8.90
CA GLY B 251 -10.54 6.76 -8.15
C GLY B 251 -10.08 5.82 -7.07
N GLU B 252 -9.43 4.71 -7.47
CA GLU B 252 -8.94 3.67 -6.55
C GLU B 252 -8.22 4.30 -5.39
N HIS B 253 -7.66 5.48 -5.61
CA HIS B 253 -6.97 6.18 -4.54
C HIS B 253 -7.96 6.97 -3.69
N MET B 254 -8.95 7.55 -4.36
CA MET B 254 -9.96 8.32 -3.67
C MET B 254 -10.73 7.35 -2.82
N GLU B 255 -11.08 6.19 -3.39
CA GLU B 255 -11.83 5.16 -2.68
C GLU B 255 -11.06 4.78 -1.44
N GLU B 256 -9.73 4.65 -1.59
CA GLU B 256 -8.82 4.26 -0.51
C GLU B 256 -8.67 5.27 0.63
N HIS B 257 -8.90 6.56 0.36
CA HIS B 257 -8.78 7.58 1.41
C HIS B 257 -10.02 8.32 1.90
N GLY B 258 -11.15 7.62 1.98
CA GLY B 258 -12.37 8.20 2.50
C GLY B 258 -13.59 8.23 1.61
N ILE B 259 -13.48 8.98 0.53
CA ILE B 259 -14.54 9.14 -0.41
C ILE B 259 -15.26 7.83 -0.71
N LYS B 260 -16.58 7.87 -0.77
CA LYS B 260 -17.38 6.67 -1.07
C LYS B 260 -17.95 6.79 -2.47
N PHE B 261 -17.92 5.72 -3.26
CA PHE B 261 -18.50 5.85 -4.58
C PHE B 261 -19.70 4.95 -4.80
N ILE B 262 -20.49 5.31 -5.82
CA ILE B 262 -21.68 4.56 -6.23
C ILE B 262 -21.60 4.53 -7.74
N ARG B 263 -21.32 3.35 -8.31
CA ARG B 263 -21.18 3.29 -9.76
C ARG B 263 -22.48 2.98 -10.50
N GLN B 264 -22.61 3.54 -11.69
CA GLN B 264 -23.79 3.34 -12.53
C GLN B 264 -25.12 3.65 -11.81
N PHE B 265 -25.36 4.93 -11.57
CA PHE B 265 -26.58 5.42 -10.92
C PHE B 265 -26.71 6.90 -11.11
N VAL B 266 -27.86 7.33 -11.60
CA VAL B 266 -28.10 8.76 -11.77
C VAL B 266 -29.33 9.06 -10.90
N PRO B 267 -29.36 10.22 -10.23
CA PRO B 267 -30.53 10.53 -9.43
C PRO B 267 -31.70 10.86 -10.32
N ILE B 268 -32.90 10.68 -9.79
CA ILE B 268 -34.13 10.96 -10.55
C ILE B 268 -34.98 12.02 -9.85
N LYS B 269 -34.71 12.24 -8.58
CA LYS B 269 -35.40 13.26 -7.86
C LYS B 269 -34.78 13.51 -6.51
N VAL B 270 -34.82 14.79 -6.13
CA VAL B 270 -34.27 15.27 -4.86
C VAL B 270 -35.40 15.95 -4.05
N GLU B 271 -35.73 15.37 -2.90
CA GLU B 271 -36.78 15.90 -2.05
C GLU B 271 -36.21 16.49 -0.78
N GLN B 272 -36.78 17.60 -0.33
CA GLN B 272 -36.35 18.26 0.90
C GLN B 272 -37.00 17.67 2.15
N ILE B 273 -36.21 17.00 2.98
CA ILE B 273 -36.73 16.39 4.18
C ILE B 273 -36.81 17.44 5.25
N GLU B 274 -36.17 18.57 5.02
CA GLU B 274 -36.17 19.64 6.02
C GLU B 274 -35.18 20.69 5.57
N ALA B 275 -35.48 21.96 5.82
CA ALA B 275 -34.55 23.00 5.40
C ALA B 275 -33.67 23.35 6.58
N GLY B 276 -32.56 24.03 6.28
CA GLY B 276 -31.63 24.43 7.33
C GLY B 276 -30.28 24.82 6.77
N THR B 277 -29.34 25.08 7.68
CA THR B 277 -27.99 25.48 7.31
C THR B 277 -26.97 24.50 7.89
N PRO B 278 -26.91 23.29 7.32
CA PRO B 278 -27.70 22.77 6.22
C PRO B 278 -28.91 21.98 6.65
N GLY B 279 -29.70 21.51 5.69
CA GLY B 279 -30.86 20.71 6.03
C GLY B 279 -30.61 19.24 5.79
N ARG B 280 -31.68 18.49 5.59
CA ARG B 280 -31.59 17.06 5.29
C ARG B 280 -32.30 16.90 3.92
N LEU B 281 -31.81 16.06 3.02
CA LEU B 281 -32.48 15.85 1.74
C LEU B 281 -32.45 14.40 1.38
N ARG B 282 -33.43 13.96 0.60
CA ARG B 282 -33.50 12.58 0.16
C ARG B 282 -33.10 12.58 -1.29
N VAL B 283 -32.30 11.61 -1.71
CA VAL B 283 -31.93 11.56 -3.12
C VAL B 283 -32.27 10.20 -3.63
N VAL B 284 -33.17 10.19 -4.59
CA VAL B 284 -33.64 8.95 -5.18
C VAL B 284 -32.95 8.70 -6.51
N ALA B 285 -32.24 7.58 -6.63
CA ALA B 285 -31.54 7.31 -7.88
C ALA B 285 -31.89 5.98 -8.50
N GLN B 286 -31.77 5.94 -9.83
CA GLN B 286 -32.09 4.77 -10.66
C GLN B 286 -30.80 4.29 -11.29
N SER B 287 -30.53 2.99 -11.21
CA SER B 287 -29.32 2.46 -11.81
C SER B 287 -29.40 2.60 -13.32
N THR B 288 -28.31 2.35 -14.03
CA THR B 288 -28.35 2.49 -15.46
C THR B 288 -28.30 1.13 -16.16
N ASN B 289 -27.89 0.13 -15.38
CA ASN B 289 -27.77 -1.22 -15.90
C ASN B 289 -29.02 -2.03 -15.56
N SER B 290 -29.83 -1.52 -14.65
CA SER B 290 -31.03 -2.25 -14.29
C SER B 290 -32.17 -1.26 -14.09
N GLU B 291 -33.16 -1.65 -13.31
CA GLU B 291 -34.25 -0.73 -13.06
C GLU B 291 -34.34 -0.59 -11.55
N GLU B 292 -33.27 -0.97 -10.86
CA GLU B 292 -33.26 -0.85 -9.41
C GLU B 292 -33.31 0.62 -9.04
N ILE B 293 -33.69 0.89 -7.81
CA ILE B 293 -33.79 2.26 -7.32
C ILE B 293 -33.40 2.36 -5.87
N ILE B 294 -32.51 3.32 -5.55
CA ILE B 294 -32.05 3.51 -4.17
C ILE B 294 -32.33 4.88 -3.62
N GLU B 295 -32.25 5.00 -2.30
CA GLU B 295 -32.47 6.27 -1.67
C GLU B 295 -31.54 6.50 -0.49
N GLY B 296 -31.15 7.74 -0.34
CA GLY B 296 -30.29 8.09 0.77
C GLY B 296 -30.49 9.53 1.11
N GLU B 297 -30.13 9.91 2.33
CA GLU B 297 -30.29 11.29 2.66
C GLU B 297 -28.95 11.85 3.01
N TYR B 298 -28.70 13.03 2.46
CA TYR B 298 -27.45 13.76 2.65
C TYR B 298 -27.74 15.19 3.08
N ASN B 299 -26.73 15.87 3.62
CA ASN B 299 -26.93 17.27 4.02
C ASN B 299 -27.00 18.21 2.80
N THR B 300 -26.16 17.96 1.78
CA THR B 300 -26.19 18.75 0.56
C THR B 300 -25.99 17.85 -0.59
N VAL B 301 -26.24 18.34 -1.80
CA VAL B 301 -26.10 17.55 -3.03
C VAL B 301 -25.59 18.50 -4.08
N MET B 302 -24.40 18.24 -4.58
CA MET B 302 -23.80 19.11 -5.59
C MET B 302 -23.77 18.45 -6.92
N LEU B 303 -24.02 19.23 -7.94
CA LEU B 303 -24.02 18.66 -9.25
C LEU B 303 -22.77 19.05 -10.08
N ALA B 304 -22.12 18.03 -10.64
CA ALA B 304 -20.92 18.22 -11.45
C ALA B 304 -21.06 17.32 -12.62
N ILE B 305 -22.09 17.58 -13.43
CA ILE B 305 -22.37 16.75 -14.57
C ILE B 305 -22.05 17.37 -15.93
N GLY B 306 -21.58 18.61 -15.95
CA GLY B 306 -21.20 19.26 -17.19
C GLY B 306 -21.44 20.75 -17.12
N ARG B 307 -20.91 21.48 -18.09
CA ARG B 307 -21.13 22.91 -18.15
C ARG B 307 -21.61 23.22 -19.58
N ASP B 308 -22.51 24.20 -19.70
CA ASP B 308 -23.07 24.56 -21.00
C ASP B 308 -22.72 25.95 -21.42
N ALA B 309 -22.02 26.06 -22.54
CA ALA B 309 -21.60 27.34 -23.01
C ALA B 309 -22.72 28.38 -23.01
N CYS B 310 -22.40 29.62 -22.68
CA CYS B 310 -23.40 30.66 -22.70
C CYS B 310 -23.40 31.31 -24.05
N THR B 311 -24.01 30.67 -25.04
CA THR B 311 -24.02 31.23 -26.38
C THR B 311 -25.42 31.24 -26.98
N ARG B 312 -26.40 30.93 -26.15
CA ARG B 312 -27.78 30.84 -26.59
C ARG B 312 -28.56 32.13 -26.49
N LYS B 313 -28.17 33.01 -25.58
CA LYS B 313 -28.91 34.21 -25.35
C LYS B 313 -28.18 35.53 -25.53
N ILE B 314 -27.41 35.66 -26.60
CA ILE B 314 -26.68 36.89 -26.82
C ILE B 314 -27.01 37.53 -28.16
N GLY B 315 -27.96 36.93 -28.89
CA GLY B 315 -28.38 37.49 -30.17
C GLY B 315 -27.49 37.17 -31.35
N LEU B 316 -26.97 35.96 -31.32
CA LEU B 316 -26.09 35.60 -32.38
C LEU B 316 -26.76 35.50 -33.74
N GLU B 317 -28.12 35.48 -33.77
CA GLU B 317 -28.89 35.40 -35.03
C GLU B 317 -28.82 36.71 -35.69
N THR B 318 -29.14 37.75 -34.92
CA THR B 318 -29.15 39.14 -35.38
C THR B 318 -27.87 39.65 -36.03
N VAL B 319 -26.82 38.87 -35.97
CA VAL B 319 -25.59 39.35 -36.54
C VAL B 319 -24.97 38.43 -37.55
N GLY B 320 -25.41 37.18 -37.54
CA GLY B 320 -24.90 36.26 -38.54
C GLY B 320 -24.00 35.15 -38.05
N VAL B 321 -23.87 35.01 -36.73
CA VAL B 321 -23.02 33.98 -36.18
C VAL B 321 -23.69 32.60 -36.17
N LYS B 322 -22.97 31.65 -36.75
CA LYS B 322 -23.40 30.27 -36.79
C LYS B 322 -22.59 29.58 -35.65
N ILE B 323 -23.30 28.89 -34.76
CA ILE B 323 -22.74 28.15 -33.65
C ILE B 323 -23.28 26.74 -33.86
N ASN B 324 -22.75 25.75 -33.15
CA ASN B 324 -23.26 24.41 -33.34
C ASN B 324 -24.41 24.26 -32.35
N GLU B 325 -25.62 24.55 -32.80
CA GLU B 325 -26.82 24.49 -31.95
C GLU B 325 -26.97 23.18 -31.12
N LYS B 326 -26.36 22.10 -31.62
CA LYS B 326 -26.42 20.77 -31.00
C LYS B 326 -25.81 20.85 -29.64
N THR B 327 -24.51 21.09 -29.63
CA THR B 327 -23.67 21.19 -28.43
C THR B 327 -23.70 22.54 -27.75
N GLY B 328 -23.27 23.57 -28.47
CA GLY B 328 -23.29 24.91 -27.92
C GLY B 328 -22.08 25.70 -28.31
N LYS B 329 -21.02 24.96 -28.58
CA LYS B 329 -19.77 25.60 -28.93
C LYS B 329 -19.92 26.41 -30.19
N ILE B 330 -18.87 27.14 -30.53
CA ILE B 330 -18.87 28.03 -31.68
C ILE B 330 -17.72 27.64 -32.58
N PRO B 331 -17.98 27.35 -33.86
CA PRO B 331 -16.82 26.97 -34.69
C PRO B 331 -16.00 28.22 -34.97
N VAL B 332 -14.69 28.08 -35.13
CA VAL B 332 -13.85 29.24 -35.49
C VAL B 332 -12.60 28.82 -36.20
N THR B 333 -12.03 29.75 -36.94
CA THR B 333 -10.83 29.45 -37.68
C THR B 333 -9.56 29.38 -36.83
N ASP B 334 -8.44 29.06 -37.48
CA ASP B 334 -7.20 28.95 -36.72
C ASP B 334 -6.72 30.32 -36.32
N GLU B 335 -7.62 31.29 -36.39
CA GLU B 335 -7.33 32.64 -35.95
C GLU B 335 -8.42 33.13 -35.04
N GLU B 336 -9.14 32.16 -34.45
CA GLU B 336 -10.21 32.41 -33.47
C GLU B 336 -11.29 33.36 -34.03
N GLN B 337 -11.51 33.22 -35.33
CA GLN B 337 -12.46 34.02 -36.07
C GLN B 337 -13.69 33.17 -36.31
N THR B 338 -14.88 33.80 -36.26
CA THR B 338 -16.12 33.07 -36.53
C THR B 338 -16.39 33.10 -38.03
N ASN B 339 -17.63 32.84 -38.40
CA ASN B 339 -17.99 32.89 -39.79
C ASN B 339 -18.23 34.34 -40.15
N VAL B 340 -18.40 35.21 -39.16
CA VAL B 340 -18.61 36.65 -39.40
C VAL B 340 -17.28 37.35 -39.13
N PRO B 341 -16.64 37.88 -40.18
CA PRO B 341 -15.36 38.58 -40.21
C PRO B 341 -15.03 39.60 -39.11
N TYR B 342 -16.05 40.18 -38.50
CA TYR B 342 -15.80 41.16 -37.47
C TYR B 342 -16.16 40.66 -36.09
N ILE B 343 -16.52 39.41 -35.98
CA ILE B 343 -16.79 38.89 -34.66
C ILE B 343 -15.93 37.68 -34.39
N TYR B 344 -15.18 37.73 -33.27
CA TYR B 344 -14.29 36.64 -32.85
C TYR B 344 -14.71 36.13 -31.51
N ALA B 345 -14.30 34.88 -31.23
CA ALA B 345 -14.61 34.24 -29.94
C ALA B 345 -13.39 33.43 -29.44
N ILE B 346 -13.21 33.47 -28.12
CA ILE B 346 -12.08 32.81 -27.46
C ILE B 346 -12.48 32.16 -26.15
N GLY B 347 -11.92 31.03 -25.82
CA GLY B 347 -12.36 30.49 -24.55
C GLY B 347 -13.13 29.22 -24.52
N ASP B 348 -13.78 28.96 -23.38
CA ASP B 348 -14.53 27.73 -23.19
C ASP B 348 -15.61 27.49 -24.23
N ILE B 349 -16.12 28.58 -24.79
CA ILE B 349 -17.21 28.47 -25.72
C ILE B 349 -16.73 28.09 -27.05
N LEU B 350 -15.50 27.64 -27.26
CA LEU B 350 -15.15 27.23 -28.62
C LEU B 350 -15.38 25.75 -28.91
N GLU B 351 -15.64 25.46 -30.17
CA GLU B 351 -15.93 24.13 -30.62
C GLU B 351 -14.69 23.35 -30.82
N ASP B 352 -14.63 22.16 -30.23
CA ASP B 352 -13.44 21.31 -30.36
C ASP B 352 -12.08 21.97 -29.99
N LYS B 353 -11.91 22.42 -28.77
CA LYS B 353 -10.63 23.02 -28.47
C LYS B 353 -10.14 22.62 -27.08
N VAL B 354 -9.84 23.62 -26.25
CA VAL B 354 -9.37 23.36 -24.90
C VAL B 354 -10.02 24.34 -23.93
N GLU B 355 -10.66 23.78 -22.89
CA GLU B 355 -11.39 24.55 -21.92
C GLU B 355 -10.63 24.82 -20.65
N LEU B 356 -9.53 25.55 -20.74
CA LEU B 356 -8.68 25.85 -19.57
C LEU B 356 -8.36 27.35 -19.58
N THR B 357 -8.03 27.91 -18.44
CA THR B 357 -7.77 29.34 -18.39
C THR B 357 -6.59 29.87 -19.14
N PRO B 358 -5.46 29.29 -18.99
CA PRO B 358 -4.26 29.74 -19.68
C PRO B 358 -4.39 29.79 -21.18
N VAL B 359 -5.12 28.81 -21.71
CA VAL B 359 -5.32 28.74 -23.14
C VAL B 359 -6.18 29.89 -23.60
N ALA B 360 -7.27 30.16 -22.89
CA ALA B 360 -8.11 31.29 -23.21
C ALA B 360 -7.32 32.60 -23.16
N ILE B 361 -6.52 32.75 -22.13
CA ILE B 361 -5.73 33.96 -21.99
C ILE B 361 -4.76 34.14 -23.12
N GLN B 362 -4.16 33.03 -23.58
CA GLN B 362 -3.19 33.07 -24.70
C GLN B 362 -3.96 33.54 -25.91
N ALA B 363 -5.02 32.80 -26.27
CA ALA B 363 -5.86 33.14 -27.42
C ALA B 363 -6.22 34.62 -27.41
N GLY B 364 -6.76 35.11 -26.30
CA GLY B 364 -7.10 36.51 -26.25
C GLY B 364 -5.89 37.43 -26.50
N ARG B 365 -4.80 37.18 -25.78
CA ARG B 365 -3.57 37.96 -25.89
C ARG B 365 -3.12 37.89 -27.33
N LEU B 366 -2.82 36.71 -27.79
CA LEU B 366 -2.39 36.54 -29.16
C LEU B 366 -3.28 37.12 -30.23
N LEU B 367 -4.59 37.16 -30.00
CA LEU B 367 -5.46 37.71 -30.98
C LEU B 367 -5.15 39.17 -31.07
N ALA B 368 -5.37 39.87 -29.96
CA ALA B 368 -5.15 41.31 -29.92
C ALA B 368 -3.93 41.66 -30.73
N GLN B 369 -2.88 40.87 -30.53
CA GLN B 369 -1.63 41.08 -31.22
C GLN B 369 -1.70 40.82 -32.71
N ARG B 370 -2.30 39.68 -33.06
CA ARG B 370 -2.46 39.27 -34.46
C ARG B 370 -3.28 40.33 -35.14
N LEU B 371 -4.22 40.88 -34.41
CA LEU B 371 -5.10 41.90 -34.94
C LEU B 371 -4.46 43.30 -35.08
N TYR B 372 -4.21 43.91 -33.92
CA TYR B 372 -3.68 45.25 -33.84
C TYR B 372 -2.14 45.43 -33.70
N ALA B 373 -1.35 44.38 -33.85
CA ALA B 373 0.08 44.58 -33.72
C ALA B 373 0.86 43.90 -34.84
N GLY B 374 0.15 43.46 -35.88
CA GLY B 374 0.79 42.84 -37.00
C GLY B 374 1.37 41.48 -36.70
N SER B 375 1.05 40.95 -35.53
CA SER B 375 1.54 39.63 -35.17
C SER B 375 0.96 38.67 -36.18
N THR B 376 1.54 37.49 -36.23
CA THR B 376 1.05 36.48 -37.15
C THR B 376 1.09 35.17 -36.43
N VAL B 377 1.22 35.23 -35.12
CA VAL B 377 1.31 34.02 -34.32
C VAL B 377 -0.05 33.48 -33.94
N LYS B 378 -0.28 32.22 -34.25
CA LYS B 378 -1.55 31.57 -33.95
C LYS B 378 -1.46 30.94 -32.56
N CYS B 379 -2.55 30.82 -31.80
CA CYS B 379 -2.42 30.13 -30.52
C CYS B 379 -2.43 28.63 -30.79
N ASP B 380 -1.42 27.87 -30.36
CA ASP B 380 -1.40 26.43 -30.61
C ASP B 380 -2.21 25.69 -29.59
N TYR B 381 -3.14 24.85 -30.02
CA TYR B 381 -3.94 24.10 -29.05
C TYR B 381 -3.49 22.64 -28.95
N GLU B 382 -2.44 22.29 -29.69
CA GLU B 382 -1.95 20.92 -29.64
C GLU B 382 -1.05 20.69 -28.42
N ASN B 383 -1.23 19.54 -27.77
CA ASN B 383 -0.41 19.19 -26.60
C ASN B 383 -0.47 20.26 -25.52
N VAL B 384 -1.61 20.36 -24.85
CA VAL B 384 -1.71 21.33 -23.80
C VAL B 384 -1.73 20.63 -22.46
N PRO B 385 -0.78 21.01 -21.59
CA PRO B 385 -0.62 20.48 -20.25
C PRO B 385 -1.85 20.76 -19.42
N THR B 386 -2.09 19.98 -18.38
CA THR B 386 -3.27 20.18 -17.54
C THR B 386 -3.12 19.40 -16.28
N THR B 387 -3.76 19.81 -15.22
CA THR B 387 -3.66 19.01 -14.00
C THR B 387 -4.97 18.98 -13.30
N VAL B 388 -5.26 17.83 -12.72
CA VAL B 388 -6.48 17.65 -11.98
C VAL B 388 -6.05 17.51 -10.54
N PHE B 389 -6.55 18.43 -9.71
CA PHE B 389 -6.25 18.52 -8.30
C PHE B 389 -7.09 17.73 -7.36
N THR B 390 -7.06 16.43 -7.59
CA THR B 390 -7.76 15.51 -6.74
C THR B 390 -6.81 15.24 -5.56
N PRO B 391 -7.31 14.63 -4.47
CA PRO B 391 -6.41 14.38 -3.33
C PRO B 391 -5.03 13.98 -3.78
N LEU B 392 -4.94 13.23 -4.88
CA LEU B 392 -3.65 12.80 -5.40
C LEU B 392 -3.41 13.41 -6.78
N GLU B 393 -2.89 14.64 -6.86
CA GLU B 393 -2.69 15.29 -8.16
C GLU B 393 -2.32 14.39 -9.31
N TYR B 394 -2.67 14.82 -10.52
CA TYR B 394 -2.39 14.09 -11.75
C TYR B 394 -2.28 15.08 -12.85
N GLY B 395 -1.11 15.24 -13.41
CA GLY B 395 -0.94 16.18 -14.50
C GLY B 395 -0.60 15.38 -15.72
N ALA B 396 -0.93 15.86 -16.92
CA ALA B 396 -0.63 15.13 -18.14
C ALA B 396 -0.47 16.07 -19.30
N CYS B 397 0.22 15.61 -20.32
CA CYS B 397 0.44 16.41 -21.47
C CYS B 397 0.47 15.50 -22.66
N GLY B 398 -0.25 15.91 -23.72
CA GLY B 398 -0.31 15.12 -24.95
C GLY B 398 -1.31 13.98 -24.95
N LEU B 399 -1.02 12.97 -25.77
CA LEU B 399 -1.90 11.83 -25.92
C LEU B 399 -2.10 10.93 -24.74
N SER B 400 -3.30 10.40 -24.58
CA SER B 400 -3.51 9.46 -23.49
C SER B 400 -2.93 8.18 -24.05
N GLU B 401 -3.03 7.08 -23.32
CA GLU B 401 -2.48 5.84 -23.87
C GLU B 401 -3.38 5.40 -24.98
N GLU B 402 -4.68 5.30 -24.65
CA GLU B 402 -5.70 4.90 -25.58
C GLU B 402 -5.64 5.75 -26.79
N LYS B 403 -5.98 7.00 -26.67
CA LYS B 403 -5.97 7.84 -27.83
C LYS B 403 -4.64 7.78 -28.57
N ALA B 404 -3.58 7.35 -27.90
CA ALA B 404 -2.25 7.32 -28.52
C ALA B 404 -2.13 6.18 -29.47
N VAL B 405 -2.45 5.00 -28.94
CA VAL B 405 -2.43 3.75 -29.67
C VAL B 405 -3.28 3.96 -30.93
N GLU B 406 -4.51 4.43 -30.69
CA GLU B 406 -5.47 4.71 -31.71
C GLU B 406 -4.96 5.66 -32.79
N LYS B 407 -3.83 6.31 -32.59
CA LYS B 407 -3.37 7.23 -33.64
C LYS B 407 -2.17 6.70 -34.44
N PHE B 408 -1.43 5.78 -33.84
CA PHE B 408 -0.24 5.21 -34.44
C PHE B 408 -0.20 3.70 -34.50
N GLY B 409 -1.02 3.04 -33.66
CA GLY B 409 -1.11 1.59 -33.66
C GLY B 409 -0.26 0.82 -32.68
N GLU B 410 -0.92 -0.04 -31.90
CA GLU B 410 -0.24 -0.82 -30.87
C GLU B 410 1.18 -1.27 -31.19
N GLU B 411 1.48 -1.50 -32.46
CA GLU B 411 2.83 -1.94 -32.78
C GLU B 411 3.86 -0.80 -32.82
N ASN B 412 3.40 0.43 -32.99
CA ASN B 412 4.35 1.55 -33.07
C ASN B 412 4.44 2.42 -31.82
N ILE B 413 3.81 1.96 -30.76
CA ILE B 413 3.78 2.73 -29.53
C ILE B 413 4.32 1.91 -28.36
N GLU B 414 5.31 2.47 -27.66
CA GLU B 414 5.89 1.80 -26.51
C GLU B 414 5.58 2.64 -25.29
N VAL B 415 5.21 1.98 -24.18
CA VAL B 415 4.82 2.64 -22.95
C VAL B 415 5.74 2.32 -21.79
N TYR B 416 6.51 3.31 -21.33
CA TYR B 416 7.37 3.10 -20.17
C TYR B 416 6.65 3.68 -18.98
N HIS B 417 6.65 2.97 -17.86
CA HIS B 417 5.99 3.50 -16.67
C HIS B 417 6.62 2.93 -15.44
N SER B 418 6.52 3.68 -14.34
CA SER B 418 7.07 3.29 -13.04
C SER B 418 6.22 3.72 -11.85
N TYR B 419 6.46 3.11 -10.69
CA TYR B 419 5.76 3.61 -9.52
C TYR B 419 6.83 4.48 -8.87
N PHE B 420 6.49 5.17 -7.80
CA PHE B 420 7.49 5.95 -7.13
C PHE B 420 6.90 6.35 -5.81
N TRP B 421 7.76 6.65 -4.84
CA TRP B 421 7.32 7.03 -3.51
C TRP B 421 8.05 8.29 -3.13
N PRO B 422 7.30 9.35 -2.86
CA PRO B 422 7.88 10.64 -2.48
C PRO B 422 8.68 10.57 -1.15
N LEU B 423 9.91 11.05 -1.19
CA LEU B 423 10.72 10.95 0.01
C LEU B 423 10.00 11.51 1.20
N GLU B 424 9.20 12.55 0.98
CA GLU B 424 8.50 13.14 2.09
C GLU B 424 7.45 12.23 2.72
N TRP B 425 7.16 11.09 2.09
CA TRP B 425 6.13 10.19 2.60
C TRP B 425 6.68 9.07 3.43
N THR B 426 7.96 8.88 3.28
CA THR B 426 8.60 7.80 3.99
C THR B 426 8.42 7.86 5.51
N ILE B 427 8.90 8.94 6.12
CA ILE B 427 8.82 9.08 7.56
C ILE B 427 7.41 8.90 8.11
N PRO B 428 6.42 9.60 7.53
CA PRO B 428 5.05 9.45 8.04
C PRO B 428 4.61 8.02 7.78
N SER B 429 5.29 7.39 6.83
CA SER B 429 5.04 5.99 6.48
C SER B 429 3.64 5.81 5.92
N ARG B 430 3.44 6.20 4.66
CA ARG B 430 2.14 6.06 4.06
C ARG B 430 2.16 6.03 2.55
N ASP B 431 1.07 5.51 1.99
CA ASP B 431 0.85 5.42 0.57
C ASP B 431 2.07 5.11 -0.25
N ASN B 432 2.73 4.00 0.04
CA ASN B 432 3.90 3.69 -0.79
C ASN B 432 3.43 2.93 -2.00
N ASN B 433 3.99 3.22 -3.18
CA ASN B 433 3.57 2.55 -4.43
C ASN B 433 2.15 2.99 -4.87
N LYS B 434 1.83 4.27 -4.64
CA LYS B 434 0.54 4.84 -4.99
C LYS B 434 0.83 5.75 -6.11
N CYS B 435 1.80 6.65 -5.94
CA CYS B 435 2.18 7.58 -7.02
C CYS B 435 2.54 6.77 -8.28
N TYR B 436 2.55 7.38 -9.46
CA TYR B 436 2.83 6.59 -10.67
C TYR B 436 3.15 7.47 -11.82
N ALA B 437 4.10 7.06 -12.65
CA ALA B 437 4.50 7.87 -13.81
C ALA B 437 4.25 7.11 -15.06
N LYS B 438 4.47 7.73 -16.20
CA LYS B 438 4.27 7.00 -17.43
C LYS B 438 4.46 7.88 -18.63
N ILE B 439 5.05 7.34 -19.67
CA ILE B 439 5.22 8.12 -20.88
C ILE B 439 5.01 7.21 -22.09
N ILE B 440 4.37 7.77 -23.13
CA ILE B 440 4.00 7.10 -24.38
C ILE B 440 4.92 7.57 -25.51
N CYS B 441 5.58 6.62 -26.19
CA CYS B 441 6.46 6.98 -27.29
C CYS B 441 6.07 6.29 -28.59
N ASN B 442 6.29 7.02 -29.66
CA ASN B 442 5.99 6.56 -30.97
C ASN B 442 7.25 5.97 -31.57
N THR B 443 7.34 4.64 -31.51
CA THR B 443 8.48 3.87 -32.02
C THR B 443 8.88 4.21 -33.44
N LYS B 444 7.88 4.52 -34.23
CA LYS B 444 8.13 4.78 -35.62
C LYS B 444 8.70 6.16 -35.81
N ASP B 445 8.89 6.89 -34.70
CA ASP B 445 9.41 8.24 -34.80
C ASP B 445 10.46 8.57 -33.77
N ASN B 446 11.54 7.82 -33.77
CA ASN B 446 12.60 8.09 -32.81
C ASN B 446 12.12 8.00 -31.39
N GLU B 447 11.20 7.07 -31.13
CA GLU B 447 10.63 6.88 -29.81
C GLU B 447 10.15 8.21 -29.17
N ARG B 448 9.67 9.13 -30.01
CA ARG B 448 9.22 10.44 -29.57
C ARG B 448 8.24 10.34 -28.44
N VAL B 449 8.28 11.36 -27.58
CA VAL B 449 7.40 11.41 -26.41
C VAL B 449 6.14 12.09 -26.86
N VAL B 450 5.08 11.30 -26.95
CA VAL B 450 3.77 11.78 -27.39
C VAL B 450 2.76 11.93 -26.24
N GLY B 451 3.11 11.36 -25.10
CA GLY B 451 2.24 11.42 -23.94
C GLY B 451 3.01 11.37 -22.64
N PHE B 452 2.64 12.26 -21.74
CA PHE B 452 3.29 12.39 -20.48
C PHE B 452 2.21 12.26 -19.41
N HIS B 453 2.36 11.37 -18.46
CA HIS B 453 1.33 11.22 -17.45
C HIS B 453 1.95 10.98 -16.11
N VAL B 454 1.58 11.78 -15.12
CA VAL B 454 2.13 11.58 -13.78
C VAL B 454 1.08 11.72 -12.73
N LEU B 455 1.08 10.80 -11.80
CA LEU B 455 0.13 10.89 -10.71
C LEU B 455 0.92 10.93 -9.38
N GLY B 456 1.00 12.08 -8.76
CA GLY B 456 1.74 12.20 -7.54
C GLY B 456 1.61 13.63 -7.10
N PRO B 457 2.19 14.02 -5.96
CA PRO B 457 2.06 15.39 -5.50
C PRO B 457 2.73 16.38 -6.39
N ASN B 458 2.34 17.64 -6.23
CA ASN B 458 2.90 18.71 -7.01
C ASN B 458 2.98 18.33 -8.44
N ALA B 459 1.94 17.62 -8.88
CA ALA B 459 1.86 17.10 -10.25
C ALA B 459 1.95 18.21 -11.27
N GLY B 460 1.36 19.33 -10.93
CA GLY B 460 1.42 20.36 -11.92
C GLY B 460 2.80 20.88 -12.18
N GLU B 461 3.56 21.07 -11.10
CA GLU B 461 4.89 21.63 -11.12
C GLU B 461 5.77 20.74 -11.92
N VAL B 462 5.58 19.46 -11.66
CA VAL B 462 6.33 18.43 -12.36
C VAL B 462 6.07 18.48 -13.84
N THR B 463 4.81 18.61 -14.27
CA THR B 463 4.48 18.60 -15.68
C THR B 463 4.89 19.81 -16.50
N GLN B 464 4.52 20.98 -16.04
CA GLN B 464 4.79 22.19 -16.79
C GLN B 464 5.91 22.01 -17.79
N GLY B 465 7.13 21.98 -17.28
CA GLY B 465 8.30 21.87 -18.15
C GLY B 465 8.36 20.80 -19.21
N PHE B 466 7.83 19.64 -18.89
CA PHE B 466 7.82 18.58 -19.86
C PHE B 466 6.91 19.00 -21.01
N ALA B 467 5.85 19.72 -20.70
CA ALA B 467 5.04 20.17 -21.77
C ALA B 467 5.90 21.04 -22.69
N ALA B 468 6.77 21.85 -22.12
CA ALA B 468 7.61 22.69 -22.95
C ALA B 468 8.62 21.84 -23.71
N ALA B 469 8.89 20.66 -23.17
CA ALA B 469 9.84 19.79 -23.84
C ALA B 469 9.18 19.37 -25.11
N LEU B 470 7.90 18.98 -25.02
CA LEU B 470 7.19 18.53 -26.22
C LEU B 470 7.20 19.59 -27.33
N LYS B 471 7.14 20.87 -26.98
CA LYS B 471 7.16 21.85 -28.02
C LYS B 471 8.48 21.79 -28.76
N CYS B 472 9.43 21.02 -28.25
CA CYS B 472 10.68 20.91 -28.98
C CYS B 472 10.99 19.49 -29.47
N GLY B 473 9.98 18.65 -29.46
CA GLY B 473 10.18 17.31 -29.94
C GLY B 473 11.09 16.44 -29.13
N LEU B 474 10.88 16.41 -27.83
CA LEU B 474 11.69 15.59 -26.97
C LEU B 474 11.46 14.17 -27.41
N THR B 475 12.50 13.32 -27.24
CA THR B 475 12.52 11.89 -27.63
C THR B 475 13.02 11.08 -26.46
N LYS B 476 12.69 9.80 -26.39
CA LYS B 476 13.16 8.97 -25.26
C LYS B 476 14.67 8.89 -25.08
N LYS B 477 15.43 9.04 -26.16
CA LYS B 477 16.90 9.03 -26.08
C LYS B 477 17.24 10.29 -25.27
N GLN B 478 16.77 11.44 -25.76
CA GLN B 478 17.01 12.74 -25.12
C GLN B 478 16.61 12.77 -23.65
N LEU B 479 15.48 12.17 -23.34
CA LEU B 479 15.03 12.15 -21.96
C LEU B 479 16.04 11.41 -21.12
N ASP B 480 16.50 10.25 -21.63
CA ASP B 480 17.45 9.41 -20.93
C ASP B 480 18.77 10.13 -20.69
N SER B 481 19.12 11.01 -21.64
CA SER B 481 20.35 11.78 -21.57
C SER B 481 20.24 12.92 -20.55
N THR B 482 19.05 13.10 -19.98
CA THR B 482 18.84 14.14 -19.00
C THR B 482 19.19 13.56 -17.68
N ILE B 483 19.87 14.31 -16.82
CA ILE B 483 20.19 13.78 -15.48
C ILE B 483 19.10 14.23 -14.49
N GLY B 484 18.62 13.33 -13.62
CA GLY B 484 17.59 13.75 -12.67
C GLY B 484 18.01 14.67 -11.51
N ILE B 485 17.05 15.20 -10.77
CA ILE B 485 17.36 16.01 -9.63
C ILE B 485 17.12 15.12 -8.37
N HIS B 486 18.01 15.12 -7.40
CA HIS B 486 17.79 14.22 -6.29
C HIS B 486 17.74 14.99 -5.00
N PRO B 487 16.76 14.67 -4.13
CA PRO B 487 15.67 13.71 -4.26
C PRO B 487 14.38 14.43 -4.73
N VAL B 488 14.00 14.32 -6.00
CA VAL B 488 12.80 15.06 -6.41
C VAL B 488 11.84 14.07 -7.07
N CYS B 489 10.53 14.22 -6.84
CA CYS B 489 9.58 13.33 -7.46
C CYS B 489 9.74 13.29 -8.95
N ALA B 490 9.86 14.47 -9.53
CA ALA B 490 10.04 14.62 -10.96
C ALA B 490 11.10 13.73 -11.62
N GLU B 491 12.23 13.57 -10.97
CA GLU B 491 13.29 12.77 -11.54
C GLU B 491 12.91 11.37 -12.06
N VAL B 492 11.81 10.82 -11.59
CA VAL B 492 11.39 9.49 -12.02
C VAL B 492 11.34 9.34 -13.52
N PHE B 493 11.10 10.43 -14.21
CA PHE B 493 11.04 10.38 -15.65
C PHE B 493 12.42 10.38 -16.28
N THR B 494 13.48 10.54 -15.51
CA THR B 494 14.83 10.53 -16.10
C THR B 494 15.47 9.11 -16.29
N THR B 495 14.84 8.11 -15.68
CA THR B 495 15.29 6.73 -15.75
C THR B 495 14.12 5.77 -15.74
N LEU B 496 13.45 5.63 -16.88
CA LEU B 496 12.33 4.69 -16.98
C LEU B 496 12.83 3.55 -17.83
N SER B 497 12.93 2.36 -17.23
CA SER B 497 13.46 1.20 -17.95
C SER B 497 12.43 0.18 -18.38
N VAL B 498 11.37 0.05 -17.60
CA VAL B 498 10.34 -0.93 -17.91
C VAL B 498 9.32 -0.46 -18.95
N THR B 499 8.80 -1.39 -19.74
CA THR B 499 7.75 -1.04 -20.70
C THR B 499 6.51 -1.88 -20.36
N LYS B 500 5.39 -1.54 -20.99
CA LYS B 500 4.16 -2.25 -20.70
C LYS B 500 4.15 -3.49 -21.56
N ARG B 501 4.73 -3.35 -22.75
CA ARG B 501 4.78 -4.43 -23.74
C ARG B 501 5.67 -5.60 -23.35
N SER B 502 6.82 -5.29 -22.72
CA SER B 502 7.76 -6.31 -22.29
C SER B 502 7.03 -7.11 -21.25
N GLY B 503 6.27 -6.41 -20.42
CA GLY B 503 5.47 -7.09 -19.41
C GLY B 503 6.10 -7.49 -18.09
N ALA B 504 7.16 -6.80 -17.67
CA ALA B 504 7.78 -7.13 -16.40
C ALA B 504 6.94 -6.45 -15.31
N SER B 505 7.35 -6.58 -14.06
CA SER B 505 6.57 -5.99 -12.98
C SER B 505 7.25 -4.76 -12.39
N ILE B 506 6.51 -4.04 -11.54
CA ILE B 506 7.05 -2.87 -10.85
C ILE B 506 6.54 -2.79 -9.40
N LEU B 507 6.82 -3.77 -8.53
CA LEU B 507 6.36 -3.70 -7.13
C LEU B 507 7.48 -3.82 -6.07
N LEU C 21 -4.45 18.14 51.40
CA LEU C 21 -3.25 17.68 50.62
C LEU C 21 -3.10 16.14 50.59
N PRO C 22 -3.88 15.44 49.72
CA PRO C 22 -3.82 13.97 49.58
C PRO C 22 -2.68 13.41 48.69
N LYS C 23 -1.43 13.58 49.14
CA LYS C 23 -0.20 13.14 48.45
C LYS C 23 0.00 13.76 47.06
N SER C 24 1.23 13.67 46.54
CA SER C 24 1.57 14.23 45.23
C SER C 24 2.74 13.45 44.71
N TYR C 25 2.47 12.46 43.86
CA TYR C 25 3.53 11.62 43.31
C TYR C 25 4.06 12.05 41.95
N ASP C 26 5.24 11.51 41.63
CA ASP C 26 5.90 11.81 40.39
C ASP C 26 5.05 11.45 39.19
N TYR C 27 4.67 10.17 39.12
CA TYR C 27 3.85 9.67 38.03
C TYR C 27 2.59 9.05 38.56
N ASP C 28 1.63 8.84 37.68
CA ASP C 28 0.34 8.27 38.06
C ASP C 28 0.43 6.75 38.11
N LEU C 29 1.26 6.22 37.23
CA LEU C 29 1.44 4.80 37.16
C LEU C 29 2.81 4.48 36.61
N ILE C 30 3.48 3.54 37.22
CA ILE C 30 4.76 3.18 36.67
C ILE C 30 4.64 1.71 36.26
N ILE C 31 5.13 1.42 35.05
CA ILE C 31 5.11 0.04 34.52
C ILE C 31 6.55 -0.46 34.46
N ILE C 32 6.83 -1.53 35.21
CA ILE C 32 8.17 -2.09 35.17
C ILE C 32 8.13 -3.19 34.15
N GLY C 33 8.83 -2.94 33.03
CA GLY C 33 8.86 -3.90 31.95
C GLY C 33 8.12 -3.44 30.71
N GLY C 34 8.88 -3.20 29.66
CA GLY C 34 8.29 -2.75 28.41
C GLY C 34 8.01 -3.92 27.51
N GLY C 35 7.20 -4.85 28.02
CA GLY C 35 6.82 -6.05 27.30
C GLY C 35 5.39 -6.02 26.77
N SER C 36 4.93 -7.18 26.32
CA SER C 36 3.61 -7.23 25.77
C SER C 36 2.59 -6.57 26.64
N GLY C 37 2.15 -7.20 27.71
CA GLY C 37 1.16 -6.56 28.56
C GLY C 37 1.73 -5.27 29.18
N GLY C 38 3.05 -5.12 29.12
CA GLY C 38 3.64 -3.92 29.68
C GLY C 38 3.16 -2.76 28.89
N LEU C 39 3.75 -2.60 27.72
CA LEU C 39 3.40 -1.57 26.78
C LEU C 39 1.88 -1.45 26.47
N ALA C 40 1.15 -2.52 26.70
CA ALA C 40 -0.26 -2.53 26.46
C ALA C 40 -0.95 -1.63 27.46
N ALA C 41 -0.73 -1.92 28.72
CA ALA C 41 -1.36 -1.13 29.76
C ALA C 41 -0.84 0.32 29.67
N ALA C 42 0.42 0.50 29.30
CA ALA C 42 0.94 1.84 29.15
C ALA C 42 -0.04 2.60 28.29
N LYS C 43 -0.03 2.30 26.98
CA LYS C 43 -0.90 2.93 25.97
C LYS C 43 -2.36 3.08 26.38
N GLU C 44 -2.95 2.03 26.95
CA GLU C 44 -4.36 2.09 27.33
C GLU C 44 -4.60 3.07 28.43
N ALA C 45 -3.64 3.21 29.32
CA ALA C 45 -3.76 4.13 30.43
C ALA C 45 -3.50 5.57 30.00
N ALA C 46 -2.46 5.79 29.22
CA ALA C 46 -2.17 7.13 28.77
C ALA C 46 -3.33 7.68 27.99
N GLN C 47 -4.10 6.79 27.40
CA GLN C 47 -5.27 7.16 26.58
C GLN C 47 -6.33 7.84 27.40
N TYR C 48 -6.29 7.63 28.72
CA TYR C 48 -7.26 8.21 29.61
C TYR C 48 -6.71 9.40 30.35
N GLY C 49 -5.71 10.05 29.76
CA GLY C 49 -5.14 11.25 30.35
C GLY C 49 -4.41 11.05 31.67
N LYS C 50 -3.59 10.02 31.76
CA LYS C 50 -2.85 9.81 32.98
C LYS C 50 -1.37 10.00 32.71
N LYS C 51 -0.61 10.20 33.78
CA LYS C 51 0.84 10.42 33.69
C LYS C 51 1.43 9.02 33.84
N VAL C 52 2.10 8.55 32.80
CA VAL C 52 2.66 7.20 32.84
C VAL C 52 4.14 7.07 32.50
N MET C 53 4.80 6.10 33.10
CA MET C 53 6.21 5.92 32.82
C MET C 53 6.50 4.42 32.80
N VAL C 54 7.06 3.96 31.69
CA VAL C 54 7.35 2.54 31.52
C VAL C 54 8.80 2.35 31.73
N LEU C 55 9.18 1.29 32.40
CA LEU C 55 10.58 1.05 32.59
C LEU C 55 10.83 -0.31 32.02
N ASP C 56 11.71 -0.36 31.03
CA ASP C 56 12.06 -1.63 30.42
C ASP C 56 13.54 -1.68 30.17
N PHE C 57 14.20 -2.66 30.73
CA PHE C 57 15.62 -2.80 30.57
C PHE C 57 15.81 -4.28 30.31
N VAL C 58 16.79 -4.61 29.46
CA VAL C 58 17.06 -6.01 29.10
C VAL C 58 18.43 -6.53 29.55
N THR C 59 18.41 -7.35 30.59
CA THR C 59 19.65 -7.88 31.11
C THR C 59 20.25 -8.83 30.10
N PRO C 60 21.49 -8.58 29.69
CA PRO C 60 22.13 -9.46 28.70
C PRO C 60 22.10 -10.95 28.98
N THR C 61 22.33 -11.75 27.93
CA THR C 61 22.39 -13.21 28.07
C THR C 61 23.83 -13.59 28.29
N PRO C 62 24.05 -14.71 29.00
CA PRO C 62 25.41 -15.14 29.27
C PRO C 62 26.38 -14.98 28.10
N LEU C 63 25.94 -15.26 26.88
CA LEU C 63 26.84 -15.12 25.74
C LEU C 63 26.95 -13.67 25.36
N GLY C 64 26.13 -12.86 26.03
CA GLY C 64 26.13 -11.42 25.83
C GLY C 64 25.23 -10.85 24.74
N THR C 65 23.97 -11.29 24.67
CA THR C 65 23.08 -10.77 23.64
C THR C 65 22.11 -9.76 24.26
N ARG C 66 21.84 -8.72 23.49
CA ARG C 66 20.93 -7.61 23.86
C ARG C 66 19.89 -7.36 22.73
N TRP C 67 18.75 -6.75 23.08
CA TRP C 67 17.75 -6.42 22.08
C TRP C 67 16.99 -5.16 22.52
N GLY C 68 16.11 -4.65 21.66
CA GLY C 68 15.37 -3.44 22.01
C GLY C 68 14.02 -3.47 22.75
N LEU C 69 13.31 -2.35 22.68
CA LEU C 69 12.03 -2.30 23.35
C LEU C 69 11.04 -3.22 22.65
N GLY C 70 10.13 -3.79 23.44
CA GLY C 70 9.18 -4.65 22.82
C GLY C 70 8.82 -5.85 23.64
N GLY C 71 9.80 -6.50 24.25
CA GLY C 71 9.49 -7.68 25.04
C GLY C 71 9.98 -8.99 24.41
N THR C 72 9.67 -10.11 25.08
CA THR C 72 10.03 -11.44 24.60
C THR C 72 9.46 -11.67 23.20
N CYS C 73 8.11 -11.67 23.10
CA CYS C 73 7.35 -11.88 21.86
C CYS C 73 8.03 -11.27 20.67
N VAL C 74 8.13 -9.95 20.71
CA VAL C 74 8.77 -9.25 19.63
C VAL C 74 10.21 -9.59 19.34
N ASN C 75 11.00 -9.78 20.38
CA ASN C 75 12.43 -9.94 20.19
C ASN C 75 13.09 -11.35 20.26
N VAL C 76 12.44 -12.25 20.96
CA VAL C 76 12.97 -13.56 21.15
C VAL C 76 11.78 -14.54 21.36
N GLY C 77 10.63 -14.17 20.81
CA GLY C 77 9.47 -15.02 20.95
C GLY C 77 8.63 -15.22 19.70
N CYS C 78 7.33 -14.93 19.86
CA CYS C 78 6.33 -15.11 18.82
C CYS C 78 6.76 -14.69 17.47
N ILE C 79 7.06 -13.43 17.34
CA ILE C 79 7.45 -12.94 16.06
C ILE C 79 8.58 -13.74 15.48
N PRO C 80 9.79 -13.64 16.05
CA PRO C 80 10.92 -14.41 15.51
C PRO C 80 10.62 -15.90 15.29
N LYS C 81 10.03 -16.56 16.27
CA LYS C 81 9.70 -17.95 16.17
C LYS C 81 8.84 -18.20 14.93
N LYS C 82 7.68 -17.55 14.84
CA LYS C 82 6.80 -17.72 13.71
C LYS C 82 7.52 -17.50 12.40
N LEU C 83 8.18 -16.36 12.21
CA LEU C 83 8.90 -16.07 10.95
C LEU C 83 9.89 -17.11 10.50
N MET C 84 10.54 -17.77 11.43
CA MET C 84 11.50 -18.77 11.04
C MET C 84 10.71 -19.95 10.55
N HIS C 85 9.67 -20.26 11.27
CA HIS C 85 8.78 -21.36 10.97
C HIS C 85 8.33 -21.18 9.52
N GLN C 86 8.06 -19.94 9.16
CA GLN C 86 7.64 -19.64 7.82
C GLN C 86 8.72 -20.06 6.86
N ALA C 87 9.97 -19.74 7.15
CA ALA C 87 11.02 -20.17 6.24
C ALA C 87 11.04 -21.71 6.11
N ALA C 88 10.71 -22.37 7.21
CA ALA C 88 10.70 -23.82 7.25
C ALA C 88 9.64 -24.30 6.31
N LEU C 89 8.52 -23.59 6.32
CA LEU C 89 7.41 -23.93 5.50
C LEU C 89 7.74 -23.63 4.09
N LEU C 90 8.25 -22.44 3.78
CA LEU C 90 8.55 -22.13 2.36
C LEU C 90 9.46 -23.13 1.71
N GLY C 91 10.13 -23.91 2.54
CA GLY C 91 10.98 -24.88 1.92
C GLY C 91 10.06 -25.87 1.30
N GLN C 92 9.25 -26.52 2.15
CA GLN C 92 8.27 -27.50 1.72
C GLN C 92 7.59 -26.92 0.51
N ALA C 93 6.98 -25.75 0.64
CA ALA C 93 6.32 -25.12 -0.48
C ALA C 93 7.17 -25.19 -1.74
N LEU C 94 8.48 -24.98 -1.63
CA LEU C 94 9.33 -25.04 -2.81
C LEU C 94 9.28 -26.42 -3.38
N GLN C 95 9.33 -27.39 -2.50
CA GLN C 95 9.26 -28.75 -2.90
C GLN C 95 7.91 -29.16 -3.48
N ASP C 96 6.85 -28.56 -2.98
CA ASP C 96 5.56 -28.95 -3.47
C ASP C 96 5.41 -28.31 -4.80
N SER C 97 5.82 -27.08 -4.93
CA SER C 97 5.65 -26.39 -6.19
C SER C 97 5.90 -27.21 -7.44
N ARG C 98 6.88 -28.12 -7.35
CA ARG C 98 7.35 -29.00 -8.45
C ARG C 98 6.23 -29.68 -9.18
N ASN C 99 5.43 -30.43 -8.41
CA ASN C 99 4.30 -31.18 -8.94
C ASN C 99 3.22 -30.24 -9.45
N TYR C 100 3.12 -29.05 -8.90
CA TYR C 100 2.10 -28.18 -9.36
C TYR C 100 2.44 -27.56 -10.68
N GLY C 101 3.59 -27.95 -11.23
CA GLY C 101 3.98 -27.44 -12.52
C GLY C 101 5.16 -26.51 -12.59
N TRP C 102 5.54 -25.94 -11.45
CA TRP C 102 6.68 -25.04 -11.38
C TRP C 102 7.96 -25.77 -11.65
N LYS C 103 8.79 -25.17 -12.50
CA LYS C 103 10.07 -25.80 -12.82
C LYS C 103 11.15 -25.30 -11.86
N VAL C 104 11.32 -25.98 -10.72
CA VAL C 104 12.32 -25.56 -9.75
C VAL C 104 13.34 -26.66 -9.60
N GLU C 105 14.41 -26.42 -8.83
CA GLU C 105 15.48 -27.40 -8.59
C GLU C 105 15.06 -28.54 -7.64
N GLU C 106 15.75 -29.68 -7.76
CA GLU C 106 15.46 -30.85 -6.91
C GLU C 106 15.65 -30.50 -5.45
N THR C 107 16.70 -29.71 -5.20
CA THR C 107 17.05 -29.22 -3.86
C THR C 107 17.63 -27.81 -3.95
N VAL C 108 17.06 -26.95 -3.10
CA VAL C 108 17.47 -25.55 -3.01
C VAL C 108 18.28 -25.34 -1.74
N LYS C 109 19.18 -24.36 -1.79
CA LYS C 109 20.04 -24.07 -0.64
C LYS C 109 19.52 -22.87 0.18
N HIS C 110 19.73 -22.95 1.49
CA HIS C 110 19.27 -21.91 2.42
C HIS C 110 20.41 -21.15 3.09
N ASP C 111 20.38 -19.84 2.90
CA ASP C 111 21.39 -18.93 3.41
C ASP C 111 20.98 -18.39 4.77
N TRP C 112 21.41 -19.08 5.83
CA TRP C 112 21.04 -18.67 7.19
C TRP C 112 21.31 -17.19 7.45
N ASP C 113 22.54 -16.76 7.29
CA ASP C 113 22.88 -15.37 7.51
C ASP C 113 21.88 -14.39 6.91
N ARG C 114 21.27 -14.75 5.78
CA ARG C 114 20.33 -13.83 5.19
C ARG C 114 18.95 -13.89 5.78
N MET C 115 18.58 -15.05 6.37
CA MET C 115 17.28 -15.23 7.02
C MET C 115 17.29 -14.42 8.31
N ILE C 116 18.24 -14.78 9.16
CA ILE C 116 18.50 -14.11 10.41
C ILE C 116 18.41 -12.60 10.21
N GLU C 117 19.25 -12.10 9.32
CA GLU C 117 19.29 -10.69 8.98
C GLU C 117 17.90 -10.08 8.81
N ALA C 118 17.11 -10.68 7.91
CA ALA C 118 15.77 -10.22 7.59
C ALA C 118 14.93 -10.17 8.82
N VAL C 119 14.89 -11.29 9.52
CA VAL C 119 14.16 -11.40 10.76
C VAL C 119 14.43 -10.18 11.60
N GLN C 120 15.69 -10.04 12.00
CA GLN C 120 16.11 -8.92 12.85
C GLN C 120 15.73 -7.53 12.32
N ASN C 121 15.91 -7.30 11.02
CA ASN C 121 15.55 -6.00 10.46
C ASN C 121 14.10 -5.69 10.74
N HIS C 122 13.29 -6.74 10.84
CA HIS C 122 11.89 -6.53 11.13
C HIS C 122 11.78 -6.14 12.58
N ILE C 123 12.31 -7.01 13.44
CA ILE C 123 12.27 -6.78 14.87
C ILE C 123 12.67 -5.36 15.07
N GLY C 124 13.66 -4.94 14.32
CA GLY C 124 14.07 -3.56 14.44
C GLY C 124 12.88 -2.61 14.34
N SER C 125 12.26 -2.56 13.17
CA SER C 125 11.11 -1.70 12.99
C SER C 125 10.12 -1.90 14.14
N LEU C 126 9.97 -3.12 14.60
CA LEU C 126 9.07 -3.32 15.71
C LEU C 126 9.58 -2.47 16.85
N ASN C 127 10.85 -2.63 17.19
CA ASN C 127 11.52 -1.88 18.27
C ASN C 127 11.22 -0.39 18.10
N TRP C 128 11.80 0.17 17.07
CA TRP C 128 11.57 1.56 16.77
C TRP C 128 10.10 1.95 16.85
N GLY C 129 9.20 1.08 16.41
CA GLY C 129 7.79 1.41 16.43
C GLY C 129 7.21 1.60 17.81
N TYR C 130 7.38 0.61 18.66
CA TYR C 130 6.85 0.72 19.99
C TYR C 130 7.33 2.00 20.64
N ARG C 131 8.60 2.33 20.49
CA ARG C 131 9.09 3.56 21.06
C ARG C 131 8.14 4.67 20.63
N VAL C 132 8.06 4.88 19.33
CA VAL C 132 7.23 5.93 18.79
C VAL C 132 5.86 5.87 19.40
N ALA C 133 5.34 4.66 19.50
CA ALA C 133 4.01 4.48 20.06
C ALA C 133 3.86 5.09 21.46
N LEU C 134 4.88 4.94 22.29
CA LEU C 134 4.84 5.51 23.62
C LEU C 134 4.96 7.00 23.46
N ARG C 135 5.98 7.41 22.71
CA ARG C 135 6.23 8.83 22.45
C ARG C 135 4.91 9.58 22.14
N GLU C 136 4.32 9.28 20.99
CA GLU C 136 3.08 9.92 20.57
C GLU C 136 1.91 9.84 21.56
N LYS C 137 1.88 8.81 22.42
CA LYS C 137 0.78 8.66 23.39
C LYS C 137 1.10 9.39 24.69
N LYS C 138 2.17 10.17 24.64
CA LYS C 138 2.61 10.99 25.77
C LYS C 138 2.90 10.14 26.98
N VAL C 139 3.70 9.09 26.80
CA VAL C 139 4.09 8.19 27.88
C VAL C 139 5.58 8.36 28.01
N VAL C 140 6.11 8.18 29.21
CA VAL C 140 7.53 8.33 29.40
C VAL C 140 8.26 6.99 29.43
N TYR C 141 9.25 6.85 28.54
CA TYR C 141 10.01 5.61 28.45
C TYR C 141 11.40 5.80 28.94
N GLU C 142 11.79 4.97 29.89
CA GLU C 142 13.13 5.00 30.45
C GLU C 142 13.76 3.61 30.29
N ASN C 143 14.86 3.58 29.54
CA ASN C 143 15.63 2.37 29.27
C ASN C 143 16.46 2.01 30.50
N ALA C 144 15.79 1.61 31.57
CA ALA C 144 16.54 1.29 32.74
C ALA C 144 15.88 0.27 33.61
N TYR C 145 16.73 -0.49 34.28
CA TYR C 145 16.27 -1.53 35.17
C TYR C 145 15.34 -0.88 36.20
N GLY C 146 14.59 -1.66 36.96
CA GLY C 146 13.71 -1.05 37.93
C GLY C 146 13.72 -1.88 39.17
N GLN C 147 13.76 -1.21 40.33
CA GLN C 147 13.75 -1.89 41.62
C GLN C 147 12.96 -1.09 42.65
N PHE C 148 12.11 -1.76 43.41
CA PHE C 148 11.35 -1.09 44.44
C PHE C 148 12.27 -0.91 45.64
N ILE C 149 12.15 0.23 46.32
CA ILE C 149 13.00 0.43 47.48
C ILE C 149 12.21 0.76 48.71
N GLY C 150 11.01 1.26 48.52
CA GLY C 150 10.19 1.56 49.66
C GLY C 150 8.82 1.88 49.14
N PRO C 151 7.76 1.78 49.97
CA PRO C 151 6.43 2.10 49.47
C PRO C 151 6.42 3.24 48.43
N HIS C 152 5.64 3.04 47.36
CA HIS C 152 5.48 3.99 46.26
C HIS C 152 6.76 4.61 45.70
N ARG C 153 7.87 3.91 45.89
CA ARG C 153 9.16 4.39 45.41
C ARG C 153 9.95 3.30 44.71
N ILE C 154 10.57 3.66 43.59
CA ILE C 154 11.32 2.72 42.78
C ILE C 154 12.66 3.29 42.26
N LYS C 155 13.67 2.43 42.22
CA LYS C 155 15.00 2.82 41.77
C LYS C 155 15.29 2.32 40.39
N ALA C 156 15.58 3.27 39.51
CA ALA C 156 15.86 2.95 38.14
C ALA C 156 17.31 3.13 37.81
N THR C 157 18.03 2.03 37.64
CA THR C 157 19.43 2.13 37.30
C THR C 157 19.58 2.00 35.78
N ASN C 158 20.28 2.96 35.17
CA ASN C 158 20.46 2.98 33.72
C ASN C 158 21.51 2.00 33.27
N ASN C 159 21.93 2.12 32.00
CA ASN C 159 22.91 1.18 31.49
C ASN C 159 24.33 1.54 31.86
N LYS C 160 24.59 2.81 32.18
CA LYS C 160 25.94 3.17 32.57
C LYS C 160 26.16 3.27 34.08
N GLY C 161 25.20 2.77 34.85
CA GLY C 161 25.33 2.78 36.31
C GLY C 161 24.49 3.82 37.00
N LYS C 162 24.38 5.00 36.37
CA LYS C 162 23.63 6.13 36.90
C LYS C 162 22.22 5.74 37.35
N GLU C 163 21.89 6.05 38.60
CA GLU C 163 20.58 5.71 39.15
C GLU C 163 19.65 6.92 39.14
N LYS C 164 18.43 6.73 39.65
CA LYS C 164 17.41 7.78 39.74
C LYS C 164 16.20 7.24 40.49
N ILE C 165 15.48 8.08 41.24
CA ILE C 165 14.31 7.61 42.00
C ILE C 165 13.00 8.23 41.51
N TYR C 166 11.97 7.41 41.41
CA TYR C 166 10.66 7.89 40.95
C TYR C 166 9.61 7.40 41.92
N SER C 167 8.40 7.97 41.86
CA SER C 167 7.29 7.55 42.72
C SER C 167 5.97 7.64 41.97
N ALA C 168 5.03 6.74 42.27
CA ALA C 168 3.74 6.78 41.59
C ALA C 168 2.62 6.26 42.46
N GLU C 169 1.41 6.73 42.21
CA GLU C 169 0.27 6.33 43.04
C GLU C 169 -0.05 4.86 42.90
N ARG C 170 0.40 4.28 41.78
CA ARG C 170 0.21 2.84 41.49
C ARG C 170 1.28 2.24 40.58
N PHE C 171 1.59 0.97 40.80
CA PHE C 171 2.60 0.31 39.98
C PHE C 171 2.16 -0.98 39.32
N LEU C 172 2.82 -1.24 38.19
CA LEU C 172 2.57 -2.44 37.41
C LEU C 172 3.84 -3.21 37.14
N ILE C 173 3.82 -4.47 37.54
CA ILE C 173 4.94 -5.40 37.31
C ILE C 173 4.62 -6.28 36.07
N ALA C 174 5.42 -6.08 35.02
CA ALA C 174 5.27 -6.78 33.76
C ALA C 174 6.66 -7.07 33.33
N THR C 175 7.38 -7.70 34.23
CA THR C 175 8.77 -8.00 33.98
C THR C 175 8.93 -9.26 33.17
N GLY C 176 7.95 -10.14 33.29
CA GLY C 176 8.03 -11.35 32.52
C GLY C 176 9.05 -12.33 33.04
N GLU C 177 9.42 -13.31 32.22
CA GLU C 177 10.34 -14.36 32.61
C GLU C 177 11.53 -14.41 31.71
N ARG C 178 12.33 -15.48 31.88
CA ARG C 178 13.53 -15.75 31.10
C ARG C 178 13.85 -17.25 31.02
N PRO C 179 14.63 -17.65 29.99
CA PRO C 179 15.01 -19.05 29.78
C PRO C 179 15.79 -19.61 30.95
N ARG C 180 15.30 -20.72 31.49
CA ARG C 180 15.92 -21.40 32.62
C ARG C 180 17.04 -22.35 32.16
N TYR C 181 18.15 -22.38 32.91
CA TYR C 181 19.29 -23.24 32.58
C TYR C 181 19.34 -24.45 33.52
N LEU C 182 20.08 -25.48 33.10
CA LEU C 182 20.13 -26.69 33.87
C LEU C 182 20.88 -26.65 35.16
N GLY C 183 22.08 -26.09 35.16
CA GLY C 183 22.85 -26.05 36.39
C GLY C 183 23.81 -27.21 36.28
N ILE C 184 24.35 -27.31 35.08
CA ILE C 184 25.28 -28.35 34.82
C ILE C 184 26.48 -27.72 34.14
N PRO C 185 27.63 -28.38 34.26
CA PRO C 185 28.89 -27.93 33.67
C PRO C 185 28.78 -27.58 32.17
N GLY C 186 29.30 -26.45 31.77
CA GLY C 186 29.26 -26.11 30.37
C GLY C 186 28.04 -25.38 29.86
N ASP C 187 26.92 -25.41 30.58
CA ASP C 187 25.76 -24.73 30.05
C ASP C 187 26.00 -23.25 29.75
N LYS C 188 25.63 -22.36 30.67
CA LYS C 188 25.78 -20.90 30.49
C LYS C 188 27.00 -20.50 29.66
N GLU C 189 27.97 -21.38 29.65
CA GLU C 189 29.21 -21.11 28.95
C GLU C 189 29.24 -21.57 27.49
N TYR C 190 28.57 -22.69 27.19
CA TYR C 190 28.61 -23.20 25.84
C TYR C 190 27.24 -23.36 25.14
N CYS C 191 26.18 -23.47 25.94
CA CYS C 191 24.82 -23.62 25.41
C CYS C 191 24.07 -22.31 25.18
N ILE C 192 23.17 -22.33 24.21
CA ILE C 192 22.33 -21.17 23.94
C ILE C 192 20.88 -21.49 24.18
N SER C 193 20.09 -20.43 24.24
CA SER C 193 18.67 -20.56 24.50
C SER C 193 17.87 -19.80 23.44
N SER C 194 16.56 -19.80 23.63
CA SER C 194 15.73 -19.07 22.71
C SER C 194 16.26 -17.64 22.54
N ASP C 195 16.79 -17.01 23.60
CA ASP C 195 17.31 -15.64 23.49
C ASP C 195 18.47 -15.46 22.53
N ASP C 196 19.36 -16.43 22.46
CA ASP C 196 20.52 -16.27 21.60
C ASP C 196 20.27 -16.67 20.19
N LEU C 197 19.38 -17.62 20.03
CA LEU C 197 19.02 -18.17 18.73
C LEU C 197 18.53 -17.21 17.64
N PHE C 198 17.45 -16.47 17.89
CA PHE C 198 16.94 -15.57 16.86
C PHE C 198 17.88 -14.45 16.37
N SER C 199 19.15 -14.50 16.76
CA SER C 199 20.12 -13.49 16.35
C SER C 199 21.49 -14.13 16.22
N LEU C 200 21.56 -15.41 16.57
CA LEU C 200 22.77 -16.16 16.45
C LEU C 200 23.33 -15.80 15.09
N PRO C 201 24.64 -15.47 14.97
CA PRO C 201 25.10 -15.11 13.62
C PRO C 201 25.87 -16.21 12.81
N TYR C 202 25.33 -17.44 12.78
CA TYR C 202 25.97 -18.53 12.05
C TYR C 202 25.16 -19.89 11.90
N CYS C 203 25.13 -20.50 10.71
CA CYS C 203 24.43 -21.80 10.52
C CYS C 203 24.74 -22.60 11.79
N PRO C 204 23.75 -22.86 12.63
CA PRO C 204 24.06 -23.62 13.85
C PRO C 204 24.48 -25.06 13.53
N GLY C 205 24.69 -25.37 12.25
CA GLY C 205 25.09 -26.72 11.85
C GLY C 205 24.37 -27.83 12.62
N LYS C 206 25.05 -28.87 13.03
CA LYS C 206 24.32 -29.90 13.74
C LYS C 206 23.90 -29.34 15.10
N THR C 207 22.62 -29.39 15.40
CA THR C 207 22.15 -28.89 16.70
C THR C 207 21.53 -29.95 17.62
N LEU C 208 21.40 -29.60 18.88
CA LEU C 208 20.76 -30.49 19.83
C LEU C 208 19.77 -29.66 20.60
N VAL C 209 18.61 -30.21 20.91
CA VAL C 209 17.65 -29.44 21.63
C VAL C 209 17.29 -30.13 22.90
N VAL C 210 17.69 -29.55 24.01
CA VAL C 210 17.36 -30.18 25.27
C VAL C 210 16.04 -29.68 25.82
N GLY C 211 14.98 -30.47 25.69
CA GLY C 211 13.71 -30.04 26.22
C GLY C 211 12.55 -30.56 25.37
N ALA C 212 11.35 -30.50 25.95
CA ALA C 212 10.15 -30.96 25.25
C ALA C 212 9.03 -29.95 25.36
N SER C 213 9.38 -28.67 25.34
CA SER C 213 8.37 -27.64 25.44
C SER C 213 8.09 -27.25 24.05
N TYR C 214 6.97 -26.53 23.91
CA TYR C 214 6.58 -26.06 22.63
C TYR C 214 7.76 -25.27 22.05
N VAL C 215 8.42 -24.44 22.84
CA VAL C 215 9.58 -23.72 22.31
C VAL C 215 10.59 -24.72 21.80
N ALA C 216 10.74 -25.79 22.55
CA ALA C 216 11.70 -26.80 22.21
C ALA C 216 11.48 -27.27 20.79
N LEU C 217 10.35 -27.97 20.70
CA LEU C 217 9.81 -28.59 19.49
C LEU C 217 9.58 -27.62 18.32
N GLU C 218 9.13 -26.41 18.56
CA GLU C 218 8.97 -25.44 17.48
C GLU C 218 10.31 -25.05 16.85
N CYS C 219 11.31 -24.91 17.73
CA CYS C 219 12.65 -24.54 17.31
C CYS C 219 13.34 -25.71 16.62
N ALA C 220 13.22 -26.89 17.23
CA ALA C 220 13.78 -28.11 16.66
C ALA C 220 13.22 -28.12 15.25
N GLY C 221 11.90 -27.87 15.24
CA GLY C 221 11.09 -27.81 14.07
C GLY C 221 11.61 -26.99 12.94
N PHE C 222 11.62 -25.67 13.07
CA PHE C 222 12.09 -24.88 11.93
C PHE C 222 13.55 -25.05 11.54
N LEU C 223 14.38 -25.40 12.51
CA LEU C 223 15.78 -25.60 12.21
C LEU C 223 15.86 -26.83 11.34
N ALA C 224 15.17 -27.88 11.75
CA ALA C 224 15.15 -29.09 10.94
C ALA C 224 14.66 -28.67 9.54
N GLY C 225 13.59 -27.88 9.55
CA GLY C 225 12.96 -27.39 8.33
C GLY C 225 13.82 -26.65 7.34
N ILE C 226 14.96 -26.15 7.79
CA ILE C 226 15.82 -25.47 6.82
C ILE C 226 17.00 -26.33 6.46
N GLY C 227 16.93 -27.58 6.91
CA GLY C 227 17.99 -28.51 6.57
C GLY C 227 19.11 -28.83 7.56
N LEU C 228 19.05 -28.35 8.79
CA LEU C 228 20.10 -28.61 9.77
C LEU C 228 19.89 -29.94 10.50
N ASP C 229 20.95 -30.73 10.66
CA ASP C 229 20.79 -31.99 11.39
C ASP C 229 20.36 -31.72 12.81
N VAL C 230 19.15 -32.10 13.18
CA VAL C 230 18.68 -31.78 14.52
C VAL C 230 18.25 -32.94 15.43
N THR C 231 18.66 -32.90 16.68
CA THR C 231 18.29 -33.96 17.61
C THR C 231 17.58 -33.39 18.82
N VAL C 232 16.76 -34.19 19.47
CA VAL C 232 16.02 -33.67 20.61
C VAL C 232 16.06 -34.60 21.83
N MET C 233 16.52 -34.07 22.95
CA MET C 233 16.61 -34.86 24.16
C MET C 233 15.47 -34.54 25.06
N VAL C 234 14.81 -35.58 25.54
CA VAL C 234 13.68 -35.36 26.36
C VAL C 234 13.71 -36.04 27.73
N ARG C 235 13.58 -35.26 28.80
CA ARG C 235 13.53 -35.87 30.13
C ARG C 235 12.43 -36.93 30.11
N SER C 236 11.19 -36.46 30.19
CA SER C 236 10.04 -37.33 30.18
C SER C 236 9.17 -37.25 28.93
N ILE C 237 7.96 -36.72 29.14
CA ILE C 237 6.91 -36.56 28.12
C ILE C 237 6.94 -35.28 27.28
N LEU C 238 6.30 -35.32 26.09
CA LEU C 238 6.26 -34.15 25.20
C LEU C 238 5.14 -33.23 25.58
N LEU C 239 5.41 -31.94 25.50
CA LEU C 239 4.41 -30.93 25.83
C LEU C 239 3.55 -31.24 27.05
N ARG C 240 4.20 -31.29 28.21
CA ARG C 240 3.53 -31.57 29.48
C ARG C 240 2.51 -30.48 29.63
N GLY C 241 1.29 -30.82 30.00
CA GLY C 241 0.29 -29.78 30.13
C GLY C 241 -0.73 -29.85 29.00
N PHE C 242 -0.26 -30.12 27.78
CA PHE C 242 -1.12 -30.25 26.61
C PHE C 242 -1.77 -31.63 26.49
N ASP C 243 -2.67 -31.80 25.53
CA ASP C 243 -3.31 -33.09 25.34
C ASP C 243 -2.15 -34.03 25.00
N GLN C 244 -2.00 -35.09 25.77
CA GLN C 244 -0.88 -35.94 25.50
C GLN C 244 -1.03 -36.69 24.21
N ASP C 245 -2.27 -37.11 23.88
CA ASP C 245 -2.50 -37.83 22.63
C ASP C 245 -2.10 -36.91 21.51
N MET C 246 -2.58 -35.67 21.54
CA MET C 246 -2.23 -34.74 20.52
C MET C 246 -0.74 -34.61 20.46
N ALA C 247 -0.11 -34.52 21.63
CA ALA C 247 1.35 -34.39 21.75
C ALA C 247 2.15 -35.48 21.04
N ASN C 248 1.82 -36.72 21.36
CA ASN C 248 2.47 -37.86 20.76
C ASN C 248 2.50 -37.77 19.22
N LYS C 249 1.36 -37.39 18.66
CA LYS C 249 1.17 -37.24 17.22
C LYS C 249 2.18 -36.25 16.64
N ILE C 250 2.40 -35.18 17.40
CA ILE C 250 3.32 -34.14 16.98
C ILE C 250 4.70 -34.70 17.00
N GLY C 251 4.97 -35.57 17.95
CA GLY C 251 6.30 -36.16 17.97
C GLY C 251 6.44 -37.08 16.80
N GLU C 252 5.53 -38.06 16.77
CA GLU C 252 5.48 -39.05 15.72
C GLU C 252 5.76 -38.41 14.40
N HIS C 253 5.10 -37.30 14.15
CA HIS C 253 5.27 -36.60 12.88
C HIS C 253 6.67 -36.00 12.69
N MET C 254 7.19 -35.46 13.77
CA MET C 254 8.50 -34.82 13.75
C MET C 254 9.54 -35.87 13.47
N GLU C 255 9.41 -37.02 14.12
CA GLU C 255 10.37 -38.07 13.93
C GLU C 255 10.37 -38.44 12.46
N GLU C 256 9.18 -38.71 11.93
CA GLU C 256 9.00 -39.11 10.56
C GLU C 256 9.58 -38.15 9.53
N HIS C 257 9.65 -36.86 9.84
CA HIS C 257 10.17 -35.90 8.87
C HIS C 257 11.56 -35.30 9.14
N GLY C 258 12.51 -36.13 9.60
CA GLY C 258 13.86 -35.65 9.83
C GLY C 258 14.42 -35.58 11.25
N ILE C 259 13.70 -34.89 12.11
CA ILE C 259 14.05 -34.71 13.50
C ILE C 259 14.30 -36.04 14.26
N LYS C 260 15.42 -36.05 15.01
CA LYS C 260 15.89 -37.20 15.81
C LYS C 260 15.65 -36.99 17.29
N PHE C 261 15.11 -38.00 17.95
CA PHE C 261 14.80 -37.95 19.35
C PHE C 261 15.60 -38.97 20.19
N ILE C 262 15.81 -38.63 21.47
CA ILE C 262 16.51 -39.46 22.46
C ILE C 262 15.60 -39.32 23.67
N ARG C 263 14.98 -40.40 24.11
CA ARG C 263 14.07 -40.27 25.23
C ARG C 263 14.65 -40.61 26.57
N GLN C 264 14.13 -39.99 27.62
CA GLN C 264 14.61 -40.20 28.98
C GLN C 264 16.14 -40.09 29.14
N PHE C 265 16.66 -38.89 28.92
CA PHE C 265 18.07 -38.59 29.00
C PHE C 265 18.29 -37.08 29.19
N VAL C 266 18.69 -36.66 30.39
CA VAL C 266 18.97 -35.27 30.65
C VAL C 266 20.47 -35.11 30.53
N PRO C 267 20.95 -34.00 29.96
CA PRO C 267 22.39 -33.94 29.90
C PRO C 267 22.99 -33.57 31.29
N ILE C 268 24.28 -33.88 31.46
CA ILE C 268 24.99 -33.63 32.71
C ILE C 268 26.19 -32.75 32.52
N LYS C 269 26.72 -32.65 31.31
CA LYS C 269 27.87 -31.81 31.09
C LYS C 269 28.01 -31.53 29.64
N VAL C 270 28.47 -30.33 29.32
CA VAL C 270 28.71 -29.92 27.95
C VAL C 270 30.13 -29.37 27.93
N GLU C 271 30.97 -29.96 27.08
CA GLU C 271 32.37 -29.53 26.96
C GLU C 271 32.76 -29.08 25.58
N GLN C 272 33.37 -27.93 25.48
CA GLN C 272 33.75 -27.42 24.20
C GLN C 272 34.93 -28.10 23.55
N ILE C 273 34.72 -28.85 22.47
CA ILE C 273 35.85 -29.51 21.84
C ILE C 273 36.50 -28.61 20.81
N GLU C 274 36.05 -27.37 20.73
CA GLU C 274 36.61 -26.41 19.79
C GLU C 274 35.71 -25.20 19.80
N ALA C 275 36.23 -24.03 19.45
CA ALA C 275 35.42 -22.81 19.39
C ALA C 275 35.42 -22.40 17.92
N GLY C 276 34.34 -21.71 17.54
CA GLY C 276 34.20 -21.25 16.16
C GLY C 276 32.78 -20.83 15.80
N THR C 277 32.57 -20.51 14.52
CA THR C 277 31.26 -20.09 14.02
C THR C 277 30.66 -21.15 13.07
N PRO C 278 30.19 -22.27 13.64
CA PRO C 278 30.19 -22.63 15.05
C PRO C 278 31.36 -23.50 15.46
N GLY C 279 31.34 -23.88 16.73
CA GLY C 279 32.35 -24.76 17.27
C GLY C 279 31.88 -26.22 17.19
N ARG C 280 32.44 -27.07 18.05
CA ARG C 280 32.11 -28.47 18.08
C ARG C 280 32.03 -28.78 19.56
N LEU C 281 30.91 -29.30 20.07
CA LEU C 281 30.81 -29.56 21.49
C LEU C 281 30.46 -31.00 21.77
N ARG C 282 30.65 -31.44 22.99
CA ARG C 282 30.36 -32.82 23.37
C ARG C 282 29.39 -32.83 24.51
N VAL C 283 28.25 -33.45 24.32
CA VAL C 283 27.26 -33.47 25.38
C VAL C 283 27.18 -34.83 26.01
N VAL C 284 27.22 -34.85 27.33
CA VAL C 284 27.16 -36.11 28.04
C VAL C 284 25.87 -36.20 28.81
N ALA C 285 25.10 -37.24 28.57
CA ALA C 285 23.84 -37.36 29.26
C ALA C 285 23.62 -38.64 29.97
N GLN C 286 22.79 -38.56 31.01
CA GLN C 286 22.45 -39.70 31.84
C GLN C 286 20.99 -40.05 31.77
N SER C 287 20.69 -41.29 31.42
CA SER C 287 19.30 -41.72 31.37
C SER C 287 18.65 -41.40 32.68
N THR C 288 17.34 -41.41 32.72
CA THR C 288 16.62 -41.09 33.93
C THR C 288 15.97 -42.32 34.58
N ASN C 289 16.06 -43.45 33.87
CA ASN C 289 15.50 -44.68 34.38
C ASN C 289 16.63 -45.66 34.72
N SER C 290 17.78 -45.46 34.09
CA SER C 290 18.93 -46.34 34.29
C SER C 290 20.20 -45.60 34.74
N GLU C 291 21.35 -46.26 34.59
CA GLU C 291 22.60 -45.66 34.98
C GLU C 291 23.40 -45.36 33.73
N GLU C 292 22.92 -45.84 32.58
CA GLU C 292 23.63 -45.65 31.33
C GLU C 292 24.06 -44.20 31.12
N ILE C 293 25.07 -43.98 30.29
CA ILE C 293 25.55 -42.62 30.02
C ILE C 293 25.92 -42.57 28.55
N ILE C 294 25.51 -41.53 27.82
CA ILE C 294 25.83 -41.44 26.39
C ILE C 294 26.65 -40.20 26.04
N GLU C 295 27.32 -40.22 24.90
CA GLU C 295 28.13 -39.08 24.50
C GLU C 295 27.89 -38.76 23.04
N GLY C 296 27.78 -37.47 22.72
CA GLY C 296 27.58 -37.14 21.33
C GLY C 296 28.11 -35.75 21.11
N GLU C 297 28.57 -35.47 19.91
CA GLU C 297 29.07 -34.15 19.65
C GLU C 297 28.21 -33.49 18.60
N TYR C 298 27.73 -32.28 18.93
CA TYR C 298 26.89 -31.47 18.04
C TYR C 298 27.51 -30.12 17.90
N ASN C 299 27.15 -29.39 16.85
CA ASN C 299 27.67 -28.03 16.66
C ASN C 299 27.07 -27.00 17.61
N THR C 300 25.78 -27.08 17.87
CA THR C 300 25.16 -26.13 18.76
C THR C 300 24.26 -26.87 19.72
N VAL C 301 24.01 -26.31 20.88
CA VAL C 301 23.11 -26.99 21.79
C VAL C 301 22.26 -25.97 22.50
N MET C 302 20.96 -25.99 22.27
CA MET C 302 20.12 -25.02 22.91
C MET C 302 19.25 -25.66 23.99
N LEU C 303 19.00 -24.90 25.05
CA LEU C 303 18.21 -25.48 26.09
C LEU C 303 16.87 -24.79 26.08
N ALA C 304 15.82 -25.59 26.25
CA ALA C 304 14.42 -25.14 26.25
C ALA C 304 13.76 -25.96 27.33
N ILE C 305 14.25 -25.84 28.55
CA ILE C 305 13.70 -26.65 29.60
C ILE C 305 12.77 -25.92 30.49
N GLY C 306 12.51 -24.67 30.17
CA GLY C 306 11.59 -23.89 30.97
C GLY C 306 11.99 -22.43 31.06
N ARG C 307 11.21 -21.63 31.78
CA ARG C 307 11.55 -20.22 31.91
C ARG C 307 11.23 -19.77 33.33
N ASP C 308 12.07 -18.93 33.91
CA ASP C 308 11.85 -18.48 35.28
C ASP C 308 11.39 -17.04 35.32
N ALA C 309 10.35 -16.78 36.09
CA ALA C 309 9.81 -15.43 36.21
C ALA C 309 10.83 -14.46 36.81
N CYS C 310 10.96 -13.30 36.20
CA CYS C 310 11.88 -12.29 36.69
C CYS C 310 11.29 -11.56 37.90
N THR C 311 10.92 -12.28 38.95
CA THR C 311 10.35 -11.64 40.11
C THR C 311 11.25 -11.60 41.34
N ARG C 312 12.42 -12.22 41.23
CA ARG C 312 13.35 -12.31 42.36
C ARG C 312 14.13 -11.05 42.76
N LYS C 313 14.49 -10.26 41.75
CA LYS C 313 15.30 -9.09 41.91
C LYS C 313 14.65 -7.77 41.56
N ILE C 314 13.52 -7.42 42.18
CA ILE C 314 12.91 -6.11 41.87
C ILE C 314 12.64 -5.31 43.13
N GLY C 315 12.58 -6.00 44.27
CA GLY C 315 12.36 -5.29 45.52
C GLY C 315 11.08 -5.62 46.22
N LEU C 316 10.51 -6.74 45.86
CA LEU C 316 9.25 -7.12 46.45
C LEU C 316 9.20 -7.15 47.99
N GLU C 317 10.36 -7.11 48.63
CA GLU C 317 10.33 -7.11 50.09
C GLU C 317 10.04 -5.68 50.54
N THR C 318 10.84 -4.74 50.06
CA THR C 318 10.73 -3.32 50.42
C THR C 318 9.37 -2.70 50.17
N VAL C 319 8.41 -3.48 49.72
CA VAL C 319 7.14 -2.88 49.47
C VAL C 319 6.02 -3.74 49.99
N GLY C 320 6.30 -5.02 50.17
CA GLY C 320 5.29 -5.91 50.73
C GLY C 320 4.55 -6.93 49.86
N VAL C 321 5.05 -7.17 48.65
CA VAL C 321 4.39 -8.13 47.76
C VAL C 321 4.77 -9.55 48.08
N LYS C 322 3.77 -10.35 48.42
CA LYS C 322 4.05 -11.74 48.72
C LYS C 322 3.90 -12.52 47.43
N ILE C 323 4.94 -13.27 47.10
CA ILE C 323 4.93 -14.06 45.90
C ILE C 323 5.05 -15.48 46.37
N ASN C 324 5.25 -16.40 45.44
CA ASN C 324 5.40 -17.78 45.80
C ASN C 324 6.86 -18.09 45.54
N GLU C 325 7.68 -17.93 46.57
CA GLU C 325 9.13 -18.16 46.50
C GLU C 325 9.48 -19.45 45.83
N LYS C 326 8.66 -20.47 46.09
CA LYS C 326 8.84 -21.83 45.55
C LYS C 326 8.99 -21.83 44.03
N THR C 327 7.91 -21.44 43.34
CA THR C 327 7.88 -21.38 41.86
C THR C 327 8.43 -20.07 41.27
N GLY C 328 7.85 -18.95 41.66
CA GLY C 328 8.33 -17.66 41.17
C GLY C 328 7.20 -16.74 40.80
N LYS C 329 6.07 -17.33 40.44
CA LYS C 329 4.90 -16.57 40.05
C LYS C 329 4.47 -15.62 41.18
N ILE C 330 3.39 -14.89 40.94
CA ILE C 330 2.86 -13.89 41.88
C ILE C 330 1.38 -14.14 42.06
N PRO C 331 0.91 -14.46 43.26
CA PRO C 331 -0.53 -14.67 43.32
C PRO C 331 -1.23 -13.35 43.06
N VAL C 332 -2.49 -13.39 42.65
CA VAL C 332 -3.19 -12.15 42.39
C VAL C 332 -4.69 -12.37 42.30
N THR C 333 -5.44 -11.27 42.38
CA THR C 333 -6.91 -11.30 42.33
C THR C 333 -7.57 -11.31 40.92
N ASP C 334 -8.86 -11.60 40.87
CA ASP C 334 -9.55 -11.61 39.60
C ASP C 334 -9.53 -10.22 38.97
N GLU C 335 -8.74 -9.31 39.55
CA GLU C 335 -8.60 -7.96 39.01
C GLU C 335 -7.12 -7.67 38.70
N GLU C 336 -6.33 -8.74 38.78
CA GLU C 336 -4.90 -8.66 38.49
C GLU C 336 -4.20 -7.81 39.56
N GLN C 337 -4.81 -7.84 40.75
CA GLN C 337 -4.37 -7.12 41.94
C GLN C 337 -3.61 -8.02 42.91
N THR C 338 -2.43 -7.56 43.37
CA THR C 338 -1.58 -8.31 44.30
C THR C 338 -2.19 -8.25 45.71
N ASN C 339 -1.37 -8.42 46.73
CA ASN C 339 -1.84 -8.31 48.11
C ASN C 339 -1.76 -6.81 48.51
N VAL C 340 -0.87 -6.09 47.82
CA VAL C 340 -0.64 -4.66 48.03
C VAL C 340 -1.50 -3.86 47.05
N PRO C 341 -2.64 -3.34 47.54
CA PRO C 341 -3.59 -2.56 46.75
C PRO C 341 -3.10 -1.54 45.71
N TYR C 342 -1.83 -1.12 45.74
CA TYR C 342 -1.42 -0.16 44.72
C TYR C 342 -0.43 -0.72 43.72
N ILE C 343 -0.10 -2.00 43.89
CA ILE C 343 0.78 -2.62 42.94
C ILE C 343 0.09 -3.82 42.35
N TYR C 344 0.02 -3.82 41.02
CA TYR C 344 -0.61 -4.89 40.26
C TYR C 344 0.47 -5.52 39.42
N ALA C 345 0.18 -6.74 38.97
CA ALA C 345 1.10 -7.46 38.08
C ALA C 345 0.29 -8.21 37.01
N ILE C 346 0.76 -8.16 35.78
CA ILE C 346 0.07 -8.83 34.68
C ILE C 346 1.06 -9.51 33.77
N GLY C 347 0.80 -10.73 33.37
CA GLY C 347 1.76 -11.34 32.48
C GLY C 347 2.19 -12.73 32.82
N ASP C 348 3.22 -13.17 32.15
CA ASP C 348 3.71 -14.50 32.39
C ASP C 348 3.98 -14.72 33.86
N ILE C 349 4.36 -13.65 34.55
CA ILE C 349 4.72 -13.79 35.96
C ILE C 349 3.57 -14.08 36.89
N LEU C 350 2.36 -14.18 36.35
CA LEU C 350 1.25 -14.47 37.23
C LEU C 350 1.23 -15.91 37.59
N GLU C 351 0.59 -16.22 38.71
CA GLU C 351 0.52 -17.57 39.27
C GLU C 351 -0.78 -18.19 38.85
N ASP C 352 -0.71 -19.35 38.18
CA ASP C 352 -1.92 -20.07 37.77
C ASP C 352 -2.75 -19.38 36.67
N LYS C 353 -2.07 -18.81 35.69
CA LYS C 353 -2.76 -18.13 34.60
C LYS C 353 -2.41 -18.74 33.24
N VAL C 354 -2.19 -17.89 32.25
CA VAL C 354 -1.87 -18.29 30.89
C VAL C 354 -0.71 -17.43 30.38
N GLU C 355 0.38 -18.10 30.08
CA GLU C 355 1.59 -17.40 29.62
C GLU C 355 1.72 -17.17 28.10
N LEU C 356 0.77 -16.37 27.59
CA LEU C 356 0.67 -16.01 26.16
C LEU C 356 0.54 -14.49 25.91
N THR C 357 1.19 -13.97 24.90
CA THR C 357 1.11 -12.54 24.65
C THR C 357 -0.29 -11.91 24.54
N PRO C 358 -1.20 -12.57 23.80
CA PRO C 358 -2.51 -11.95 23.71
C PRO C 358 -3.16 -11.82 25.02
N VAL C 359 -2.92 -12.79 25.91
CA VAL C 359 -3.53 -12.70 27.23
C VAL C 359 -2.90 -11.56 28.01
N ALA C 360 -1.59 -11.49 28.04
CA ALA C 360 -1.03 -10.36 28.75
C ALA C 360 -1.68 -9.03 28.27
N ILE C 361 -1.63 -8.78 26.96
CA ILE C 361 -2.15 -7.55 26.37
C ILE C 361 -3.58 -7.23 26.80
N GLN C 362 -4.40 -8.27 26.86
CA GLN C 362 -5.80 -8.09 27.28
C GLN C 362 -5.83 -7.62 28.70
N ALA C 363 -5.12 -8.36 29.55
CA ALA C 363 -5.04 -8.03 30.97
C ALA C 363 -4.58 -6.57 31.19
N GLY C 364 -3.49 -6.21 30.52
CA GLY C 364 -2.95 -4.88 30.65
C GLY C 364 -3.86 -3.77 30.20
N ARG C 365 -4.58 -4.02 29.11
CA ARG C 365 -5.52 -3.06 28.54
C ARG C 365 -6.79 -3.00 29.39
N LEU C 366 -7.28 -4.18 29.79
CA LEU C 366 -8.48 -4.25 30.59
C LEU C 366 -8.28 -3.67 31.98
N LEU C 367 -7.06 -3.84 32.50
CA LEU C 367 -6.74 -3.30 33.81
C LEU C 367 -6.91 -1.77 33.77
N ALA C 368 -6.12 -1.15 32.87
CA ALA C 368 -6.12 0.30 32.65
C ALA C 368 -7.52 0.85 32.58
N GLN C 369 -8.43 0.15 31.88
CA GLN C 369 -9.83 0.55 31.76
C GLN C 369 -10.59 0.29 33.07
N ARG C 370 -10.30 -0.84 33.68
CA ARG C 370 -10.93 -1.23 34.94
C ARG C 370 -10.50 -0.22 36.01
N LEU C 371 -9.31 0.36 35.85
CA LEU C 371 -8.77 1.35 36.78
C LEU C 371 -9.28 2.77 36.53
N TYR C 372 -8.92 3.29 35.36
CA TYR C 372 -9.24 4.64 34.93
C TYR C 372 -10.31 4.90 33.87
N ALA C 373 -11.28 4.03 33.68
CA ALA C 373 -12.31 4.30 32.69
C ALA C 373 -13.63 3.81 33.22
N GLY C 374 -13.61 3.36 34.46
CA GLY C 374 -14.86 2.91 35.06
C GLY C 374 -15.31 1.56 34.54
N SER C 375 -14.47 0.94 33.72
CA SER C 375 -14.79 -0.38 33.19
C SER C 375 -14.94 -1.34 34.35
N THR C 376 -15.69 -2.40 34.10
CA THR C 376 -15.95 -3.36 35.14
C THR C 376 -15.61 -4.69 34.55
N VAL C 377 -14.85 -4.65 33.47
CA VAL C 377 -14.51 -5.91 32.80
C VAL C 377 -13.18 -6.57 33.16
N LYS C 378 -13.31 -7.80 33.66
CA LYS C 378 -12.19 -8.62 34.10
C LYS C 378 -11.67 -9.42 32.90
N CYS C 379 -10.37 -9.69 32.86
CA CYS C 379 -9.86 -10.48 31.74
C CYS C 379 -10.17 -11.94 31.99
N ASP C 380 -10.93 -12.57 31.11
CA ASP C 380 -11.32 -13.99 31.23
C ASP C 380 -10.14 -14.90 30.86
N TYR C 381 -9.70 -15.76 31.77
CA TYR C 381 -8.56 -16.65 31.49
C TYR C 381 -9.02 -18.07 31.18
N GLU C 382 -10.33 -18.26 31.19
CA GLU C 382 -10.96 -19.55 30.92
C GLU C 382 -11.01 -19.81 29.42
N ASN C 383 -10.72 -21.03 29.01
CA ASN C 383 -10.78 -21.40 27.60
C ASN C 383 -10.02 -20.51 26.60
N VAL C 384 -8.71 -20.49 26.77
CA VAL C 384 -7.88 -19.71 25.90
C VAL C 384 -7.33 -20.63 24.87
N PRO C 385 -7.33 -20.19 23.62
CA PRO C 385 -6.82 -20.91 22.47
C PRO C 385 -5.33 -20.74 22.43
N THR C 386 -4.66 -21.72 21.83
CA THR C 386 -3.20 -21.74 21.65
C THR C 386 -2.84 -22.49 20.40
N THR C 387 -1.59 -22.34 20.01
CA THR C 387 -1.11 -22.97 18.80
C THR C 387 0.38 -23.19 18.86
N VAL C 388 0.77 -24.45 18.86
CA VAL C 388 2.18 -24.80 18.87
C VAL C 388 2.66 -24.88 17.40
N PHE C 389 3.51 -23.99 16.93
CA PHE C 389 3.91 -24.06 15.55
C PHE C 389 5.02 -25.04 15.19
N THR C 390 4.79 -26.31 15.52
CA THR C 390 5.72 -27.38 15.19
C THR C 390 5.58 -27.59 13.70
N PRO C 391 6.49 -28.31 13.07
CA PRO C 391 6.31 -28.50 11.62
C PRO C 391 4.85 -28.74 11.14
N LEU C 392 4.09 -29.51 11.92
CA LEU C 392 2.70 -29.74 11.62
C LEU C 392 2.00 -29.00 12.74
N GLU C 393 1.58 -27.74 12.55
CA GLU C 393 0.96 -26.95 13.62
C GLU C 393 -0.06 -27.70 14.43
N TYR C 394 -0.46 -27.15 15.57
CA TYR C 394 -1.45 -27.82 16.38
C TYR C 394 -2.00 -26.79 17.29
N GLY C 395 -3.27 -26.48 17.03
CA GLY C 395 -4.00 -25.49 17.81
C GLY C 395 -5.05 -26.21 18.61
N ALA C 396 -5.47 -25.59 19.71
CA ALA C 396 -6.49 -26.17 20.55
C ALA C 396 -7.03 -25.15 21.48
N CYS C 397 -8.24 -25.41 21.93
CA CYS C 397 -8.93 -24.55 22.85
C CYS C 397 -9.71 -25.40 23.87
N GLY C 398 -9.69 -24.99 25.12
CA GLY C 398 -10.44 -25.73 26.12
C GLY C 398 -9.72 -26.90 26.74
N LEU C 399 -10.50 -27.81 27.32
CA LEU C 399 -9.99 -29.00 27.97
C LEU C 399 -9.21 -29.95 27.12
N SER C 400 -8.22 -30.63 27.68
CA SER C 400 -7.52 -31.63 26.88
C SER C 400 -8.50 -32.79 26.99
N GLU C 401 -8.16 -33.97 26.48
CA GLU C 401 -9.11 -35.03 26.67
C GLU C 401 -9.04 -35.44 28.14
N GLU C 402 -7.82 -35.74 28.59
CA GLU C 402 -7.57 -36.16 29.97
C GLU C 402 -8.21 -35.24 30.99
N LYS C 403 -7.75 -33.99 31.02
CA LYS C 403 -8.27 -33.04 32.00
C LYS C 403 -9.76 -32.99 31.92
N ALA C 404 -10.29 -33.24 30.74
CA ALA C 404 -11.74 -33.17 30.58
C ALA C 404 -12.43 -34.35 31.20
N VAL C 405 -11.87 -35.52 30.94
CA VAL C 405 -12.40 -36.78 31.48
C VAL C 405 -12.40 -36.67 33.00
N GLU C 406 -11.27 -36.19 33.49
CA GLU C 406 -11.04 -36.00 34.91
C GLU C 406 -12.03 -35.02 35.52
N LYS C 407 -12.41 -33.95 34.80
CA LYS C 407 -13.36 -32.98 35.39
C LYS C 407 -14.83 -33.39 35.34
N PHE C 408 -15.20 -34.29 34.41
CA PHE C 408 -16.59 -34.74 34.32
C PHE C 408 -16.80 -36.27 34.44
N GLY C 409 -15.78 -37.07 34.09
CA GLY C 409 -15.88 -38.52 34.19
C GLY C 409 -16.16 -39.27 32.88
N GLU C 410 -15.32 -40.26 32.56
CA GLU C 410 -15.45 -41.03 31.31
C GLU C 410 -16.89 -41.28 30.91
N GLU C 411 -17.75 -41.44 31.91
CA GLU C 411 -19.16 -41.73 31.67
C GLU C 411 -19.98 -40.61 31.00
N ASN C 412 -19.60 -39.34 31.19
CA ASN C 412 -20.36 -38.26 30.57
C ASN C 412 -19.59 -37.46 29.54
N ILE C 413 -18.60 -38.07 28.91
CA ILE C 413 -17.84 -37.32 27.93
C ILE C 413 -17.60 -38.14 26.68
N GLU C 414 -17.83 -37.54 25.53
CA GLU C 414 -17.62 -38.29 24.32
C GLU C 414 -16.63 -37.58 23.47
N VAL C 415 -15.89 -38.34 22.69
CA VAL C 415 -14.87 -37.71 21.89
C VAL C 415 -15.02 -38.02 20.44
N TYR C 416 -15.35 -37.00 19.64
CA TYR C 416 -15.46 -37.21 18.20
C TYR C 416 -14.10 -36.87 17.61
N HIS C 417 -13.63 -37.70 16.70
CA HIS C 417 -12.36 -37.44 16.09
C HIS C 417 -12.37 -37.95 14.70
N SER C 418 -11.38 -37.51 13.94
CA SER C 418 -11.27 -37.93 12.57
C SER C 418 -9.94 -37.51 11.99
N TYR C 419 -9.54 -38.14 10.89
CA TYR C 419 -8.29 -37.73 10.29
C TYR C 419 -8.71 -36.85 9.12
N PHE C 420 -7.78 -36.28 8.38
CA PHE C 420 -8.18 -35.51 7.21
C PHE C 420 -6.95 -35.26 6.41
N TRP C 421 -7.07 -34.93 5.13
CA TRP C 421 -5.91 -34.76 4.25
C TRP C 421 -6.16 -33.48 3.49
N PRO C 422 -5.26 -32.52 3.63
CA PRO C 422 -5.37 -31.22 2.95
C PRO C 422 -5.31 -31.31 1.45
N LEU C 423 -6.40 -30.90 0.80
CA LEU C 423 -6.43 -30.92 -0.64
C LEU C 423 -5.12 -30.45 -1.28
N GLU C 424 -4.46 -29.46 -0.74
CA GLU C 424 -3.24 -29.04 -1.35
C GLU C 424 -2.19 -30.14 -1.23
N TRP C 425 -2.28 -31.04 -0.28
CA TRP C 425 -1.22 -32.02 -0.18
C TRP C 425 -1.32 -33.17 -1.17
N THR C 426 -2.50 -33.41 -1.73
CA THR C 426 -2.67 -34.51 -2.68
C THR C 426 -1.86 -34.49 -3.95
N ILE C 427 -1.85 -33.38 -4.68
CA ILE C 427 -1.03 -33.31 -5.91
C ILE C 427 0.43 -33.64 -5.61
N PRO C 428 0.99 -33.03 -4.54
CA PRO C 428 2.40 -33.29 -4.20
C PRO C 428 2.46 -34.74 -3.74
N SER C 429 1.31 -35.20 -3.24
CA SER C 429 1.13 -36.53 -2.75
C SER C 429 2.01 -36.90 -1.57
N ARG C 430 1.75 -36.26 -0.44
CA ARG C 430 2.48 -36.55 0.76
C ARG C 430 1.58 -36.65 1.99
N ASP C 431 2.18 -37.09 3.06
CA ASP C 431 1.52 -37.23 4.34
C ASP C 431 -0.01 -37.29 4.28
N ASN C 432 -0.57 -38.47 4.04
CA ASN C 432 -2.00 -38.53 4.11
C ASN C 432 -2.23 -39.22 5.42
N ASN C 433 -3.40 -38.96 6.03
CA ASN C 433 -3.80 -39.53 7.34
C ASN C 433 -2.88 -39.08 8.48
N LYS C 434 -2.25 -37.95 8.24
CA LYS C 434 -1.36 -37.36 9.18
C LYS C 434 -2.14 -36.31 9.98
N CYS C 435 -2.82 -35.37 9.30
CA CYS C 435 -3.57 -34.37 10.06
C CYS C 435 -4.62 -35.02 10.89
N TYR C 436 -5.20 -34.31 11.83
CA TYR C 436 -6.17 -34.97 12.70
C TYR C 436 -6.90 -33.97 13.53
N ALA C 437 -8.16 -34.25 13.81
CA ALA C 437 -8.98 -33.32 14.59
C ALA C 437 -9.78 -34.02 15.63
N LYS C 438 -10.05 -33.36 16.73
CA LYS C 438 -10.90 -33.96 17.74
C LYS C 438 -11.57 -32.96 18.68
N ILE C 439 -12.83 -33.23 18.97
CA ILE C 439 -13.63 -32.38 19.87
C ILE C 439 -14.18 -33.24 21.07
N ILE C 440 -14.14 -32.67 22.27
CA ILE C 440 -14.59 -33.31 23.52
C ILE C 440 -15.89 -32.67 23.94
N CYS C 441 -16.89 -33.48 24.25
CA CYS C 441 -18.18 -32.93 24.66
C CYS C 441 -18.65 -33.49 25.97
N ASN C 442 -19.37 -32.68 26.73
CA ASN C 442 -19.90 -33.11 28.02
C ASN C 442 -21.33 -33.57 27.80
N THR C 443 -21.54 -34.89 27.84
CA THR C 443 -22.87 -35.43 27.62
C THR C 443 -23.92 -34.97 28.62
N LYS C 444 -23.54 -34.72 29.85
CA LYS C 444 -24.55 -34.27 30.77
C LYS C 444 -24.96 -32.83 30.56
N ASP C 445 -24.22 -32.10 29.71
CA ASP C 445 -24.55 -30.69 29.42
C ASP C 445 -24.78 -30.45 27.92
N ASN C 446 -25.88 -30.97 27.40
CA ASN C 446 -26.22 -30.81 26.00
C ASN C 446 -25.05 -31.10 25.05
N GLU C 447 -24.24 -32.09 25.41
CA GLU C 447 -23.08 -32.48 24.61
C GLU C 447 -22.31 -31.22 24.24
N ARG C 448 -21.98 -30.42 25.26
CA ARG C 448 -21.25 -29.17 25.04
C ARG C 448 -19.82 -29.44 24.65
N VAL C 449 -19.28 -28.59 23.80
CA VAL C 449 -17.92 -28.75 23.37
C VAL C 449 -17.05 -28.01 24.35
N VAL C 450 -16.32 -28.80 25.16
CA VAL C 450 -15.43 -28.34 26.20
C VAL C 450 -13.99 -28.37 25.78
N GLY C 451 -13.71 -28.98 24.63
CA GLY C 451 -12.35 -29.04 24.15
C GLY C 451 -12.26 -29.19 22.64
N PHE C 452 -11.37 -28.46 22.02
CA PHE C 452 -11.21 -28.48 20.57
C PHE C 452 -9.76 -28.69 20.27
N HIS C 453 -9.41 -29.71 19.50
CA HIS C 453 -8.01 -29.92 19.17
C HIS C 453 -7.82 -30.18 17.70
N VAL C 454 -6.94 -29.47 17.03
CA VAL C 454 -6.73 -29.80 15.62
C VAL C 454 -5.29 -29.76 15.21
N LEU C 455 -4.87 -30.79 14.51
CA LEU C 455 -3.49 -30.90 14.07
C LEU C 455 -3.46 -30.93 12.56
N GLY C 456 -2.86 -29.89 12.00
CA GLY C 456 -2.76 -29.80 10.55
C GLY C 456 -2.30 -28.43 10.19
N PRO C 457 -2.15 -28.12 8.92
CA PRO C 457 -1.70 -26.77 8.56
C PRO C 457 -2.57 -25.63 9.05
N ASN C 458 -1.95 -24.45 9.05
CA ASN C 458 -2.56 -23.22 9.45
C ASN C 458 -3.54 -23.44 10.53
N ALA C 459 -3.15 -24.18 11.53
CA ALA C 459 -4.06 -24.46 12.63
C ALA C 459 -4.46 -23.27 13.45
N GLY C 460 -3.62 -22.25 13.45
CA GLY C 460 -3.97 -21.13 14.26
C GLY C 460 -5.22 -20.49 13.76
N GLU C 461 -5.29 -20.38 12.45
CA GLU C 461 -6.39 -19.75 11.76
C GLU C 461 -7.65 -20.53 12.01
N VAL C 462 -7.47 -21.83 11.98
CA VAL C 462 -8.54 -22.78 12.18
C VAL C 462 -9.12 -22.65 13.58
N THR C 463 -8.28 -22.46 14.57
CA THR C 463 -8.79 -22.43 15.93
C THR C 463 -9.47 -21.16 16.41
N GLN C 464 -8.89 -20.01 16.12
CA GLN C 464 -9.42 -18.72 16.60
C GLN C 464 -10.92 -18.76 16.78
N GLY C 465 -11.62 -18.74 15.66
CA GLY C 465 -13.06 -18.73 15.67
C GLY C 465 -13.78 -19.92 16.26
N PHE C 466 -13.15 -20.74 17.05
CA PHE C 466 -13.93 -21.83 17.61
C PHE C 466 -13.85 -21.55 19.10
N ALA C 467 -12.83 -20.78 19.42
CA ALA C 467 -12.59 -20.35 20.77
C ALA C 467 -13.74 -19.37 20.99
N ALA C 468 -13.93 -18.49 20.00
CA ALA C 468 -14.99 -17.52 20.04
C ALA C 468 -16.29 -18.27 20.16
N ALA C 469 -16.35 -19.44 19.54
CA ALA C 469 -17.54 -20.26 19.62
C ALA C 469 -17.76 -20.72 21.07
N LEU C 470 -16.67 -21.09 21.74
CA LEU C 470 -16.71 -21.56 23.09
C LEU C 470 -17.21 -20.54 24.10
N LYS C 471 -16.83 -19.29 23.89
CA LYS C 471 -17.29 -18.29 24.84
C LYS C 471 -18.80 -18.10 24.66
N CYS C 472 -19.38 -18.79 23.70
CA CYS C 472 -20.80 -18.65 23.45
C CYS C 472 -21.50 -19.94 23.87
N GLY C 473 -20.75 -21.01 24.04
CA GLY C 473 -21.41 -22.22 24.51
C GLY C 473 -21.84 -23.14 23.42
N LEU C 474 -21.06 -23.19 22.36
CA LEU C 474 -21.35 -24.05 21.24
C LEU C 474 -21.73 -25.43 21.73
N THR C 475 -22.53 -26.13 20.94
CA THR C 475 -22.98 -27.49 21.22
C THR C 475 -22.80 -28.42 19.99
N LYS C 476 -22.58 -29.71 20.22
CA LYS C 476 -22.41 -30.62 19.11
C LYS C 476 -23.61 -30.49 18.15
N LYS C 477 -24.83 -30.39 18.68
CA LYS C 477 -26.00 -30.26 17.80
C LYS C 477 -25.76 -29.02 16.95
N GLN C 478 -25.36 -27.93 17.61
CA GLN C 478 -25.10 -26.65 16.95
C GLN C 478 -23.98 -26.68 15.93
N LEU C 479 -22.95 -27.44 16.26
CA LEU C 479 -21.81 -27.57 15.38
C LEU C 479 -22.30 -28.26 14.13
N ASP C 480 -23.04 -29.34 14.32
CA ASP C 480 -23.56 -30.11 13.20
C ASP C 480 -24.45 -29.27 12.29
N SER C 481 -25.23 -28.39 12.90
CA SER C 481 -26.11 -27.52 12.18
C SER C 481 -25.31 -26.58 11.27
N THR C 482 -24.04 -26.38 11.57
CA THR C 482 -23.19 -25.51 10.75
C THR C 482 -22.83 -26.22 9.43
N ILE C 483 -22.74 -25.48 8.32
CA ILE C 483 -22.33 -26.12 7.06
C ILE C 483 -20.84 -25.87 6.90
N GLY C 484 -20.06 -26.80 6.37
CA GLY C 484 -18.64 -26.52 6.27
C GLY C 484 -18.20 -25.75 5.02
N ILE C 485 -17.08 -25.04 5.04
CA ILE C 485 -16.69 -24.36 3.80
C ILE C 485 -16.00 -25.44 2.94
N HIS C 486 -15.82 -25.28 1.64
CA HIS C 486 -15.16 -26.38 0.93
C HIS C 486 -14.44 -25.90 -0.27
N PRO C 487 -13.23 -26.41 -0.48
CA PRO C 487 -12.56 -27.37 0.38
C PRO C 487 -11.62 -26.63 1.34
N VAL C 488 -11.95 -26.58 2.62
CA VAL C 488 -11.00 -25.96 3.54
C VAL C 488 -10.68 -26.98 4.63
N CYS C 489 -9.46 -26.96 5.14
CA CYS C 489 -9.14 -27.93 6.18
C CYS C 489 -10.17 -27.87 7.32
N ALA C 490 -10.39 -26.65 7.83
CA ALA C 490 -11.32 -26.40 8.93
C ALA C 490 -12.70 -27.07 8.81
N GLU C 491 -13.20 -27.26 7.59
CA GLU C 491 -14.51 -27.87 7.40
C GLU C 491 -14.71 -29.24 8.05
N VAL C 492 -13.61 -29.87 8.43
CA VAL C 492 -13.70 -31.18 9.03
C VAL C 492 -14.52 -31.28 10.30
N PHE C 493 -14.63 -30.17 11.01
CA PHE C 493 -15.31 -30.17 12.29
C PHE C 493 -16.80 -30.17 12.16
N THR C 494 -17.30 -29.76 11.01
CA THR C 494 -18.75 -29.69 10.79
C THR C 494 -19.42 -31.03 10.51
N THR C 495 -18.60 -32.04 10.28
CA THR C 495 -19.10 -33.37 9.95
C THR C 495 -18.39 -34.48 10.75
N LEU C 496 -18.45 -34.43 12.08
CA LEU C 496 -17.78 -35.45 12.85
C LEU C 496 -18.79 -36.46 13.40
N SER C 497 -18.76 -37.69 12.89
CA SER C 497 -19.70 -38.72 13.32
C SER C 497 -19.10 -39.83 14.14
N VAL C 498 -17.80 -40.05 14.04
CA VAL C 498 -17.19 -41.14 14.80
C VAL C 498 -16.72 -40.73 16.20
N THR C 499 -16.99 -41.59 17.19
CA THR C 499 -16.55 -41.35 18.57
C THR C 499 -15.44 -42.32 18.96
N LYS C 500 -14.69 -41.99 19.99
CA LYS C 500 -13.64 -42.89 20.39
C LYS C 500 -14.28 -44.06 21.14
N ARG C 501 -15.36 -43.76 21.87
CA ARG C 501 -16.07 -44.74 22.67
C ARG C 501 -16.68 -45.84 21.85
N SER C 502 -17.24 -45.47 20.71
CA SER C 502 -17.88 -46.44 19.80
C SER C 502 -16.76 -47.30 19.22
N GLY C 503 -15.57 -46.73 19.24
CA GLY C 503 -14.37 -47.41 18.78
C GLY C 503 -14.29 -47.96 17.37
N ALA C 504 -14.94 -47.32 16.43
CA ALA C 504 -14.86 -47.81 15.08
C ALA C 504 -13.60 -47.22 14.51
N SER C 505 -13.15 -47.69 13.37
CA SER C 505 -11.91 -47.20 12.79
C SER C 505 -12.14 -45.91 12.03
N ILE C 506 -11.12 -45.06 11.95
CA ILE C 506 -11.25 -43.83 11.20
C ILE C 506 -10.11 -43.84 10.24
N LEU C 507 -9.61 -45.03 10.04
CA LEU C 507 -8.52 -45.07 9.12
C LEU C 507 -9.18 -45.39 7.79
N GLN C 508 -9.36 -44.33 7.01
CA GLN C 508 -9.97 -44.45 5.70
C GLN C 508 -9.75 -43.16 4.91
N ALA C 509 -9.07 -43.31 3.78
CA ALA C 509 -8.80 -42.21 2.89
C ALA C 509 -7.53 -42.57 2.17
N GLY C 510 -7.68 -43.05 0.96
CA GLY C 510 -6.51 -43.47 0.23
C GLY C 510 -7.05 -44.61 -0.56
N CYS C 511 -6.83 -44.49 -1.86
CA CYS C 511 -7.33 -45.50 -2.75
C CYS C 511 -6.40 -45.49 -3.89
N CYS C 512 -6.09 -44.30 -4.36
CA CYS C 512 -5.36 -44.24 -5.59
C CYS C 512 -4.21 -43.20 -5.67
N GLY C 513 -4.55 -41.95 -6.00
CA GLY C 513 -3.58 -40.87 -6.12
C GLY C 513 -4.04 -39.52 -5.58
N SER D 24 -43.56 -52.49 -2.64
CA SER D 24 -42.18 -52.15 -3.13
C SER D 24 -42.13 -52.31 -4.68
N TYR D 25 -41.26 -51.49 -5.29
CA TYR D 25 -40.97 -51.33 -6.71
C TYR D 25 -39.56 -51.93 -7.02
N ASP D 26 -38.94 -51.50 -8.14
CA ASP D 26 -37.59 -51.95 -8.53
C ASP D 26 -36.54 -51.61 -7.45
N TYR D 27 -36.46 -50.33 -7.09
CA TYR D 27 -35.56 -49.86 -6.04
C TYR D 27 -36.33 -49.28 -4.84
N ASP D 28 -35.70 -48.47 -4.03
CA ASP D 28 -36.39 -47.90 -2.89
C ASP D 28 -36.26 -46.42 -3.09
N LEU D 29 -35.17 -46.09 -3.74
CA LEU D 29 -34.87 -44.72 -4.03
C LEU D 29 -34.00 -44.71 -5.24
N ILE D 30 -34.23 -43.71 -6.06
CA ILE D 30 -33.44 -43.51 -7.24
C ILE D 30 -32.95 -42.07 -7.23
N ILE D 31 -31.64 -41.91 -7.30
CA ILE D 31 -31.11 -40.58 -7.33
C ILE D 31 -30.66 -40.34 -8.76
N ILE D 32 -31.17 -39.24 -9.33
CA ILE D 32 -30.79 -38.87 -10.68
C ILE D 32 -29.78 -37.77 -10.46
N GLY D 33 -28.54 -38.10 -10.80
CA GLY D 33 -27.43 -37.18 -10.64
C GLY D 33 -26.42 -37.79 -9.68
N GLY D 34 -25.23 -38.13 -10.17
CA GLY D 34 -24.20 -38.69 -9.31
C GLY D 34 -23.26 -37.62 -8.78
N GLY D 35 -23.86 -36.53 -8.32
CA GLY D 35 -23.07 -35.43 -7.81
C GLY D 35 -23.03 -35.35 -6.30
N SER D 36 -22.40 -34.29 -5.82
CA SER D 36 -22.23 -34.03 -4.40
C SER D 36 -23.33 -34.58 -3.56
N GLY D 37 -24.42 -33.84 -3.46
CA GLY D 37 -25.54 -34.30 -2.66
C GLY D 37 -26.05 -35.62 -3.20
N GLY D 38 -25.89 -35.84 -4.50
CA GLY D 38 -26.37 -37.10 -5.02
C GLY D 38 -25.78 -38.22 -4.22
N LEU D 39 -24.53 -38.48 -4.57
CA LEU D 39 -23.72 -39.52 -3.95
C LEU D 39 -23.80 -39.53 -2.42
N ALA D 40 -23.95 -38.35 -1.83
CA ALA D 40 -24.07 -38.22 -0.37
C ALA D 40 -25.29 -38.96 0.20
N ALA D 41 -26.44 -38.58 -0.36
CA ALA D 41 -27.72 -39.14 0.02
C ALA D 41 -27.67 -40.60 -0.36
N ALA D 42 -27.08 -40.88 -1.53
CA ALA D 42 -26.93 -42.25 -1.97
C ALA D 42 -26.44 -43.11 -0.78
N LYS D 43 -25.23 -42.79 -0.36
CA LYS D 43 -24.57 -43.49 0.70
C LYS D 43 -25.37 -43.50 1.98
N GLU D 44 -25.74 -42.33 2.48
CA GLU D 44 -26.45 -42.25 3.77
C GLU D 44 -27.67 -43.13 3.86
N ALA D 45 -28.39 -43.21 2.75
CA ALA D 45 -29.57 -44.04 2.67
C ALA D 45 -29.14 -45.50 2.67
N ALA D 46 -28.24 -45.89 1.77
CA ALA D 46 -27.80 -47.28 1.72
C ALA D 46 -27.49 -47.85 3.11
N GLN D 47 -26.81 -47.05 3.93
CA GLN D 47 -26.42 -47.47 5.26
C GLN D 47 -27.61 -47.73 6.17
N TYR D 48 -28.82 -47.52 5.69
CA TYR D 48 -29.96 -47.83 6.53
C TYR D 48 -30.70 -49.01 5.92
N GLY D 49 -29.97 -49.86 5.19
CA GLY D 49 -30.55 -51.04 4.58
C GLY D 49 -31.64 -50.86 3.52
N LYS D 50 -31.43 -49.92 2.60
CA LYS D 50 -32.39 -49.66 1.54
C LYS D 50 -31.76 -50.13 0.23
N LYS D 51 -32.56 -50.17 -0.82
CA LYS D 51 -32.08 -50.57 -2.14
C LYS D 51 -31.97 -49.25 -2.89
N VAL D 52 -30.76 -48.87 -3.29
CA VAL D 52 -30.62 -47.62 -3.99
C VAL D 52 -29.97 -47.74 -5.34
N MET D 53 -30.27 -46.79 -6.20
CA MET D 53 -29.69 -46.80 -7.50
C MET D 53 -29.36 -45.37 -7.86
N VAL D 54 -28.14 -45.15 -8.32
CA VAL D 54 -27.76 -43.81 -8.66
C VAL D 54 -27.53 -43.69 -10.14
N LEU D 55 -28.09 -42.68 -10.74
CA LEU D 55 -27.85 -42.55 -12.15
C LEU D 55 -27.10 -41.31 -12.43
N ASP D 56 -25.94 -41.44 -13.02
CA ASP D 56 -25.28 -40.22 -13.31
C ASP D 56 -24.77 -40.32 -14.73
N PHE D 57 -24.93 -39.25 -15.48
CA PHE D 57 -24.50 -39.26 -16.87
C PHE D 57 -23.93 -37.87 -17.13
N VAL D 58 -22.88 -37.75 -17.91
CA VAL D 58 -22.37 -36.42 -18.14
C VAL D 58 -22.51 -35.98 -19.57
N THR D 59 -23.38 -35.03 -19.83
CA THR D 59 -23.54 -34.61 -21.21
C THR D 59 -22.35 -33.81 -21.72
N PRO D 60 -21.72 -34.20 -22.82
CA PRO D 60 -20.59 -33.44 -23.31
C PRO D 60 -20.71 -31.95 -23.50
N THR D 61 -19.57 -31.28 -23.48
CA THR D 61 -19.52 -29.86 -23.71
C THR D 61 -19.43 -29.67 -25.20
N PRO D 62 -19.85 -28.51 -25.66
CA PRO D 62 -19.82 -28.16 -27.07
C PRO D 62 -18.51 -28.50 -27.77
N LEU D 63 -17.39 -28.29 -27.09
CA LEU D 63 -16.10 -28.61 -27.71
C LEU D 63 -15.81 -30.10 -27.48
N GLY D 64 -16.74 -30.78 -26.79
CA GLY D 64 -16.65 -32.22 -26.55
C GLY D 64 -15.89 -32.82 -25.37
N THR D 65 -15.92 -32.09 -24.25
CA THR D 65 -15.22 -32.47 -23.03
C THR D 65 -16.14 -33.33 -22.19
N ARG D 66 -15.60 -34.41 -21.59
CA ARG D 66 -16.40 -35.29 -20.71
C ARG D 66 -15.58 -35.60 -19.43
N TRP D 67 -16.28 -36.02 -18.37
CA TRP D 67 -15.63 -36.40 -17.12
C TRP D 67 -16.33 -37.52 -16.39
N GLY D 68 -15.65 -38.02 -15.35
CA GLY D 68 -16.18 -39.14 -14.59
C GLY D 68 -17.13 -38.92 -13.43
N LEU D 69 -17.48 -39.99 -12.75
CA LEU D 69 -18.40 -39.96 -11.65
C LEU D 69 -17.96 -38.93 -10.68
N GLY D 70 -18.89 -38.42 -9.89
CA GLY D 70 -18.47 -37.44 -8.91
C GLY D 70 -19.26 -36.18 -8.74
N GLY D 71 -19.47 -35.47 -9.82
CA GLY D 71 -20.22 -34.23 -9.71
C GLY D 71 -19.39 -33.08 -10.20
N THR D 72 -19.91 -31.86 -10.05
CA THR D 72 -19.21 -30.66 -10.54
C THR D 72 -17.98 -30.28 -9.71
N CYS D 73 -18.10 -30.48 -8.41
CA CYS D 73 -17.05 -30.15 -7.46
C CYS D 73 -15.76 -30.88 -7.73
N VAL D 74 -15.92 -32.18 -7.97
CA VAL D 74 -14.82 -33.10 -8.24
C VAL D 74 -14.14 -32.90 -9.58
N ASN D 75 -14.92 -32.67 -10.63
CA ASN D 75 -14.34 -32.59 -11.98
C ASN D 75 -14.10 -31.26 -12.67
N VAL D 76 -14.95 -30.29 -12.37
CA VAL D 76 -14.91 -28.99 -12.97
C VAL D 76 -15.08 -27.84 -11.94
N GLY D 77 -15.30 -28.18 -10.67
CA GLY D 77 -15.48 -27.15 -9.67
C GLY D 77 -14.44 -26.92 -8.58
N CYS D 78 -14.88 -27.07 -7.35
CA CYS D 78 -14.05 -26.90 -6.16
C CYS D 78 -12.62 -27.45 -6.22
N ILE D 79 -12.55 -28.77 -6.39
CA ILE D 79 -11.30 -29.49 -6.46
C ILE D 79 -10.41 -28.88 -7.50
N PRO D 80 -10.67 -29.11 -8.79
CA PRO D 80 -9.79 -28.49 -9.78
C PRO D 80 -9.40 -27.05 -9.44
N LYS D 81 -10.41 -26.23 -9.11
CA LYS D 81 -10.28 -24.79 -8.81
C LYS D 81 -9.34 -24.53 -7.67
N LYS D 82 -9.63 -25.05 -6.50
CA LYS D 82 -8.71 -24.81 -5.43
C LYS D 82 -7.25 -25.23 -5.77
N LEU D 83 -7.08 -26.43 -6.30
CA LEU D 83 -5.80 -26.93 -6.70
C LEU D 83 -5.10 -26.07 -7.74
N MET D 84 -5.80 -25.29 -8.51
CA MET D 84 -5.01 -24.51 -9.45
C MET D 84 -4.63 -23.21 -8.79
N HIS D 85 -5.47 -22.85 -7.84
CA HIS D 85 -5.26 -21.67 -7.02
C HIS D 85 -3.94 -21.94 -6.23
N GLN D 86 -3.83 -23.17 -5.69
CA GLN D 86 -2.64 -23.53 -4.96
C GLN D 86 -1.45 -23.29 -5.87
N ALA D 87 -1.52 -23.74 -7.12
CA ALA D 87 -0.41 -23.52 -8.02
C ALA D 87 -0.07 -22.06 -8.13
N ALA D 88 -1.09 -21.22 -8.22
CA ALA D 88 -0.81 -19.81 -8.37
C ALA D 88 -0.21 -19.25 -7.08
N LEU D 89 -0.67 -19.78 -5.94
CA LEU D 89 -0.17 -19.35 -4.62
C LEU D 89 1.30 -19.79 -4.42
N LEU D 90 1.61 -21.00 -4.86
CA LEU D 90 2.96 -21.49 -4.73
C LEU D 90 3.88 -20.57 -5.53
N GLY D 91 3.36 -19.94 -6.59
CA GLY D 91 4.20 -19.04 -7.38
C GLY D 91 4.71 -17.93 -6.49
N GLN D 92 3.77 -17.28 -5.81
CA GLN D 92 3.99 -16.19 -4.84
C GLN D 92 4.98 -16.79 -3.89
N ALA D 93 4.66 -17.91 -3.25
CA ALA D 93 5.58 -18.54 -2.31
C ALA D 93 7.00 -18.66 -2.83
N LEU D 94 7.15 -18.98 -4.11
CA LEU D 94 8.48 -19.12 -4.69
C LEU D 94 9.19 -17.83 -4.59
N GLN D 95 8.52 -16.74 -4.89
CA GLN D 95 9.16 -15.45 -4.80
C GLN D 95 9.41 -14.99 -3.36
N ASP D 96 8.49 -15.31 -2.46
CA ASP D 96 8.65 -14.92 -1.08
C ASP D 96 9.90 -15.57 -0.52
N SER D 97 10.01 -16.88 -0.72
CA SER D 97 11.16 -17.68 -0.28
C SER D 97 12.52 -17.01 -0.35
N ARG D 98 12.74 -16.29 -1.44
CA ARG D 98 13.98 -15.54 -1.70
C ARG D 98 14.45 -14.72 -0.49
N ASN D 99 13.59 -13.82 -0.03
CA ASN D 99 13.93 -12.95 1.08
C ASN D 99 14.05 -13.75 2.36
N TYR D 100 13.47 -14.95 2.44
CA TYR D 100 13.60 -15.69 3.68
C TYR D 100 14.92 -16.36 3.70
N GLY D 101 15.67 -16.18 2.62
CA GLY D 101 16.99 -16.80 2.54
C GLY D 101 17.18 -17.93 1.55
N TRP D 102 16.09 -18.42 0.94
CA TRP D 102 16.20 -19.50 -0.04
C TRP D 102 16.72 -18.96 -1.37
N LYS D 103 17.80 -19.55 -1.88
CA LYS D 103 18.42 -19.07 -3.11
C LYS D 103 17.73 -19.63 -4.31
N VAL D 104 16.73 -18.93 -4.81
CA VAL D 104 16.04 -19.39 -6.02
C VAL D 104 16.30 -18.37 -7.14
N GLU D 105 15.70 -18.60 -8.31
CA GLU D 105 15.87 -17.67 -9.42
C GLU D 105 14.90 -16.50 -9.31
N GLU D 106 15.19 -15.39 -9.98
CA GLU D 106 14.31 -14.22 -9.93
C GLU D 106 12.97 -14.52 -10.62
N THR D 107 13.06 -15.38 -11.63
CA THR D 107 11.93 -15.83 -12.46
C THR D 107 12.02 -17.36 -12.71
N VAL D 108 10.98 -18.09 -12.32
CA VAL D 108 10.94 -19.52 -12.54
C VAL D 108 9.91 -19.72 -13.68
N LYS D 109 9.81 -20.92 -14.23
CA LYS D 109 8.85 -21.13 -15.29
C LYS D 109 7.73 -22.10 -14.83
N HIS D 110 6.54 -21.99 -15.44
CA HIS D 110 5.42 -22.88 -15.12
C HIS D 110 4.89 -23.65 -16.33
N ASP D 111 5.04 -24.98 -16.31
CA ASP D 111 4.57 -25.82 -17.40
C ASP D 111 3.10 -26.26 -17.24
N TRP D 112 2.23 -25.61 -17.99
CA TRP D 112 0.81 -25.91 -17.91
C TRP D 112 0.42 -27.37 -18.00
N ASP D 113 0.79 -28.01 -19.09
CA ASP D 113 0.43 -29.41 -19.28
C ASP D 113 0.80 -30.29 -18.10
N ARG D 114 1.93 -29.95 -17.48
CA ARG D 114 2.44 -30.68 -16.34
C ARG D 114 1.45 -30.52 -15.17
N MET D 115 0.93 -29.30 -15.04
CA MET D 115 -0.02 -28.92 -13.98
C MET D 115 -1.36 -29.57 -14.23
N ILE D 116 -1.88 -29.35 -15.43
CA ILE D 116 -3.17 -29.90 -15.83
C ILE D 116 -3.17 -31.39 -15.60
N GLU D 117 -2.08 -32.02 -15.98
CA GLU D 117 -2.00 -33.45 -15.81
C GLU D 117 -2.20 -33.91 -14.35
N ALA D 118 -1.44 -33.30 -13.44
CA ALA D 118 -1.47 -33.60 -12.02
C ALA D 118 -2.89 -33.48 -11.49
N VAL D 119 -3.48 -32.36 -11.86
CA VAL D 119 -4.83 -32.10 -11.49
C VAL D 119 -5.72 -33.25 -11.91
N GLN D 120 -5.75 -33.53 -13.21
CA GLN D 120 -6.59 -34.60 -13.73
C GLN D 120 -6.33 -35.96 -13.07
N ASN D 121 -5.06 -36.26 -12.82
CA ASN D 121 -4.73 -37.51 -12.16
C ASN D 121 -5.47 -37.65 -10.82
N HIS D 122 -5.57 -36.55 -10.08
CA HIS D 122 -6.24 -36.55 -8.79
C HIS D 122 -7.74 -36.79 -8.99
N ILE D 123 -8.38 -35.94 -9.78
CA ILE D 123 -9.80 -36.14 -10.00
C ILE D 123 -10.02 -37.56 -10.40
N GLY D 124 -9.11 -38.09 -11.20
CA GLY D 124 -9.29 -39.49 -11.55
C GLY D 124 -9.54 -40.28 -10.28
N SER D 125 -8.53 -40.35 -9.44
CA SER D 125 -8.63 -41.04 -8.18
C SER D 125 -10.00 -40.73 -7.65
N LEU D 126 -10.29 -39.45 -7.52
CA LEU D 126 -11.59 -39.09 -7.03
C LEU D 126 -12.70 -39.89 -7.71
N ASN D 127 -12.68 -39.89 -9.04
CA ASN D 127 -13.68 -40.58 -9.85
C ASN D 127 -13.86 -42.02 -9.41
N TRP D 128 -12.79 -42.78 -9.56
CA TRP D 128 -12.81 -44.18 -9.24
C TRP D 128 -13.01 -44.50 -7.78
N GLY D 129 -12.71 -43.54 -6.94
CA GLY D 129 -12.93 -43.72 -5.52
C GLY D 129 -14.42 -43.78 -5.29
N TYR D 130 -15.14 -42.80 -5.80
CA TYR D 130 -16.59 -42.78 -5.61
C TYR D 130 -17.22 -44.04 -6.13
N ARG D 131 -16.71 -44.57 -7.24
CA ARG D 131 -17.27 -45.78 -7.80
C ARG D 131 -17.29 -46.82 -6.69
N VAL D 132 -16.09 -47.08 -6.18
CA VAL D 132 -15.87 -48.06 -5.13
C VAL D 132 -16.74 -47.74 -3.92
N ALA D 133 -16.77 -46.47 -3.55
CA ALA D 133 -17.58 -46.03 -2.42
C ALA D 133 -19.00 -46.58 -2.51
N LEU D 134 -19.55 -46.50 -3.71
CA LEU D 134 -20.90 -46.96 -3.97
C LEU D 134 -20.89 -48.46 -3.96
N ARG D 135 -20.01 -49.04 -4.78
CA ARG D 135 -19.88 -50.48 -4.84
C ARG D 135 -19.97 -51.18 -3.48
N GLU D 136 -19.09 -50.77 -2.60
CA GLU D 136 -19.01 -51.34 -1.28
C GLU D 136 -20.20 -51.08 -0.43
N LYS D 137 -20.82 -49.91 -0.61
CA LYS D 137 -21.99 -49.54 0.19
C LYS D 137 -23.29 -50.22 -0.32
N LYS D 138 -23.12 -51.08 -1.33
CA LYS D 138 -24.20 -51.86 -1.94
C LYS D 138 -25.26 -50.93 -2.52
N VAL D 139 -24.79 -50.05 -3.39
CA VAL D 139 -25.63 -49.08 -4.07
C VAL D 139 -25.28 -49.28 -5.54
N VAL D 140 -26.33 -49.29 -6.36
CA VAL D 140 -26.17 -49.51 -7.77
C VAL D 140 -25.99 -48.25 -8.55
N TYR D 141 -24.91 -48.20 -9.31
CA TYR D 141 -24.62 -47.04 -10.12
C TYR D 141 -24.68 -47.41 -11.56
N GLU D 142 -25.46 -46.63 -12.29
CA GLU D 142 -25.70 -46.80 -13.69
C GLU D 142 -25.18 -45.51 -14.34
N ASN D 143 -24.31 -45.63 -15.34
CA ASN D 143 -23.80 -44.45 -16.04
C ASN D 143 -24.79 -44.14 -17.17
N ALA D 144 -25.92 -43.56 -16.80
CA ALA D 144 -26.91 -43.26 -17.79
C ALA D 144 -27.74 -42.06 -17.45
N TYR D 145 -28.20 -41.40 -18.49
CA TYR D 145 -29.05 -40.23 -18.39
C TYR D 145 -30.44 -40.67 -17.89
N GLY D 146 -31.04 -39.92 -16.99
CA GLY D 146 -32.32 -40.33 -16.47
C GLY D 146 -33.35 -39.36 -16.92
N GLN D 147 -34.57 -39.85 -17.20
CA GLN D 147 -35.76 -39.08 -17.66
C GLN D 147 -37.00 -39.77 -17.08
N PHE D 148 -37.87 -38.97 -16.47
CA PHE D 148 -39.08 -39.51 -15.89
C PHE D 148 -40.04 -39.75 -17.06
N ILE D 149 -40.87 -40.78 -16.95
CA ILE D 149 -41.79 -40.99 -18.03
C ILE D 149 -43.20 -41.08 -17.52
N GLY D 150 -43.39 -41.66 -16.36
CA GLY D 150 -44.74 -41.72 -15.87
C GLY D 150 -44.50 -41.82 -14.40
N PRO D 151 -45.53 -41.67 -13.57
CA PRO D 151 -45.33 -41.77 -12.12
C PRO D 151 -44.40 -42.92 -11.74
N HIS D 152 -43.55 -42.71 -10.75
CA HIS D 152 -42.63 -43.73 -10.28
C HIS D 152 -41.89 -44.50 -11.36
N ARG D 153 -41.69 -43.93 -12.53
CA ARG D 153 -40.96 -44.63 -13.57
C ARG D 153 -40.05 -43.72 -14.33
N ILE D 154 -38.80 -44.14 -14.45
CA ILE D 154 -37.79 -43.34 -15.16
C ILE D 154 -37.10 -44.11 -16.31
N LYS D 155 -36.75 -43.35 -17.34
CA LYS D 155 -36.11 -43.91 -18.52
C LYS D 155 -34.61 -43.62 -18.47
N ALA D 156 -33.81 -44.67 -18.30
CA ALA D 156 -32.36 -44.53 -18.24
C ALA D 156 -31.66 -44.82 -19.57
N THR D 157 -31.33 -43.79 -20.32
CA THR D 157 -30.68 -44.01 -21.59
C THR D 157 -29.21 -44.10 -21.25
N ASN D 158 -28.49 -45.03 -21.86
CA ASN D 158 -27.07 -45.10 -21.58
C ASN D 158 -26.29 -44.37 -22.66
N ASN D 159 -25.02 -44.70 -22.76
CA ASN D 159 -24.13 -44.06 -23.67
C ASN D 159 -24.20 -44.53 -25.08
N LYS D 160 -24.35 -45.84 -25.26
CA LYS D 160 -24.41 -46.42 -26.59
C LYS D 160 -25.79 -46.27 -27.19
N GLY D 161 -26.74 -45.81 -26.39
CA GLY D 161 -28.08 -45.60 -26.87
C GLY D 161 -29.12 -46.52 -26.31
N LYS D 162 -28.71 -47.67 -25.77
CA LYS D 162 -29.73 -48.57 -25.25
C LYS D 162 -30.42 -47.98 -24.03
N GLU D 163 -31.72 -48.20 -23.91
CA GLU D 163 -32.46 -47.68 -22.78
C GLU D 163 -32.87 -48.79 -21.81
N LYS D 164 -33.61 -48.39 -20.78
CA LYS D 164 -34.14 -49.30 -19.77
C LYS D 164 -35.05 -48.54 -18.80
N ILE D 165 -35.97 -49.25 -18.18
CA ILE D 165 -36.95 -48.65 -17.29
C ILE D 165 -36.77 -49.16 -15.87
N TYR D 166 -36.83 -48.23 -14.91
CA TYR D 166 -36.72 -48.57 -13.48
C TYR D 166 -37.87 -47.88 -12.74
N SER D 167 -38.22 -48.41 -11.58
CA SER D 167 -39.30 -47.85 -10.76
C SER D 167 -38.92 -47.85 -9.29
N ALA D 168 -39.28 -46.79 -8.56
CA ALA D 168 -38.95 -46.74 -7.15
C ALA D 168 -39.93 -45.91 -6.33
N GLU D 169 -40.11 -46.34 -5.09
CA GLU D 169 -41.01 -45.70 -4.16
C GLU D 169 -40.80 -44.19 -4.01
N ARG D 170 -39.55 -43.74 -3.98
CA ARG D 170 -39.18 -42.30 -3.90
C ARG D 170 -38.04 -41.95 -4.86
N PHE D 171 -38.02 -40.71 -5.29
CA PHE D 171 -36.99 -40.27 -6.21
C PHE D 171 -36.29 -39.02 -5.70
N LEU D 172 -35.04 -38.88 -6.09
CA LEU D 172 -34.27 -37.73 -5.69
C LEU D 172 -33.60 -37.10 -6.88
N ILE D 173 -33.94 -35.84 -7.11
CA ILE D 173 -33.32 -35.13 -8.22
C ILE D 173 -32.05 -34.44 -7.70
N ALA D 174 -30.91 -34.65 -8.32
CA ALA D 174 -29.71 -33.99 -7.86
C ALA D 174 -28.82 -33.85 -9.11
N THR D 175 -29.41 -33.23 -10.11
CA THR D 175 -28.75 -33.08 -11.38
C THR D 175 -27.87 -31.85 -11.46
N GLY D 176 -28.16 -30.91 -10.59
CA GLY D 176 -27.41 -29.66 -10.59
C GLY D 176 -27.24 -29.00 -11.93
N GLU D 177 -26.76 -27.77 -11.93
CA GLU D 177 -26.54 -26.91 -13.09
C GLU D 177 -25.52 -27.28 -14.11
N ARG D 178 -25.18 -26.29 -14.94
CA ARG D 178 -24.20 -26.34 -16.06
C ARG D 178 -23.94 -24.92 -16.60
N PRO D 179 -22.74 -24.67 -17.12
CA PRO D 179 -22.34 -23.36 -17.67
C PRO D 179 -23.28 -22.80 -18.68
N ARG D 180 -23.61 -21.52 -18.55
CA ARG D 180 -24.54 -20.82 -19.45
C ARG D 180 -23.72 -20.09 -20.50
N TYR D 181 -24.29 -19.91 -21.70
CA TYR D 181 -23.60 -19.21 -22.79
C TYR D 181 -24.27 -17.89 -23.15
N LEU D 182 -23.61 -17.09 -23.97
CA LEU D 182 -24.16 -15.78 -24.33
C LEU D 182 -25.36 -15.69 -25.29
N GLY D 183 -25.29 -16.36 -26.43
CA GLY D 183 -26.41 -16.28 -27.37
C GLY D 183 -25.91 -15.45 -28.53
N ILE D 184 -24.60 -15.29 -28.56
CA ILE D 184 -23.99 -14.51 -29.62
C ILE D 184 -23.10 -15.38 -30.47
N PRO D 185 -22.93 -15.01 -31.74
CA PRO D 185 -22.10 -15.73 -32.68
C PRO D 185 -20.69 -16.05 -32.25
N GLY D 186 -20.28 -17.28 -32.49
CA GLY D 186 -18.94 -17.68 -32.20
C GLY D 186 -18.74 -18.29 -30.87
N ASP D 187 -19.66 -18.13 -29.91
CA ASP D 187 -19.38 -18.72 -28.61
C ASP D 187 -19.24 -20.24 -28.58
N LYS D 188 -20.34 -20.96 -28.43
CA LYS D 188 -20.26 -22.41 -28.38
C LYS D 188 -19.23 -22.98 -29.34
N GLU D 189 -18.89 -22.19 -30.33
CA GLU D 189 -17.97 -22.60 -31.39
C GLU D 189 -16.47 -22.31 -31.18
N TYR D 190 -16.14 -21.22 -30.49
CA TYR D 190 -14.74 -20.82 -30.25
C TYR D 190 -14.33 -20.55 -28.78
N CYS D 191 -15.31 -20.42 -27.91
CA CYS D 191 -15.09 -20.14 -26.50
C CYS D 191 -15.17 -21.38 -25.61
N ILE D 192 -14.47 -21.34 -24.48
CA ILE D 192 -14.53 -22.43 -23.50
C ILE D 192 -15.22 -21.94 -22.22
N SER D 193 -15.53 -22.86 -21.32
CA SER D 193 -16.15 -22.48 -20.06
C SER D 193 -15.42 -23.20 -18.95
N SER D 194 -15.92 -23.03 -17.73
CA SER D 194 -15.32 -23.67 -16.58
C SER D 194 -15.08 -25.17 -16.86
N ASP D 195 -16.04 -25.79 -17.56
CA ASP D 195 -15.96 -27.21 -17.90
C ASP D 195 -14.75 -27.54 -18.72
N ASP D 196 -14.52 -26.79 -19.79
CA ASP D 196 -13.38 -27.08 -20.67
C ASP D 196 -12.00 -26.74 -20.15
N LEU D 197 -11.94 -25.80 -19.21
CA LEU D 197 -10.68 -25.32 -18.66
C LEU D 197 -9.79 -26.30 -17.94
N PHE D 198 -10.31 -26.80 -16.83
CA PHE D 198 -9.55 -27.72 -16.01
C PHE D 198 -9.04 -29.00 -16.68
N SER D 199 -9.06 -29.07 -18.01
CA SER D 199 -8.59 -30.27 -18.71
C SER D 199 -8.09 -29.85 -20.06
N LEU D 200 -8.21 -28.55 -20.31
CA LEU D 200 -7.78 -27.94 -21.56
C LEU D 200 -6.39 -28.48 -21.81
N PRO D 201 -6.02 -28.82 -23.05
CA PRO D 201 -4.66 -29.36 -23.12
C PRO D 201 -3.63 -28.47 -23.75
N TYR D 202 -3.69 -27.17 -23.49
CA TYR D 202 -2.73 -26.21 -24.07
C TYR D 202 -2.64 -24.80 -23.37
N CYS D 203 -1.45 -24.36 -22.95
CA CYS D 203 -1.27 -23.05 -22.27
C CYS D 203 -2.29 -22.15 -22.96
N PRO D 204 -3.30 -21.64 -22.24
CA PRO D 204 -4.30 -20.78 -22.88
C PRO D 204 -3.73 -19.49 -23.46
N GLY D 205 -2.46 -19.19 -23.16
CA GLY D 205 -1.89 -17.95 -23.64
C GLY D 205 -2.75 -16.74 -23.24
N LYS D 206 -2.63 -15.64 -23.96
CA LYS D 206 -3.43 -14.47 -23.64
C LYS D 206 -4.84 -14.94 -23.49
N THR D 207 -5.51 -14.59 -22.42
CA THR D 207 -6.90 -15.01 -22.26
C THR D 207 -7.89 -13.88 -21.88
N LEU D 208 -9.17 -14.12 -22.11
CA LEU D 208 -10.19 -13.16 -21.77
C LEU D 208 -11.26 -13.91 -21.01
N VAL D 209 -11.64 -13.40 -19.84
CA VAL D 209 -12.67 -14.03 -19.04
C VAL D 209 -13.86 -13.15 -19.00
N VAL D 210 -14.94 -13.59 -19.62
CA VAL D 210 -16.11 -12.78 -19.60
C VAL D 210 -16.99 -13.21 -18.46
N GLY D 211 -17.19 -12.26 -17.54
CA GLY D 211 -18.03 -12.51 -16.38
C GLY D 211 -17.42 -11.93 -15.12
N ALA D 212 -18.24 -11.81 -14.08
CA ALA D 212 -17.76 -11.26 -12.84
C ALA D 212 -18.27 -12.08 -11.71
N SER D 213 -18.35 -13.39 -11.86
CA SER D 213 -18.77 -14.07 -10.68
C SER D 213 -17.57 -14.72 -10.10
N TYR D 214 -17.76 -15.30 -8.92
CA TYR D 214 -16.66 -15.91 -8.25
C TYR D 214 -15.95 -16.78 -9.22
N VAL D 215 -16.65 -17.68 -9.88
CA VAL D 215 -16.01 -18.52 -10.86
C VAL D 215 -15.05 -17.74 -11.74
N ALA D 216 -15.60 -16.69 -12.34
CA ALA D 216 -14.85 -15.83 -13.20
C ALA D 216 -13.62 -15.42 -12.49
N LEU D 217 -13.83 -14.49 -11.58
CA LEU D 217 -12.76 -13.94 -10.81
C LEU D 217 -11.75 -14.98 -10.38
N GLU D 218 -12.19 -16.05 -9.72
CA GLU D 218 -11.28 -17.06 -9.23
C GLU D 218 -10.37 -17.59 -10.29
N CYS D 219 -10.96 -17.93 -11.44
CA CYS D 219 -10.20 -18.49 -12.54
C CYS D 219 -9.24 -17.46 -13.09
N ALA D 220 -9.78 -16.30 -13.45
CA ALA D 220 -8.97 -15.23 -13.99
C ALA D 220 -7.79 -15.14 -13.03
N GLY D 221 -8.12 -15.36 -11.76
CA GLY D 221 -7.13 -15.32 -10.71
C GLY D 221 -5.92 -16.19 -10.88
N PHE D 222 -6.11 -17.50 -10.79
CA PHE D 222 -4.99 -18.38 -10.90
C PHE D 222 -4.37 -18.35 -12.22
N LEU D 223 -5.14 -18.05 -13.24
CA LEU D 223 -4.57 -18.01 -14.57
C LEU D 223 -3.49 -16.95 -14.53
N ALA D 224 -3.89 -15.74 -14.11
CA ALA D 224 -2.97 -14.63 -13.99
C ALA D 224 -1.78 -15.00 -13.10
N GLY D 225 -2.05 -15.83 -12.12
CA GLY D 225 -1.04 -16.24 -11.17
C GLY D 225 0.01 -17.18 -11.70
N ILE D 226 -0.23 -17.80 -12.85
CA ILE D 226 0.78 -18.69 -13.36
C ILE D 226 1.52 -17.97 -14.52
N GLY D 227 1.17 -16.71 -14.72
CA GLY D 227 1.83 -15.92 -15.74
C GLY D 227 1.01 -15.40 -16.89
N LEU D 228 0.00 -16.14 -17.25
CA LEU D 228 -0.84 -15.80 -18.37
C LEU D 228 -1.38 -14.41 -18.42
N ASP D 229 -1.38 -13.82 -19.61
CA ASP D 229 -1.93 -12.47 -19.83
C ASP D 229 -3.46 -12.53 -19.73
N VAL D 230 -4.02 -12.15 -18.59
CA VAL D 230 -5.46 -12.25 -18.46
C VAL D 230 -6.25 -10.96 -18.44
N THR D 231 -7.40 -10.94 -19.10
CA THR D 231 -8.22 -9.74 -19.11
C THR D 231 -9.59 -10.13 -18.68
N VAL D 232 -10.33 -9.23 -18.07
CA VAL D 232 -11.69 -9.57 -17.67
C VAL D 232 -12.71 -8.52 -18.02
N MET D 233 -13.82 -8.99 -18.58
CA MET D 233 -14.93 -8.14 -19.00
C MET D 233 -16.12 -8.27 -18.09
N VAL D 234 -16.58 -7.13 -17.60
CA VAL D 234 -17.72 -7.16 -16.71
C VAL D 234 -18.92 -6.40 -17.23
N ARG D 235 -20.09 -6.99 -17.08
CA ARG D 235 -21.29 -6.34 -17.54
C ARG D 235 -21.45 -5.15 -16.62
N SER D 236 -21.75 -5.42 -15.36
CA SER D 236 -21.92 -4.34 -14.39
C SER D 236 -20.87 -4.37 -13.25
N ILE D 237 -21.32 -4.87 -12.10
CA ILE D 237 -20.53 -5.01 -10.88
C ILE D 237 -19.92 -6.42 -10.68
N LEU D 238 -18.99 -6.51 -9.72
CA LEU D 238 -18.32 -7.75 -9.37
C LEU D 238 -19.00 -8.47 -8.22
N LEU D 239 -19.13 -9.76 -8.36
CA LEU D 239 -19.76 -10.55 -7.32
C LEU D 239 -21.11 -9.99 -6.87
N ARG D 240 -22.05 -9.89 -7.79
CA ARG D 240 -23.34 -9.40 -7.43
C ARG D 240 -23.85 -10.41 -6.45
N GLY D 241 -24.28 -9.91 -5.29
CA GLY D 241 -24.79 -10.78 -4.25
C GLY D 241 -23.98 -10.68 -2.98
N PHE D 242 -22.67 -10.56 -3.16
CA PHE D 242 -21.76 -10.43 -2.03
C PHE D 242 -21.65 -9.00 -1.59
N ASP D 243 -21.07 -8.82 -0.41
CA ASP D 243 -20.86 -7.49 0.11
C ASP D 243 -20.09 -6.76 -0.99
N GLN D 244 -20.67 -5.68 -1.52
CA GLN D 244 -19.99 -5.01 -2.60
C GLN D 244 -18.72 -4.33 -2.15
N ASP D 245 -18.68 -3.95 -0.89
CA ASP D 245 -17.48 -3.30 -0.35
C ASP D 245 -16.35 -4.29 -0.50
N MET D 246 -16.57 -5.49 0.02
CA MET D 246 -15.58 -6.57 -0.06
C MET D 246 -15.18 -6.80 -1.51
N ALA D 247 -16.19 -6.85 -2.38
CA ALA D 247 -16.01 -7.06 -3.80
C ALA D 247 -15.00 -6.13 -4.40
N ASN D 248 -15.26 -4.84 -4.28
CA ASN D 248 -14.35 -3.86 -4.82
C ASN D 248 -12.92 -4.09 -4.38
N LYS D 249 -12.74 -4.38 -3.11
CA LYS D 249 -11.42 -4.62 -2.53
C LYS D 249 -10.77 -5.70 -3.36
N ILE D 250 -11.53 -6.77 -3.60
CA ILE D 250 -11.07 -7.93 -4.37
C ILE D 250 -10.65 -7.47 -5.75
N GLY D 251 -11.52 -6.73 -6.42
CA GLY D 251 -11.15 -6.26 -7.73
C GLY D 251 -9.93 -5.38 -7.67
N GLU D 252 -10.05 -4.29 -6.93
CA GLU D 252 -8.96 -3.32 -6.77
C GLU D 252 -7.64 -4.03 -6.46
N HIS D 253 -7.72 -5.20 -5.85
CA HIS D 253 -6.53 -5.97 -5.54
C HIS D 253 -6.06 -6.71 -6.77
N MET D 254 -7.00 -7.34 -7.47
CA MET D 254 -6.71 -8.13 -8.67
C MET D 254 -6.01 -7.24 -9.67
N GLU D 255 -6.58 -6.05 -9.90
CA GLU D 255 -5.99 -5.08 -10.81
C GLU D 255 -4.55 -4.83 -10.45
N GLU D 256 -4.32 -4.46 -9.20
CA GLU D 256 -2.96 -4.20 -8.73
C GLU D 256 -1.92 -5.32 -9.02
N HIS D 257 -2.30 -6.60 -9.01
CA HIS D 257 -1.29 -7.64 -9.27
C HIS D 257 -1.45 -8.39 -10.62
N GLY D 258 -1.69 -7.63 -11.70
CA GLY D 258 -1.76 -8.29 -13.00
C GLY D 258 -3.00 -8.25 -13.88
N ILE D 259 -4.04 -8.96 -13.46
CA ILE D 259 -5.30 -9.01 -14.21
C ILE D 259 -5.74 -7.65 -14.74
N LYS D 260 -6.30 -7.61 -15.94
CA LYS D 260 -6.78 -6.35 -16.50
C LYS D 260 -8.29 -6.43 -16.56
N PHE D 261 -8.94 -5.29 -16.38
CA PHE D 261 -10.39 -5.22 -16.40
C PHE D 261 -10.91 -4.28 -17.46
N ILE D 262 -12.09 -4.62 -17.99
CA ILE D 262 -12.77 -3.82 -19.00
C ILE D 262 -14.21 -3.71 -18.47
N ARG D 263 -14.59 -2.52 -18.01
CA ARG D 263 -15.91 -2.37 -17.42
C ARG D 263 -17.04 -2.01 -18.37
N GLN D 264 -18.24 -2.48 -18.04
CA GLN D 264 -19.46 -2.21 -18.82
C GLN D 264 -19.34 -2.52 -20.30
N PHE D 265 -19.03 -3.77 -20.64
CA PHE D 265 -18.95 -4.20 -22.04
C PHE D 265 -19.25 -5.68 -22.09
N VAL D 266 -20.23 -6.07 -22.90
CA VAL D 266 -20.57 -7.48 -23.05
C VAL D 266 -20.18 -7.83 -24.48
N PRO D 267 -19.56 -9.00 -24.71
CA PRO D 267 -19.24 -9.22 -26.11
C PRO D 267 -20.51 -9.51 -26.95
N ILE D 268 -20.38 -9.30 -28.27
CA ILE D 268 -21.46 -9.52 -29.23
C ILE D 268 -21.11 -10.56 -30.29
N LYS D 269 -19.82 -10.75 -30.54
CA LYS D 269 -19.35 -11.71 -31.54
C LYS D 269 -17.88 -12.14 -31.32
N VAL D 270 -17.62 -13.46 -31.42
CA VAL D 270 -16.29 -14.03 -31.31
C VAL D 270 -15.98 -14.69 -32.65
N GLU D 271 -14.96 -14.19 -33.32
CA GLU D 271 -14.58 -14.72 -34.62
C GLU D 271 -13.15 -15.28 -34.57
N GLN D 272 -12.94 -16.45 -35.15
CA GLN D 272 -11.60 -17.03 -35.14
C GLN D 272 -10.75 -16.42 -36.20
N ILE D 273 -9.52 -16.06 -35.85
CA ILE D 273 -8.63 -15.49 -36.82
C ILE D 273 -7.73 -16.61 -37.30
N GLU D 274 -7.79 -17.74 -36.62
CA GLU D 274 -6.98 -18.93 -36.95
C GLU D 274 -7.15 -19.98 -35.85
N ALA D 275 -7.04 -21.24 -36.20
CA ALA D 275 -7.18 -22.28 -35.19
C ALA D 275 -5.79 -22.66 -34.71
N GLY D 276 -5.74 -23.37 -33.58
CA GLY D 276 -4.47 -23.81 -33.03
C GLY D 276 -4.56 -24.17 -31.55
N THR D 277 -3.42 -24.56 -30.98
CA THR D 277 -3.31 -24.93 -29.55
C THR D 277 -2.38 -23.94 -28.83
N PRO D 278 -2.86 -22.72 -28.54
CA PRO D 278 -4.20 -22.21 -28.85
C PRO D 278 -4.31 -21.47 -30.19
N GLY D 279 -5.54 -21.07 -30.48
CA GLY D 279 -5.82 -20.34 -31.69
C GLY D 279 -5.57 -18.86 -31.49
N ARG D 280 -6.32 -18.04 -32.20
CA ARG D 280 -6.21 -16.59 -32.06
C ARG D 280 -7.63 -16.16 -32.37
N LEU D 281 -8.30 -15.47 -31.45
CA LEU D 281 -9.66 -15.09 -31.75
C LEU D 281 -9.82 -13.62 -31.65
N ARG D 282 -10.85 -13.10 -32.30
CA ARG D 282 -11.13 -11.66 -32.27
C ARG D 282 -12.43 -11.49 -31.51
N VAL D 283 -12.40 -10.70 -30.45
CA VAL D 283 -13.60 -10.50 -29.68
C VAL D 283 -14.11 -9.12 -29.91
N VAL D 284 -15.39 -9.06 -30.22
CA VAL D 284 -16.02 -7.80 -30.48
C VAL D 284 -17.02 -7.56 -29.36
N ALA D 285 -16.88 -6.44 -28.67
CA ALA D 285 -17.79 -6.12 -27.58
C ALA D 285 -18.43 -4.76 -27.73
N GLN D 286 -19.64 -4.65 -27.20
CA GLN D 286 -20.38 -3.41 -27.25
C GLN D 286 -20.65 -2.94 -25.84
N SER D 287 -20.28 -1.71 -25.54
CA SER D 287 -20.50 -1.19 -24.21
C SER D 287 -21.97 -1.26 -23.84
N THR D 288 -22.28 -1.20 -22.56
CA THR D 288 -23.65 -1.27 -22.10
C THR D 288 -24.28 0.10 -21.82
N ASN D 289 -23.43 1.11 -21.70
CA ASN D 289 -23.89 2.47 -21.41
C ASN D 289 -24.02 3.28 -22.69
N SER D 290 -23.22 2.92 -23.68
CA SER D 290 -23.21 3.62 -24.95
C SER D 290 -23.36 2.62 -26.08
N GLU D 291 -23.03 3.06 -27.28
CA GLU D 291 -23.15 2.17 -28.42
C GLU D 291 -21.76 1.98 -29.01
N GLU D 292 -20.74 2.33 -28.24
CA GLU D 292 -19.35 2.18 -28.70
C GLU D 292 -19.09 0.67 -28.88
N ILE D 293 -18.07 0.34 -29.65
CA ILE D 293 -17.70 -1.06 -29.86
C ILE D 293 -16.17 -1.16 -29.92
N ILE D 294 -15.63 -2.25 -29.38
CA ILE D 294 -14.18 -2.45 -29.36
C ILE D 294 -13.81 -3.81 -29.90
N GLU D 295 -12.58 -3.95 -30.37
CA GLU D 295 -12.10 -5.22 -30.90
C GLU D 295 -10.80 -5.61 -30.26
N GLY D 296 -10.67 -6.88 -29.93
CA GLY D 296 -9.43 -7.34 -29.35
C GLY D 296 -9.22 -8.80 -29.67
N GLU D 297 -7.97 -9.22 -29.70
CA GLU D 297 -7.68 -10.60 -29.99
C GLU D 297 -6.94 -11.22 -28.86
N TYR D 298 -7.44 -12.38 -28.45
CA TYR D 298 -6.88 -13.15 -27.36
C TYR D 298 -6.71 -14.62 -27.78
N ASN D 299 -5.77 -15.33 -27.19
CA ASN D 299 -5.61 -16.73 -27.54
C ASN D 299 -6.77 -17.60 -27.08
N THR D 300 -7.43 -17.27 -25.97
CA THR D 300 -8.58 -18.06 -25.53
C THR D 300 -9.59 -17.12 -24.92
N VAL D 301 -10.83 -17.56 -24.78
CA VAL D 301 -11.90 -16.73 -24.25
C VAL D 301 -12.85 -17.58 -23.46
N MET D 302 -12.89 -17.38 -22.15
CA MET D 302 -13.73 -18.19 -21.29
C MET D 302 -14.99 -17.52 -20.84
N LEU D 303 -16.08 -18.27 -20.81
CA LEU D 303 -17.30 -17.67 -20.38
C LEU D 303 -17.65 -18.09 -18.95
N ALA D 304 -17.95 -17.08 -18.13
CA ALA D 304 -18.32 -17.26 -16.71
C ALA D 304 -19.40 -16.28 -16.42
N ILE D 305 -20.53 -16.51 -17.07
CA ILE D 305 -21.61 -15.59 -16.93
C ILE D 305 -22.80 -16.14 -16.17
N GLY D 306 -22.64 -17.34 -15.62
CA GLY D 306 -23.72 -17.93 -14.84
C GLY D 306 -23.83 -19.40 -15.19
N ARG D 307 -24.67 -20.13 -14.45
CA ARG D 307 -24.91 -21.56 -14.70
C ARG D 307 -26.43 -21.79 -14.70
N ASP D 308 -26.89 -22.72 -15.56
CA ASP D 308 -28.32 -23.08 -15.67
C ASP D 308 -28.66 -24.45 -15.12
N ALA D 309 -29.57 -24.50 -14.17
CA ALA D 309 -29.96 -25.77 -13.61
C ALA D 309 -30.43 -26.80 -14.64
N CYS D 310 -29.93 -28.01 -14.54
CA CYS D 310 -30.33 -29.05 -15.47
C CYS D 310 -31.66 -29.65 -15.00
N THR D 311 -32.78 -29.02 -15.32
CA THR D 311 -34.09 -29.52 -14.90
C THR D 311 -35.10 -29.55 -16.07
N ARG D 312 -34.71 -28.96 -17.20
CA ARG D 312 -35.57 -28.85 -18.36
C ARG D 312 -35.81 -30.14 -19.14
N LYS D 313 -34.85 -31.06 -19.11
CA LYS D 313 -34.91 -32.32 -19.88
C LYS D 313 -34.92 -33.67 -19.14
N ILE D 314 -35.67 -33.77 -18.05
CA ILE D 314 -35.71 -35.00 -17.29
C ILE D 314 -37.13 -35.56 -17.09
N GLY D 315 -38.09 -34.97 -17.80
CA GLY D 315 -39.49 -35.43 -17.75
C GLY D 315 -40.35 -35.03 -16.58
N LEU D 316 -40.04 -33.89 -15.98
CA LEU D 316 -40.78 -33.43 -14.83
C LEU D 316 -42.27 -33.27 -15.15
N GLU D 317 -42.58 -33.20 -16.45
CA GLU D 317 -43.95 -33.04 -16.90
C GLU D 317 -44.68 -34.31 -16.60
N THR D 318 -44.11 -35.40 -17.12
CA THR D 318 -44.66 -36.74 -17.00
C THR D 318 -44.86 -37.26 -15.58
N VAL D 319 -44.36 -36.51 -14.61
CA VAL D 319 -44.46 -36.99 -13.27
C VAL D 319 -45.22 -36.01 -12.41
N GLY D 320 -45.27 -34.79 -12.92
CA GLY D 320 -46.03 -33.77 -12.23
C GLY D 320 -45.31 -32.83 -11.30
N VAL D 321 -44.05 -32.53 -11.60
CA VAL D 321 -43.30 -31.63 -10.75
C VAL D 321 -43.35 -30.24 -11.30
N LYS D 322 -43.67 -29.31 -10.43
CA LYS D 322 -43.73 -27.93 -10.83
C LYS D 322 -42.41 -27.22 -10.46
N ILE D 323 -41.74 -26.69 -11.47
CA ILE D 323 -40.49 -25.97 -11.27
C ILE D 323 -40.77 -24.52 -11.63
N ASN D 324 -39.79 -23.66 -11.48
CA ASN D 324 -40.02 -22.27 -11.86
C ASN D 324 -39.48 -22.13 -13.25
N GLU D 325 -40.33 -22.38 -14.23
CA GLU D 325 -39.91 -22.31 -15.63
C GLU D 325 -39.14 -21.02 -15.99
N LYS D 326 -39.40 -19.95 -15.23
CA LYS D 326 -38.78 -18.65 -15.47
C LYS D 326 -37.28 -18.77 -15.37
N THR D 327 -36.84 -19.06 -14.15
CA THR D 327 -35.41 -19.23 -13.77
C THR D 327 -34.85 -20.61 -14.05
N GLY D 328 -35.48 -21.61 -13.43
CA GLY D 328 -35.06 -22.96 -13.66
C GLY D 328 -35.07 -23.73 -12.40
N LYS D 329 -34.89 -23.05 -11.28
CA LYS D 329 -34.83 -23.78 -10.02
C LYS D 329 -36.12 -24.52 -9.74
N ILE D 330 -36.12 -25.27 -8.67
CA ILE D 330 -37.24 -26.10 -8.31
C ILE D 330 -37.69 -25.75 -6.93
N PRO D 331 -38.91 -25.28 -6.78
CA PRO D 331 -39.38 -24.93 -5.43
C PRO D 331 -39.41 -26.19 -4.57
N VAL D 332 -39.28 -26.04 -3.25
CA VAL D 332 -39.28 -27.20 -2.39
C VAL D 332 -39.55 -26.84 -0.91
N THR D 333 -39.92 -27.82 -0.09
CA THR D 333 -40.19 -27.60 1.33
C THR D 333 -38.97 -27.62 2.24
N ASP D 334 -39.19 -27.23 3.50
CA ASP D 334 -38.13 -27.25 4.52
C ASP D 334 -37.64 -28.70 4.73
N GLU D 335 -38.20 -29.63 3.95
CA GLU D 335 -37.80 -31.03 4.00
C GLU D 335 -37.22 -31.48 2.64
N GLU D 336 -36.88 -30.50 1.80
CA GLU D 336 -36.33 -30.75 0.49
C GLU D 336 -37.29 -31.58 -0.35
N GLN D 337 -38.57 -31.38 -0.07
CA GLN D 337 -39.71 -32.06 -0.74
C GLN D 337 -40.31 -31.16 -1.81
N THR D 338 -40.61 -31.71 -2.99
CA THR D 338 -41.25 -30.94 -4.06
C THR D 338 -42.78 -31.02 -3.85
N ASN D 339 -43.53 -30.63 -4.87
CA ASN D 339 -44.98 -30.66 -4.75
C ASN D 339 -45.48 -32.09 -4.89
N VAL D 340 -44.63 -32.97 -5.43
CA VAL D 340 -44.86 -34.41 -5.64
C VAL D 340 -44.23 -35.08 -4.42
N PRO D 341 -45.07 -35.56 -3.49
CA PRO D 341 -44.64 -36.22 -2.24
C PRO D 341 -43.67 -37.41 -2.31
N TYR D 342 -43.33 -37.88 -3.50
CA TYR D 342 -42.44 -38.99 -3.54
C TYR D 342 -41.23 -38.62 -4.34
N ILE D 343 -41.16 -37.36 -4.75
CA ILE D 343 -39.98 -36.93 -5.46
C ILE D 343 -39.36 -35.74 -4.79
N TYR D 344 -38.09 -35.85 -4.38
CA TYR D 344 -37.39 -34.77 -3.74
C TYR D 344 -36.24 -34.26 -4.60
N ALA D 345 -35.72 -33.09 -4.25
CA ALA D 345 -34.57 -32.50 -4.95
C ALA D 345 -33.65 -31.78 -3.97
N ILE D 346 -32.36 -31.90 -4.20
CA ILE D 346 -31.40 -31.27 -3.31
C ILE D 346 -30.29 -30.68 -4.13
N GLY D 347 -29.67 -29.60 -3.67
CA GLY D 347 -28.57 -29.09 -4.46
C GLY D 347 -28.68 -27.76 -5.12
N ASP D 348 -27.84 -27.52 -6.12
CA ASP D 348 -27.83 -26.26 -6.87
C ASP D 348 -29.16 -25.99 -7.58
N ILE D 349 -29.93 -27.05 -7.78
CA ILE D 349 -31.17 -26.89 -8.50
C ILE D 349 -32.25 -26.24 -7.70
N LEU D 350 -32.20 -26.30 -6.38
CA LEU D 350 -33.27 -25.68 -5.60
C LEU D 350 -33.40 -24.19 -5.91
N GLU D 351 -34.58 -23.66 -5.58
CA GLU D 351 -34.98 -22.26 -5.76
C GLU D 351 -34.80 -21.54 -4.45
N ASP D 352 -34.10 -20.41 -4.44
CA ASP D 352 -33.88 -19.63 -3.23
C ASP D 352 -33.16 -20.36 -2.10
N LYS D 353 -32.02 -20.96 -2.42
CA LYS D 353 -31.24 -21.68 -1.40
C LYS D 353 -29.74 -21.29 -1.42
N VAL D 354 -28.87 -22.28 -1.38
CA VAL D 354 -27.43 -22.04 -1.37
C VAL D 354 -26.81 -23.03 -2.31
N GLU D 355 -26.09 -22.51 -3.31
CA GLU D 355 -25.47 -23.31 -4.36
C GLU D 355 -24.00 -23.70 -4.10
N LEU D 356 -23.78 -24.48 -3.02
CA LEU D 356 -22.45 -24.93 -2.53
C LEU D 356 -22.37 -26.41 -2.14
N THR D 357 -21.24 -27.06 -2.37
CA THR D 357 -21.10 -28.50 -2.09
C THR D 357 -21.50 -28.98 -0.69
N PRO D 358 -20.82 -28.43 0.30
CA PRO D 358 -21.12 -28.86 1.66
C PRO D 358 -22.57 -28.81 2.00
N VAL D 359 -23.26 -27.86 1.38
CA VAL D 359 -24.68 -27.64 1.59
C VAL D 359 -25.44 -28.80 0.98
N ALA D 360 -25.22 -29.02 -0.30
CA ALA D 360 -25.92 -30.08 -0.98
C ALA D 360 -25.67 -31.41 -0.29
N ILE D 361 -24.48 -31.56 0.28
CA ILE D 361 -24.16 -32.80 0.94
C ILE D 361 -24.94 -32.92 2.21
N GLN D 362 -25.02 -31.85 2.98
CA GLN D 362 -25.73 -31.95 4.22
C GLN D 362 -27.18 -32.28 3.90
N ALA D 363 -27.78 -31.52 2.99
CA ALA D 363 -29.18 -31.76 2.57
C ALA D 363 -29.47 -33.24 2.22
N GLY D 364 -28.68 -33.81 1.30
CA GLY D 364 -28.86 -35.20 0.92
C GLY D 364 -28.69 -36.17 2.10
N ARG D 365 -27.69 -35.94 2.94
CA ARG D 365 -27.43 -36.80 4.09
C ARG D 365 -28.62 -36.76 5.06
N LEU D 366 -28.93 -35.54 5.45
CA LEU D 366 -29.99 -35.28 6.38
C LEU D 366 -31.32 -35.75 5.90
N LEU D 367 -31.51 -35.74 4.59
CA LEU D 367 -32.75 -36.18 3.99
C LEU D 367 -32.91 -37.67 4.26
N ALA D 368 -31.97 -38.44 3.71
CA ALA D 368 -31.98 -39.88 3.89
C ALA D 368 -32.28 -40.14 5.33
N GLN D 369 -31.64 -39.41 6.23
CA GLN D 369 -31.87 -39.63 7.66
C GLN D 369 -33.29 -39.36 8.11
N ARG D 370 -33.84 -38.29 7.55
CA ARG D 370 -35.18 -37.84 7.83
C ARG D 370 -36.09 -38.93 7.34
N LEU D 371 -35.86 -39.36 6.10
CA LEU D 371 -36.67 -40.42 5.49
C LEU D 371 -36.61 -41.76 6.21
N TYR D 372 -35.42 -42.35 6.24
CA TYR D 372 -35.17 -43.68 6.81
C TYR D 372 -34.51 -43.82 8.18
N ALA D 373 -34.32 -42.75 8.94
CA ALA D 373 -33.71 -42.95 10.24
C ALA D 373 -34.54 -42.37 11.38
N GLY D 374 -35.71 -41.90 11.03
CA GLY D 374 -36.60 -41.37 12.05
C GLY D 374 -36.16 -40.03 12.55
N SER D 375 -35.16 -39.45 11.87
CA SER D 375 -34.64 -38.15 12.26
C SER D 375 -35.70 -37.11 12.00
N THR D 376 -35.52 -35.96 12.64
CA THR D 376 -36.44 -34.86 12.45
C THR D 376 -35.64 -33.60 12.25
N VAL D 377 -34.35 -33.75 11.92
CA VAL D 377 -33.48 -32.60 11.69
C VAL D 377 -33.45 -32.12 10.25
N LYS D 378 -33.72 -30.84 10.06
CA LYS D 378 -33.78 -30.26 8.73
C LYS D 378 -32.53 -29.52 8.43
N CYS D 379 -32.03 -29.64 7.22
CA CYS D 379 -30.82 -28.93 6.91
C CYS D 379 -31.14 -27.43 7.01
N ASP D 380 -30.30 -26.65 7.71
CA ASP D 380 -30.45 -25.20 7.90
C ASP D 380 -29.65 -24.46 6.87
N TYR D 381 -30.32 -23.60 6.11
CA TYR D 381 -29.64 -22.85 5.06
C TYR D 381 -29.34 -21.41 5.47
N GLU D 382 -29.55 -21.08 6.74
CA GLU D 382 -29.25 -19.73 7.19
C GLU D 382 -27.81 -19.56 7.68
N ASN D 383 -27.22 -18.44 7.31
CA ASN D 383 -25.85 -18.12 7.71
C ASN D 383 -24.88 -19.20 7.30
N VAL D 384 -24.75 -19.43 6.00
CA VAL D 384 -23.81 -20.45 5.57
C VAL D 384 -22.56 -19.74 5.14
N PRO D 385 -21.42 -20.18 5.69
CA PRO D 385 -20.07 -19.67 5.44
C PRO D 385 -19.70 -19.95 4.01
N THR D 386 -18.79 -19.17 3.44
CA THR D 386 -18.37 -19.37 2.04
C THR D 386 -17.06 -18.67 1.82
N THR D 387 -16.33 -19.10 0.80
CA THR D 387 -15.07 -18.40 0.51
C THR D 387 -14.82 -18.31 -0.98
N VAL D 388 -14.44 -17.13 -1.43
CA VAL D 388 -14.13 -16.94 -2.86
C VAL D 388 -12.59 -17.00 -3.01
N PHE D 389 -12.07 -18.04 -3.65
CA PHE D 389 -10.63 -18.24 -3.80
C PHE D 389 -9.90 -17.46 -4.90
N THR D 390 -10.03 -16.13 -4.83
CA THR D 390 -9.38 -15.24 -5.77
C THR D 390 -7.99 -14.98 -5.21
N PRO D 391 -7.06 -14.50 -6.04
CA PRO D 391 -5.71 -14.26 -5.52
C PRO D 391 -5.70 -13.95 -4.03
N LEU D 392 -6.52 -12.98 -3.63
CA LEU D 392 -6.59 -12.67 -2.24
C LEU D 392 -7.90 -13.26 -1.72
N GLU D 393 -7.87 -14.46 -1.12
CA GLU D 393 -9.10 -15.10 -0.61
C GLU D 393 -9.97 -14.17 0.19
N TYR D 394 -11.26 -14.45 0.15
CA TYR D 394 -12.32 -13.71 0.87
C TYR D 394 -13.34 -14.70 1.47
N GLY D 395 -13.46 -14.72 2.77
CA GLY D 395 -14.39 -15.64 3.37
C GLY D 395 -15.43 -14.82 4.07
N ALA D 396 -16.65 -15.33 4.12
CA ALA D 396 -17.67 -14.56 4.75
C ALA D 396 -18.75 -15.49 5.29
N CYS D 397 -19.56 -14.97 6.20
CA CYS D 397 -20.64 -15.72 6.80
C CYS D 397 -21.66 -14.68 7.27
N GLY D 398 -22.94 -14.91 6.97
CA GLY D 398 -23.98 -14.01 7.44
C GLY D 398 -24.33 -12.91 6.48
N LEU D 399 -25.03 -11.89 6.97
CA LEU D 399 -25.45 -10.79 6.11
C LEU D 399 -24.33 -9.94 5.60
N SER D 400 -24.46 -9.45 4.38
CA SER D 400 -23.44 -8.54 3.89
C SER D 400 -23.72 -7.25 4.65
N GLU D 401 -23.03 -6.18 4.33
CA GLU D 401 -23.30 -4.92 5.06
C GLU D 401 -24.62 -4.36 4.54
N GLU D 402 -24.74 -4.30 3.22
CA GLU D 402 -25.94 -3.80 2.55
C GLU D 402 -27.18 -4.51 3.04
N LYS D 403 -27.33 -5.79 2.72
CA LYS D 403 -28.50 -6.54 3.18
C LYS D 403 -28.70 -6.41 4.71
N ALA D 404 -27.62 -6.20 5.46
CA ALA D 404 -27.68 -6.11 6.91
C ALA D 404 -28.40 -4.87 7.34
N VAL D 405 -27.93 -3.77 6.79
CA VAL D 405 -28.53 -2.49 7.09
C VAL D 405 -30.00 -2.60 6.69
N GLU D 406 -30.24 -3.00 5.43
CA GLU D 406 -31.58 -3.14 4.91
C GLU D 406 -32.48 -3.99 5.82
N LYS D 407 -31.93 -4.96 6.53
CA LYS D 407 -32.77 -5.82 7.37
C LYS D 407 -33.11 -5.27 8.75
N PHE D 408 -32.29 -4.37 9.27
CA PHE D 408 -32.53 -3.82 10.60
C PHE D 408 -32.46 -2.27 10.68
N GLY D 409 -31.83 -1.62 9.69
CA GLY D 409 -31.75 -0.17 9.64
C GLY D 409 -30.45 0.51 10.08
N GLU D 410 -29.91 1.39 9.23
CA GLU D 410 -28.65 2.09 9.53
C GLU D 410 -28.47 2.49 11.00
N GLU D 411 -29.57 2.78 11.69
CA GLU D 411 -29.48 3.20 13.08
C GLU D 411 -29.31 2.03 14.05
N ASN D 412 -29.52 0.81 13.58
CA ASN D 412 -29.38 -0.34 14.47
C ASN D 412 -28.26 -1.31 14.12
N ILE D 413 -27.40 -0.90 13.20
CA ILE D 413 -26.28 -1.70 12.74
C ILE D 413 -24.96 -0.99 12.93
N GLU D 414 -24.00 -1.67 13.57
CA GLU D 414 -22.67 -1.12 13.81
C GLU D 414 -21.72 -2.01 13.06
N VAL D 415 -20.68 -1.41 12.51
CA VAL D 415 -19.72 -2.12 11.67
C VAL D 415 -18.31 -1.88 12.13
N TYR D 416 -17.72 -2.89 12.78
CA TYR D 416 -16.35 -2.78 13.25
C TYR D 416 -15.48 -3.38 12.17
N HIS D 417 -14.38 -2.71 11.88
CA HIS D 417 -13.52 -3.21 10.85
C HIS D 417 -12.10 -2.70 11.04
N SER D 418 -11.18 -3.40 10.41
CA SER D 418 -9.76 -3.08 10.49
C SER D 418 -9.00 -3.57 9.28
N TYR D 419 -7.73 -3.23 9.19
CA TYR D 419 -6.94 -3.80 8.12
C TYR D 419 -5.99 -4.68 8.92
N PHE D 420 -5.05 -5.30 8.27
CA PHE D 420 -4.10 -6.09 8.99
C PHE D 420 -3.07 -6.54 7.98
N TRP D 421 -1.95 -7.02 8.47
CA TRP D 421 -0.90 -7.40 7.57
C TRP D 421 -0.34 -8.70 8.03
N PRO D 422 -0.49 -9.74 7.22
CA PRO D 422 0.02 -11.06 7.62
C PRO D 422 1.50 -11.00 7.97
N LEU D 423 1.86 -11.59 9.08
CA LEU D 423 3.24 -11.55 9.48
C LEU D 423 4.17 -12.16 8.48
N GLU D 424 3.67 -13.10 7.70
CA GLU D 424 4.53 -13.74 6.71
C GLU D 424 4.86 -12.80 5.53
N TRP D 425 4.10 -11.70 5.39
CA TRP D 425 4.26 -10.75 4.29
C TRP D 425 5.27 -9.65 4.57
N THR D 426 5.64 -9.56 5.83
CA THR D 426 6.61 -8.57 6.29
C THR D 426 8.03 -8.75 5.69
N ILE D 427 8.64 -9.90 5.88
CA ILE D 427 9.97 -10.12 5.33
C ILE D 427 10.04 -9.95 3.82
N PRO D 428 9.08 -10.53 3.10
CA PRO D 428 9.08 -10.37 1.64
C PRO D 428 8.90 -8.90 1.35
N SER D 429 8.08 -8.27 2.21
CA SER D 429 7.74 -6.85 2.15
C SER D 429 6.81 -6.53 0.99
N ARG D 430 5.54 -6.91 1.14
CA ARG D 430 4.56 -6.68 0.10
C ARG D 430 3.19 -6.55 0.69
N ASP D 431 2.29 -5.99 -0.10
CA ASP D 431 0.91 -5.85 0.27
C ASP D 431 0.57 -5.47 1.72
N ASN D 432 1.10 -4.37 2.20
CA ASN D 432 0.80 -3.98 3.56
C ASN D 432 -0.47 -3.17 3.47
N ASN D 433 -1.45 -3.48 4.31
CA ASN D 433 -2.69 -2.70 4.29
C ASN D 433 -3.63 -3.07 3.12
N LYS D 434 -3.58 -4.35 2.75
CA LYS D 434 -4.40 -4.87 1.70
C LYS D 434 -5.36 -5.81 2.31
N CYS D 435 -4.94 -6.67 3.23
CA CYS D 435 -5.87 -7.61 3.88
C CYS D 435 -6.86 -6.84 4.67
N TYR D 436 -8.05 -7.34 4.87
CA TYR D 436 -9.05 -6.56 5.58
C TYR D 436 -10.09 -7.39 6.31
N ALA D 437 -10.60 -6.91 7.42
CA ALA D 437 -11.61 -7.66 8.14
C ALA D 437 -12.77 -6.78 8.51
N LYS D 438 -13.89 -7.38 8.90
CA LYS D 438 -15.01 -6.58 9.35
C LYS D 438 -16.17 -7.40 9.78
N ILE D 439 -16.77 -7.05 10.91
CA ILE D 439 -17.96 -7.77 11.36
C ILE D 439 -19.17 -6.78 11.40
N ILE D 440 -20.39 -7.30 11.35
CA ILE D 440 -21.60 -6.49 11.37
C ILE D 440 -22.44 -6.88 12.57
N CYS D 441 -22.81 -5.88 13.38
CA CYS D 441 -23.63 -6.11 14.58
C CYS D 441 -24.90 -5.34 14.60
N ASN D 442 -25.88 -5.93 15.26
CA ASN D 442 -27.18 -5.31 15.37
C ASN D 442 -27.37 -4.92 16.80
N THR D 443 -27.22 -3.60 17.04
CA THR D 443 -27.32 -3.00 18.38
C THR D 443 -28.66 -3.12 19.06
N LYS D 444 -29.64 -3.64 18.35
CA LYS D 444 -30.95 -3.81 18.93
C LYS D 444 -30.98 -5.21 19.58
N ASP D 445 -29.97 -6.02 19.27
CA ASP D 445 -29.90 -7.39 19.80
C ASP D 445 -28.54 -7.68 20.46
N ASN D 446 -28.21 -6.94 21.52
CA ASN D 446 -26.97 -7.17 22.22
C ASN D 446 -25.82 -7.24 21.22
N GLU D 447 -25.78 -6.24 20.32
CA GLU D 447 -24.77 -6.14 19.27
C GLU D 447 -24.31 -7.49 18.77
N ARG D 448 -25.29 -8.31 18.41
CA ARG D 448 -25.10 -9.66 17.89
C ARG D 448 -24.38 -9.58 16.54
N VAL D 449 -23.51 -10.56 16.31
CA VAL D 449 -22.75 -10.64 15.08
C VAL D 449 -23.63 -11.26 14.02
N VAL D 450 -24.06 -10.42 13.09
CA VAL D 450 -24.95 -10.84 12.03
C VAL D 450 -24.23 -11.01 10.69
N GLY D 451 -22.98 -10.52 10.66
CA GLY D 451 -22.16 -10.61 9.47
C GLY D 451 -20.65 -10.69 9.75
N PHE D 452 -19.96 -11.58 9.05
CA PHE D 452 -18.55 -11.69 9.24
C PHE D 452 -17.88 -11.69 7.92
N HIS D 453 -16.96 -10.79 7.66
CA HIS D 453 -16.28 -10.75 6.36
C HIS D 453 -14.79 -10.66 6.55
N VAL D 454 -14.02 -11.50 5.88
CA VAL D 454 -12.56 -11.41 6.04
C VAL D 454 -11.78 -11.59 4.74
N LEU D 455 -11.06 -10.59 4.30
CA LEU D 455 -10.34 -10.74 3.08
C LEU D 455 -8.88 -10.86 3.51
N GLY D 456 -8.19 -11.90 3.08
CA GLY D 456 -6.81 -12.09 3.49
C GLY D 456 -6.46 -13.54 3.28
N PRO D 457 -5.22 -13.99 3.50
CA PRO D 457 -4.88 -15.41 3.28
C PRO D 457 -5.64 -16.42 4.13
N ASN D 458 -5.67 -17.65 3.65
CA ASN D 458 -6.36 -18.72 4.34
C ASN D 458 -7.70 -18.31 4.86
N ALA D 459 -8.35 -17.44 4.11
CA ALA D 459 -9.64 -16.91 4.51
C ALA D 459 -10.59 -17.99 4.86
N GLY D 460 -10.42 -19.16 4.27
CA GLY D 460 -11.38 -20.20 4.56
C GLY D 460 -11.35 -20.81 5.95
N GLU D 461 -10.12 -21.05 6.36
CA GLU D 461 -9.82 -21.67 7.62
C GLU D 461 -10.24 -20.69 8.71
N VAL D 462 -9.86 -19.44 8.47
CA VAL D 462 -10.22 -18.34 9.36
C VAL D 462 -11.72 -18.36 9.59
N THR D 463 -12.50 -18.43 8.51
CA THR D 463 -13.96 -18.38 8.55
C THR D 463 -14.70 -19.53 9.11
N GLN D 464 -14.35 -20.73 8.72
CA GLN D 464 -15.13 -21.85 9.23
C GLN D 464 -15.67 -21.76 10.64
N GLY D 465 -14.80 -21.60 11.62
CA GLY D 465 -15.27 -21.56 12.99
C GLY D 465 -16.23 -20.50 13.45
N PHE D 466 -16.05 -19.29 12.94
CA PHE D 466 -16.87 -18.17 13.29
C PHE D 466 -18.29 -18.39 12.82
N ALA D 467 -18.45 -19.25 11.82
CA ALA D 467 -19.76 -19.61 11.30
C ALA D 467 -20.36 -20.52 12.41
N ALA D 468 -19.53 -21.38 12.97
CA ALA D 468 -19.95 -22.24 14.09
C ALA D 468 -20.36 -21.30 15.22
N ALA D 469 -19.65 -20.19 15.32
CA ALA D 469 -19.99 -19.23 16.35
C ALA D 469 -21.37 -18.69 16.09
N LEU D 470 -21.69 -18.19 14.90
CA LEU D 470 -23.02 -17.64 14.64
C LEU D 470 -24.10 -18.63 14.93
N LYS D 471 -23.81 -19.92 14.80
CA LYS D 471 -24.88 -20.87 15.10
C LYS D 471 -25.23 -20.88 16.59
N CYS D 472 -24.34 -20.40 17.46
CA CYS D 472 -24.62 -20.37 18.89
C CYS D 472 -24.90 -18.89 19.32
N GLY D 473 -24.94 -18.01 18.33
CA GLY D 473 -25.28 -16.63 18.60
C GLY D 473 -24.30 -15.77 19.33
N LEU D 474 -23.12 -15.71 18.77
CA LEU D 474 -22.06 -14.91 19.33
C LEU D 474 -22.52 -13.47 19.37
N THR D 475 -21.86 -12.68 20.21
CA THR D 475 -22.13 -11.24 20.36
C THR D 475 -20.81 -10.54 20.53
N LYS D 476 -20.76 -9.27 20.15
CA LYS D 476 -19.51 -8.49 20.25
C LYS D 476 -18.81 -8.59 21.62
N LYS D 477 -19.57 -8.51 22.71
CA LYS D 477 -19.00 -8.63 24.05
C LYS D 477 -18.34 -9.99 24.09
N GLN D 478 -19.02 -11.02 23.61
CA GLN D 478 -18.43 -12.34 23.67
C GLN D 478 -17.20 -12.39 22.83
N LEU D 479 -17.25 -11.84 21.64
CA LEU D 479 -16.07 -11.87 20.79
C LEU D 479 -14.87 -11.14 21.43
N ASP D 480 -15.16 -10.00 22.04
CA ASP D 480 -14.16 -9.18 22.71
C ASP D 480 -13.55 -9.99 23.86
N SER D 481 -14.39 -10.80 24.51
CA SER D 481 -13.98 -11.63 25.63
C SER D 481 -13.00 -12.74 25.23
N THR D 482 -13.06 -13.13 23.96
CA THR D 482 -12.19 -14.17 23.42
C THR D 482 -10.79 -13.60 23.28
N ILE D 483 -9.76 -14.38 23.63
CA ILE D 483 -8.41 -13.86 23.46
C ILE D 483 -7.88 -14.38 22.12
N GLY D 484 -7.11 -13.58 21.37
CA GLY D 484 -6.64 -14.08 20.09
C GLY D 484 -5.42 -15.00 20.14
N ILE D 485 -5.07 -15.65 19.02
CA ILE D 485 -3.88 -16.50 18.98
C ILE D 485 -2.81 -15.61 18.33
N HIS D 486 -1.55 -15.74 18.76
CA HIS D 486 -0.50 -14.85 18.25
C HIS D 486 0.70 -15.61 17.75
N PRO D 487 1.21 -15.29 16.53
CA PRO D 487 0.77 -14.29 15.56
C PRO D 487 -0.05 -14.98 14.45
N VAL D 488 -1.35 -14.75 14.39
CA VAL D 488 -2.16 -15.42 13.39
C VAL D 488 -3.06 -14.40 12.75
N CYS D 489 -3.37 -14.57 11.49
CA CYS D 489 -4.23 -13.59 10.87
C CYS D 489 -5.59 -13.47 11.53
N ALA D 490 -6.19 -14.61 11.81
CA ALA D 490 -7.52 -14.66 12.43
C ALA D 490 -7.67 -13.79 13.67
N GLU D 491 -6.63 -13.71 14.49
CA GLU D 491 -6.73 -12.93 15.70
C GLU D 491 -7.29 -11.51 15.60
N VAL D 492 -7.13 -10.84 14.46
CA VAL D 492 -7.63 -9.48 14.21
C VAL D 492 -9.11 -9.24 14.62
N PHE D 493 -9.90 -10.31 14.73
CA PHE D 493 -11.28 -10.16 15.12
C PHE D 493 -11.49 -10.10 16.63
N THR D 494 -10.44 -10.39 17.37
CA THR D 494 -10.48 -10.38 18.82
C THR D 494 -10.28 -8.99 19.46
N THR D 495 -9.85 -8.04 18.63
CA THR D 495 -9.59 -6.68 19.05
C THR D 495 -10.00 -5.69 17.96
N LEU D 496 -11.29 -5.46 17.87
CA LEU D 496 -11.84 -4.56 16.87
C LEU D 496 -12.45 -3.37 17.58
N SER D 497 -11.77 -2.23 17.52
CA SER D 497 -12.24 -1.07 18.26
C SER D 497 -12.91 -0.04 17.40
N VAL D 498 -12.44 0.12 16.17
CA VAL D 498 -13.03 1.15 15.33
C VAL D 498 -14.33 0.78 14.65
N THR D 499 -15.20 1.76 14.54
CA THR D 499 -16.47 1.54 13.88
C THR D 499 -16.45 2.36 12.61
N LYS D 500 -17.43 2.10 11.74
CA LYS D 500 -17.54 2.84 10.48
C LYS D 500 -18.31 4.13 10.76
N ARG D 501 -19.30 4.03 11.66
CA ARG D 501 -20.12 5.17 12.08
C ARG D 501 -19.35 6.28 12.82
N SER D 502 -18.75 5.91 13.96
CA SER D 502 -17.97 6.82 14.79
C SER D 502 -16.83 7.28 13.91
N GLY D 503 -16.74 6.51 12.84
CA GLY D 503 -15.83 6.66 11.73
C GLY D 503 -14.52 7.40 11.76
N ALA D 504 -13.52 6.79 12.35
CA ALA D 504 -12.30 7.53 12.36
C ALA D 504 -11.25 7.17 11.34
N SER D 505 -10.36 6.21 11.53
CA SER D 505 -9.37 6.00 10.50
C SER D 505 -8.68 4.72 10.80
N ILE D 506 -8.26 4.03 9.75
CA ILE D 506 -7.53 2.78 9.88
C ILE D 506 -6.43 2.75 8.84
N LEU D 507 -6.76 3.15 7.61
CA LEU D 507 -5.79 3.19 6.51
C LEU D 507 -4.37 2.88 6.97
PA FAD E . 29.72 8.47 -2.12
O1A FAD E . 28.25 8.46 -2.19
O2A FAD E . 30.13 9.28 -0.79
O5B FAD E . 30.19 6.92 -1.99
C5B FAD E . 31.46 6.87 -1.28
C4B FAD E . 31.55 5.66 -0.34
O4B FAD E . 32.81 5.02 -0.60
C3B FAD E . 31.55 6.16 1.12
O3B FAD E . 30.52 5.52 1.89
C2B FAD E . 32.95 5.80 1.64
O2B FAD E . 32.99 5.42 3.02
C1B FAD E . 33.40 4.68 0.69
N9A FAD E . 34.87 4.64 0.57
C8A FAD E . 35.73 5.72 0.41
N7A FAD E . 36.95 5.30 0.34
C5A FAD E . 36.96 3.96 0.43
C6A FAD E . 37.94 2.98 0.40
N6A FAD E . 39.25 3.36 0.24
N1A FAD E . 37.58 1.70 0.53
C2A FAD E . 36.30 1.31 0.69
N3A FAD E . 35.34 2.19 0.71
C4A FAD E . 35.62 3.52 0.59
N1 FAD E . 23.48 15.40 -4.12
C2 FAD E . 22.27 15.53 -4.70
O2 FAD E . 22.15 15.19 -5.88
N3 FAD E . 21.19 16.01 -4.04
C4 FAD E . 21.27 16.42 -2.74
O4 FAD E . 20.34 16.83 -2.17
C4X FAD E . 22.55 16.31 -2.05
N5 FAD E . 22.69 16.68 -0.81
C5X FAD E . 23.86 16.59 -0.17
C6 FAD E . 23.92 17.02 1.18
C7 FAD E . 25.13 16.92 1.87
C7M FAD E . 25.17 17.37 3.32
C8 FAD E . 26.29 16.42 1.24
C8M FAD E . 27.56 16.31 1.99
C9 FAD E . 26.25 15.99 -0.09
C9A FAD E . 25.04 16.06 -0.84
N10 FAD E . 24.93 15.65 -2.20
C10 FAD E . 23.70 15.76 -2.83
C1' FAD E . 26.11 15.11 -2.93
C2' FAD E . 26.04 13.56 -2.99
O2' FAD E . 25.93 13.00 -1.67
C3' FAD E . 27.29 13.02 -3.72
O3' FAD E . 27.44 13.67 -4.97
C4' FAD E . 27.19 11.53 -3.95
O4' FAD E . 26.89 10.87 -2.73
C5' FAD E . 28.51 11.00 -4.55
O5' FAD E . 28.38 9.62 -4.94
P FAD E . 29.80 8.91 -4.81
O1P FAD E . 29.62 7.44 -4.97
O2P FAD E . 30.75 9.51 -5.97
O3P FAD E . 30.45 9.24 -3.36
S SO4 F . 34.60 31.26 -0.36
O1 SO4 F . 33.98 32.24 0.56
O2 SO4 F . 34.54 29.92 0.29
O3 SO4 F . 35.98 31.66 -0.67
O4 SO4 F . 33.88 31.21 -1.65
PA FAD G . -15.18 32.73 -18.17
O1A FAD G . -14.00 32.76 -17.34
O2A FAD G . -16.31 32.03 -17.32
O5B FAD G . -15.55 34.25 -18.55
C5B FAD G . -16.97 34.39 -18.73
C4B FAD G . -17.57 35.67 -18.04
O4B FAD G . -18.42 36.30 -18.99
C3B FAD G . -18.44 35.24 -16.85
O3B FAD G . -18.05 35.92 -15.64
C2B FAD G . -19.83 35.60 -17.26
O2B FAD G . -20.61 36.04 -16.19
C1B FAD G . -19.64 36.67 -18.32
N9A FAD G . -20.76 36.66 -19.27
C8A FAD G . -21.38 35.57 -19.86
N7A FAD G . -22.33 35.95 -20.66
C5A FAD G . -22.37 37.28 -20.66
C6A FAD G . -23.15 38.22 -21.31
N6A FAD G . -24.09 37.77 -22.19
N1A FAD G . -22.94 39.53 -21.07
C2A FAD G . -22.01 39.97 -20.21
N3A FAD G . -21.23 39.11 -19.56
C4A FAD G . -21.39 37.78 -19.75
N1 FAD G . -8.92 25.89 -15.92
C2 FAD G . -7.59 25.73 -15.69
O2 FAD G . -6.80 26.04 -16.58
N3 FAD G . -7.10 25.27 -14.53
C4 FAD G . -7.91 24.91 -13.50
O4 FAD G . -7.47 24.49 -12.47
C4X FAD G . -9.39 25.05 -13.71
N5 FAD G . -10.26 24.74 -12.77
C5X FAD G . -11.57 24.87 -12.92
C6 FAD G . -12.41 24.52 -11.83
C7 FAD G . -13.76 24.66 -11.92
C7M FAD G . -14.58 24.29 -10.73
C8 FAD G . -14.34 25.16 -13.09
C8M FAD G . -15.83 25.32 -13.18
C9 FAD G . -13.53 25.51 -14.20
C9A FAD G . -12.11 25.37 -14.11
N10 FAD G . -11.23 25.72 -15.18
C10 FAD G . -9.85 25.57 -15.00
C1' FAD G . -11.74 26.24 -16.47
C2' FAD G . -11.65 27.73 -16.54
O2' FAD G . -12.50 28.21 -15.55
C3' FAD G . -12.14 28.19 -17.88
O3' FAD G . -11.42 27.49 -18.87
C4' FAD G . -11.95 29.71 -18.07
O4' FAD G . -12.51 30.41 -16.99
C5' FAD G . -12.62 30.18 -19.33
O5' FAD G . -12.26 31.51 -19.60
P FAD G . -13.51 32.24 -20.30
O1P FAD G . -13.24 33.74 -20.40
O2P FAD G . -13.74 31.58 -21.82
O3P FAD G . -14.90 31.86 -19.47
PT1 TPT H . -9.70 45.92 -2.48
N1 TPT H . -9.45 44.27 -1.26
N2 TPT H . -11.55 45.26 -2.19
N3 TPT H . -10.77 47.26 -3.57
C1 TPT H . -8.26 43.83 -0.81
C2 TPT H . -8.16 42.75 0.04
C3 TPT H . -9.33 42.11 0.45
C4 TPT H . -10.53 42.57 0.03
C5 TPT H . -10.61 43.63 -0.89
C6 TPT H . -11.86 44.21 -1.43
C7 TPT H . -13.14 43.82 -1.12
C8 TPT H . -14.17 44.50 -1.72
C9 TPT H . -13.92 45.59 -2.50
C10 TPT H . -12.60 45.99 -2.71
C11 TPT H . -12.12 47.10 -3.53
C12 TPT H . -12.94 48.02 -4.18
C13 TPT H . -12.38 49.05 -4.92
C14 TPT H . -10.97 49.21 -4.97
C15 TPT H . -10.22 48.29 -4.26
S SO4 I . -20.31 10.02 -18.49
O1 SO4 I . -20.36 9.11 -17.32
O2 SO4 I . -20.58 11.39 -18.04
O3 SO4 I . -21.30 9.62 -19.51
O4 SO4 I . -18.99 10.00 -19.11
PA FAD J . 7.76 -9.81 28.44
O1A FAD J . 7.23 -9.70 27.07
O2A FAD J . 9.10 -10.68 28.43
O5B FAD J . 8.11 -8.28 28.87
C5B FAD J . 9.17 -8.29 29.86
C4B FAD J . 10.19 -7.16 29.64
O4B FAD J . 10.39 -6.59 30.92
C3B FAD J . 11.55 -7.73 29.16
O3B FAD J . 11.99 -7.03 27.99
C2B FAD J . 12.51 -7.50 30.34
O2B FAD J . 13.88 -7.24 29.95
C1B FAD J . 11.85 -6.35 31.07
N9A FAD J . 12.21 -6.34 32.51
C8A FAD J . 12.24 -7.41 33.34
N7A FAD J . 12.58 -7.03 34.51
C5A FAD J . 12.78 -5.71 34.51
C6A FAD J . 13.14 -4.77 35.48
N6A FAD J . 13.36 -5.17 36.79
N1A FAD J . 13.26 -3.48 35.11
C2A FAD J . 13.05 -3.06 33.87
N3A FAD J . 12.71 -3.93 32.93
C4A FAD J . 12.56 -5.24 33.22
N1 FAD J . 3.28 -16.37 23.15
C2 FAD J . 2.34 -16.44 22.21
O2 FAD J . 1.23 -16.05 22.48
N3 FAD J . 2.55 -16.93 20.96
C4 FAD J . 3.76 -17.40 20.56
O4 FAD J . 3.95 -17.83 19.45
C4X FAD J . 4.86 -17.38 21.56
N5 FAD J . 6.07 -17.82 21.28
C5X FAD J . 7.05 -17.79 22.16
C6 FAD J . 8.31 -18.31 21.76
C7 FAD J . 9.37 -18.29 22.62
C7M FAD J . 10.70 -18.84 22.13
C8 FAD J . 9.22 -17.77 23.94
C8M FAD J . 10.39 -17.75 24.87
C9 FAD J . 7.97 -17.25 24.37
C9A FAD J . 6.86 -17.26 23.49
N10 FAD J . 5.57 -16.76 23.87
C10 FAD J . 4.54 -16.81 22.92
C1' FAD J . 5.31 -16.22 25.22
C2' FAD J . 5.23 -14.70 25.19
O2' FAD J . 6.44 -14.21 24.63
C3' FAD J . 5.05 -14.16 26.61
O3' FAD J . 3.88 -14.73 27.17
C4' FAD J . 4.92 -12.64 26.60
O4' FAD J . 6.00 -12.04 25.90
C5' FAD J . 4.86 -12.13 28.04
O5' FAD J . 4.45 -10.76 28.07
P FAD J . 5.13 -10.05 29.34
O1P FAD J . 5.00 -8.54 29.17
O2P FAD J . 4.35 -10.51 30.67
O3P FAD J . 6.72 -10.55 29.47
S SO4 K . 9.28 -32.86 32.15
O1 SO4 K . 9.89 -33.88 31.27
O2 SO4 K . 9.97 -31.58 31.89
O3 SO4 K . 9.43 -33.25 33.55
O4 SO4 K . 7.84 -32.72 31.85
PA FAD L . -23.58 -31.57 -9.20
O1A FAD L . -22.36 -31.68 -8.41
O2A FAD L . -23.15 -30.89 -10.60
O5B FAD L . -24.17 -33.07 -9.41
C5B FAD L . -24.81 -33.15 -10.68
C4B FAD L . -24.44 -34.43 -11.49
O4B FAD L . -25.69 -34.97 -11.99
C3B FAD L . -23.57 -34.03 -12.72
O3B FAD L . -22.35 -34.81 -12.77
C2B FAD L . -24.48 -34.30 -13.92
O2B FAD L . -23.78 -34.75 -15.05
C1B FAD L . -25.47 -35.34 -13.39
N9A FAD L . -26.73 -35.28 -14.13
C8A FAD L . -27.41 -34.13 -14.55
N7A FAD L . -28.49 -34.44 -15.14
C5A FAD L . -28.60 -35.80 -15.17
C6A FAD L . -29.56 -36.69 -15.66
N6A FAD L . -30.70 -36.23 -16.28
N1A FAD L . -29.34 -38.01 -15.50
C2A FAD L . -28.23 -38.48 -14.88
N3A FAD L . -27.31 -37.67 -14.40
C4A FAD L . -27.46 -36.34 -14.53
N1 FAD L . -18.92 -25.02 -4.07
C2 FAD L . -18.22 -24.93 -2.89
O2 FAD L . -18.75 -25.21 -1.79
N3 FAD L . -16.93 -24.51 -2.86
C4 FAD L . -16.25 -24.18 -3.99
O4 FAD L . -15.13 -23.82 -3.94
C4X FAD L . -16.93 -24.27 -5.24
N5 FAD L . -16.31 -23.97 -6.36
C5X FAD L . -16.89 -24.07 -7.56
C6 FAD L . -16.12 -23.73 -8.71
C7 FAD L . -16.66 -23.83 -9.95
C7M FAD L . -15.78 -23.47 -11.14
C8 FAD L . -18.05 -24.27 -10.09
C8M FAD L . -18.68 -24.39 -11.46
C9 FAD L . -18.83 -24.60 -8.96
C9A FAD L . -18.27 -24.50 -7.67
N10 FAD L . -19.01 -24.82 -6.46
C10 FAD L . -18.35 -24.72 -5.24
C1' FAD L . -20.41 -25.25 -6.47
C2' FAD L . -20.56 -26.77 -6.46
O2' FAD L . -19.96 -27.27 -7.63
C3' FAD L . -22.03 -27.16 -6.51
O3' FAD L . -22.76 -26.37 -5.56
C4' FAD L . -22.24 -28.64 -6.20
O4' FAD L . -21.42 -29.40 -7.06
C5' FAD L . -23.70 -29.02 -6.45
O5' FAD L . -24.01 -30.33 -5.91
P FAD L . -25.11 -31.02 -6.91
O1P FAD L . -25.22 -32.50 -6.67
O2P FAD L . -26.55 -30.30 -6.62
O3P FAD L . -24.69 -30.62 -8.48
PT1 TPT M . -7.39 -45.59 -9.65
N1 TPT M . -8.83 -46.94 -10.19
N2 TPT M . -7.82 -45.09 -11.52
N3 TPT M . -6.13 -44.02 -9.93
C1 TPT M . -9.33 -47.90 -9.39
C2 TPT M . -10.33 -48.76 -9.79
C3 TPT M . -10.86 -48.61 -11.09
C4 TPT M . -10.39 -47.63 -11.88
C5 TPT M . -9.34 -46.80 -11.48
C6 TPT M . -8.74 -45.71 -12.26
C7 TPT M . -9.14 -45.30 -13.52
C8 TPT M . -8.47 -44.23 -14.08
C9 TPT M . -7.52 -43.56 -13.36
C10 TPT M . -7.22 -43.98 -12.08
C11 TPT M . -6.22 -43.41 -11.16
C12 TPT M . -5.46 -42.27 -11.42
C13 TPT M . -4.56 -41.81 -10.48
C14 TPT M . -4.46 -42.44 -9.20
C15 TPT M . -5.29 -43.53 -9.01
S SO4 N . -24.09 -8.62 -13.92
O1 SO4 N . -22.92 -7.80 -14.31
O2 SO4 N . -23.86 -10.01 -14.38
O3 SO4 N . -25.33 -8.16 -14.55
O4 SO4 N . -24.28 -8.58 -12.47
#